data_1MXK
# 
_entry.id   1MXK 
# 
_audit_conform.dict_name       mmcif_pdbx.dic 
_audit_conform.dict_version    5.392 
_audit_conform.dict_location   http://mmcif.pdb.org/dictionaries/ascii/mmcif_pdbx.dic 
# 
loop_
_database_2.database_id 
_database_2.database_code 
_database_2.pdbx_database_accession 
_database_2.pdbx_DOI 
PDB   1MXK         pdb_00001mxk 10.2210/pdb1mxk/pdb 
RCSB  RCSB017282   ?            ?                   
WWPDB D_1000017282 ?            ?                   
# 
loop_
_pdbx_audit_revision_history.ordinal 
_pdbx_audit_revision_history.data_content_type 
_pdbx_audit_revision_history.major_revision 
_pdbx_audit_revision_history.minor_revision 
_pdbx_audit_revision_history.revision_date 
1 'Structure model' 1 0 2002-10-16 
2 'Structure model' 1 1 2008-04-28 
3 'Structure model' 1 2 2011-07-13 
4 'Structure model' 1 3 2022-02-23 
5 'Structure model' 1 4 2024-05-22 
# 
_pdbx_audit_revision_details.ordinal             1 
_pdbx_audit_revision_details.revision_ordinal    1 
_pdbx_audit_revision_details.data_content_type   'Structure model' 
_pdbx_audit_revision_details.provider            repository 
_pdbx_audit_revision_details.type                'Initial release' 
_pdbx_audit_revision_details.description         ? 
_pdbx_audit_revision_details.details             ? 
# 
loop_
_pdbx_audit_revision_group.ordinal 
_pdbx_audit_revision_group.revision_ordinal 
_pdbx_audit_revision_group.data_content_type 
_pdbx_audit_revision_group.group 
1 2 'Structure model' 'Version format compliance' 
2 3 'Structure model' 'Version format compliance' 
3 4 'Structure model' 'Data collection'           
4 4 'Structure model' 'Database references'       
5 4 'Structure model' 'Derived calculations'      
6 5 'Structure model' 'Data collection'           
# 
loop_
_pdbx_audit_revision_category.ordinal 
_pdbx_audit_revision_category.revision_ordinal 
_pdbx_audit_revision_category.data_content_type 
_pdbx_audit_revision_category.category 
1 4 'Structure model' database_2             
2 4 'Structure model' pdbx_nmr_software      
3 4 'Structure model' pdbx_struct_assembly   
4 4 'Structure model' pdbx_struct_conn_angle 
5 4 'Structure model' pdbx_struct_oper_list  
6 4 'Structure model' struct_conn            
7 4 'Structure model' struct_site            
8 5 'Structure model' chem_comp_atom         
9 5 'Structure model' chem_comp_bond         
# 
loop_
_pdbx_audit_revision_item.ordinal 
_pdbx_audit_revision_item.revision_ordinal 
_pdbx_audit_revision_item.data_content_type 
_pdbx_audit_revision_item.item 
1  4 'Structure model' '_database_2.pdbx_DOI'                        
2  4 'Structure model' '_database_2.pdbx_database_accession'         
3  4 'Structure model' '_pdbx_nmr_software.name'                     
4  4 'Structure model' '_pdbx_struct_conn_angle.ptnr1_auth_asym_id'  
5  4 'Structure model' '_pdbx_struct_conn_angle.ptnr1_auth_comp_id'  
6  4 'Structure model' '_pdbx_struct_conn_angle.ptnr1_auth_seq_id'   
7  4 'Structure model' '_pdbx_struct_conn_angle.ptnr1_label_asym_id' 
8  4 'Structure model' '_pdbx_struct_conn_angle.ptnr1_label_atom_id' 
9  4 'Structure model' '_pdbx_struct_conn_angle.ptnr1_label_comp_id' 
10 4 'Structure model' '_pdbx_struct_conn_angle.ptnr3_auth_asym_id'  
11 4 'Structure model' '_pdbx_struct_conn_angle.ptnr3_auth_comp_id'  
12 4 'Structure model' '_pdbx_struct_conn_angle.ptnr3_auth_seq_id'   
13 4 'Structure model' '_pdbx_struct_conn_angle.ptnr3_label_asym_id' 
14 4 'Structure model' '_pdbx_struct_conn_angle.ptnr3_label_atom_id' 
15 4 'Structure model' '_pdbx_struct_conn_angle.ptnr3_label_comp_id' 
16 4 'Structure model' '_pdbx_struct_conn_angle.value'               
17 4 'Structure model' '_struct_conn.pdbx_dist_value'                
18 4 'Structure model' '_struct_conn.ptnr1_auth_asym_id'             
19 4 'Structure model' '_struct_conn.ptnr1_auth_comp_id'             
20 4 'Structure model' '_struct_conn.ptnr1_auth_seq_id'              
21 4 'Structure model' '_struct_conn.ptnr1_label_asym_id'            
22 4 'Structure model' '_struct_conn.ptnr1_label_atom_id'            
23 4 'Structure model' '_struct_conn.ptnr1_label_comp_id'            
24 4 'Structure model' '_struct_conn.ptnr2_auth_asym_id'             
25 4 'Structure model' '_struct_conn.ptnr2_auth_comp_id'             
26 4 'Structure model' '_struct_conn.ptnr2_auth_seq_id'              
27 4 'Structure model' '_struct_conn.ptnr2_label_asym_id'            
28 4 'Structure model' '_struct_conn.ptnr2_label_atom_id'            
29 4 'Structure model' '_struct_conn.ptnr2_label_comp_id'            
30 4 'Structure model' '_struct_site.pdbx_auth_asym_id'              
31 4 'Structure model' '_struct_site.pdbx_auth_comp_id'              
32 4 'Structure model' '_struct_site.pdbx_auth_seq_id'               
# 
_pdbx_database_status.status_code                     REL 
_pdbx_database_status.entry_id                        1MXK 
_pdbx_database_status.recvd_initial_deposition_date   2002-10-02 
_pdbx_database_status.deposit_site                    RCSB 
_pdbx_database_status.process_site                    RCSB 
_pdbx_database_status.status_code_mr                  REL 
_pdbx_database_status.SG_entry                        . 
_pdbx_database_status.pdb_format_compatible           Y 
_pdbx_database_status.status_code_sf                  ? 
_pdbx_database_status.status_code_cs                  ? 
_pdbx_database_status.status_code_nmr_data            ? 
_pdbx_database_status.methods_development_category    ? 
# 
_pdbx_database_related.db_name        PDB 
_pdbx_database_related.db_id          1MTG 
_pdbx_database_related.details        '1mtg is HO2-Co(III)bleomycin-A(2) bound to d(GAGCTC)(2)' 
_pdbx_database_related.content_type   unspecified 
# 
loop_
_audit_author.name 
_audit_author.pdbx_ordinal 
'Zhao, C.'         1 
'Xia, C.'          2 
'Mao, Q.'          3 
'Forsterling, H.'  4 
'DeRose, E.'       5 
'Antholine, W.E.'  6 
'Subczynski, W.K.' 7 
'Petering, D.H.'   8 
# 
_citation.id                        primary 
_citation.title                     
;Structures of HO(2)-Co(III)bleomycin A(2) Bound to d(GAGCTC)(2) and d(GGAAGCTTCC)(2): Structure-Reactivity Relationships of Co and Fe Bleomycins
;
_citation.journal_abbrev            J.Inorg.Biochem. 
_citation.journal_volume            91 
_citation.page_first                259 
_citation.page_last                 268 
_citation.year                      2002 
_citation.journal_id_ASTM           JIBIDJ 
_citation.country                   US 
_citation.journal_id_ISSN           0162-0134 
_citation.journal_id_CSD            0525 
_citation.book_publisher            ? 
_citation.pdbx_database_id_PubMed   12121784 
_citation.pdbx_database_id_DOI      '10.1016/S0162-0134(02)00420-8' 
# 
loop_
_citation_author.citation_id 
_citation_author.name 
_citation_author.ordinal 
_citation_author.identifier_ORCID 
primary 'Zhao, C.'         1 ? 
primary 'Xia, C.'          2 ? 
primary 'Mao, Q.'          3 ? 
primary 'Forsterling, H.'  4 ? 
primary 'DeRose, E.'       5 ? 
primary 'Antholine, W.E.'  6 ? 
primary 'Subczynski, W.K.' 7 ? 
primary 'Petering, D.H.'   8 ? 
# 
loop_
_entity.id 
_entity.type 
_entity.src_method 
_entity.pdbx_description 
_entity.formula_weight 
_entity.pdbx_number_of_molecules 
_entity.pdbx_ec 
_entity.pdbx_mutation 
_entity.pdbx_fragment 
_entity.details 
1 polymer     syn "5'-D(*GP*GP*AP*AP*GP*CP*TP*TP*CP*C)-3'" 3045.005 2 ? ? ? ? 
2 non-polymer syn 'COBALT (III) ION'                       58.933   1 ? ? ? ? 
3 non-polymer syn 'HYDROGEN PEROXIDE'                      34.015   1 ? ? ? ? 
4 non-polymer syn 'BLEOMYCIN A2'                           1416.560 1 ? ? ? ? 
# 
_entity_poly.entity_id                      1 
_entity_poly.type                           polydeoxyribonucleotide 
_entity_poly.nstd_linkage                   no 
_entity_poly.nstd_monomer                   no 
_entity_poly.pdbx_seq_one_letter_code       '(DG)(DG)(DA)(DA)(DG)(DC)(DT)(DT)(DC)(DC)' 
_entity_poly.pdbx_seq_one_letter_code_can   GGAAGCTTCC 
_entity_poly.pdbx_strand_id                 A,B 
_entity_poly.pdbx_target_identifier         ? 
# 
loop_
_pdbx_entity_nonpoly.entity_id 
_pdbx_entity_nonpoly.name 
_pdbx_entity_nonpoly.comp_id 
2 'COBALT (III) ION'  3CO 
3 'HYDROGEN PEROXIDE' PEO 
4 'BLEOMYCIN A2'      BLM 
# 
loop_
_entity_poly_seq.entity_id 
_entity_poly_seq.num 
_entity_poly_seq.mon_id 
_entity_poly_seq.hetero 
1 1  DG n 
1 2  DG n 
1 3  DA n 
1 4  DA n 
1 5  DG n 
1 6  DC n 
1 7  DT n 
1 8  DT n 
1 9  DC n 
1 10 DC n 
# 
loop_
_chem_comp.id 
_chem_comp.type 
_chem_comp.mon_nstd_flag 
_chem_comp.name 
_chem_comp.pdbx_synonyms 
_chem_comp.formula 
_chem_comp.formula_weight 
3CO non-polymer   . 'COBALT (III) ION'                   ?                                                'Co 3'               
58.933   
BLM non-polymer   . 'BLEOMYCIN A2'                       'N1-[3-(DIMETHYLSULFONIO)-PROPYL]BLEOMYCINAMIDE' 'C55 H85 N17 O21 S3' 
1416.560 
DA  'DNA linking' y "2'-DEOXYADENOSINE-5'-MONOPHOSPHATE" ?                                                'C10 H14 N5 O6 P'    
331.222  
DC  'DNA linking' y "2'-DEOXYCYTIDINE-5'-MONOPHOSPHATE"  ?                                                'C9 H14 N3 O7 P'     
307.197  
DG  'DNA linking' y "2'-DEOXYGUANOSINE-5'-MONOPHOSPHATE" ?                                                'C10 H14 N5 O7 P'    
347.221  
DT  'DNA linking' y "THYMIDINE-5'-MONOPHOSPHATE"         ?                                                'C10 H15 N2 O8 P'    
322.208  
PEO non-polymer   . 'HYDROGEN PEROXIDE'                  ?                                                'H2 O2'              
34.015   
# 
loop_
_pdbx_poly_seq_scheme.asym_id 
_pdbx_poly_seq_scheme.entity_id 
_pdbx_poly_seq_scheme.seq_id 
_pdbx_poly_seq_scheme.mon_id 
_pdbx_poly_seq_scheme.ndb_seq_num 
_pdbx_poly_seq_scheme.pdb_seq_num 
_pdbx_poly_seq_scheme.auth_seq_num 
_pdbx_poly_seq_scheme.pdb_mon_id 
_pdbx_poly_seq_scheme.auth_mon_id 
_pdbx_poly_seq_scheme.pdb_strand_id 
_pdbx_poly_seq_scheme.pdb_ins_code 
_pdbx_poly_seq_scheme.hetero 
A 1 1  DG 1  1  1  DG GUA A . n 
A 1 2  DG 2  2  2  DG GUA A . n 
A 1 3  DA 3  3  3  DA ADE A . n 
A 1 4  DA 4  4  4  DA ADE A . n 
A 1 5  DG 5  5  5  DG GUA A . n 
A 1 6  DC 6  6  6  DC CYT A . n 
A 1 7  DT 7  7  7  DT THY A . n 
A 1 8  DT 8  8  8  DT THY A . n 
A 1 9  DC 9  9  9  DC CYT A . n 
A 1 10 DC 10 10 10 DC CYT A . n 
B 1 1  DG 1  11 11 DG GUA B . n 
B 1 2  DG 2  12 12 DG GUA B . n 
B 1 3  DA 3  13 13 DA ADE B . n 
B 1 4  DA 4  14 14 DA ADE B . n 
B 1 5  DG 5  15 15 DG GUA B . n 
B 1 6  DC 6  16 16 DC CYT B . n 
B 1 7  DT 7  17 17 DT THY B . n 
B 1 8  DT 8  18 18 DT THY B . n 
B 1 9  DC 9  19 19 DC CYT B . n 
B 1 10 DC 10 20 20 DC CYT B . n 
# 
loop_
_pdbx_nonpoly_scheme.asym_id 
_pdbx_nonpoly_scheme.entity_id 
_pdbx_nonpoly_scheme.mon_id 
_pdbx_nonpoly_scheme.ndb_seq_num 
_pdbx_nonpoly_scheme.pdb_seq_num 
_pdbx_nonpoly_scheme.auth_seq_num 
_pdbx_nonpoly_scheme.pdb_mon_id 
_pdbx_nonpoly_scheme.auth_mon_id 
_pdbx_nonpoly_scheme.pdb_strand_id 
_pdbx_nonpoly_scheme.pdb_ins_code 
C 2 3CO 1 22 22 3CO 3CO A . 
D 3 PEO 1 23 23 PEO PEO A . 
E 4 BLM 1 21 21 BLM BLM B . 
# 
_exptl.entry_id          1MXK 
_exptl.method            'SOLUTION NMR' 
_exptl.crystals_number   ? 
# 
_exptl_crystal.id                    1 
_exptl_crystal.density_meas          ? 
_exptl_crystal.density_Matthews      ? 
_exptl_crystal.density_percent_sol   ? 
_exptl_crystal.description           ? 
# 
_diffrn.id                     1 
_diffrn.crystal_id             1 
_diffrn.ambient_temp           ? 
_diffrn.ambient_temp_details   ? 
# 
_diffrn_radiation.diffrn_id                        1 
_diffrn_radiation.wavelength_id                    1 
_diffrn_radiation.pdbx_monochromatic_or_laue_m_l   M 
_diffrn_radiation.monochromator                    ? 
_diffrn_radiation.pdbx_diffrn_protocol             'SINGLE WAVELENGTH' 
_diffrn_radiation.pdbx_scattering_type             ? 
# 
_diffrn_radiation_wavelength.id           1 
_diffrn_radiation_wavelength.wavelength   . 
_diffrn_radiation_wavelength.wt           1.0 
# 
_struct.entry_id                  1MXK 
_struct.title                     'NMR Structure of HO2-Co(III)bleomycin A(2) Bound to d(GGAAGCTTCC)(2)' 
_struct.pdbx_model_details        ? 
_struct.pdbx_CASP_flag            ? 
_struct.pdbx_model_type_details   'minimized average' 
# 
_struct_keywords.entry_id        1MXK 
_struct_keywords.pdbx_keywords   DNA 
_struct_keywords.text            'DRUG-DNA COMPLEX, COBALT(III), DNA' 
# 
loop_
_struct_asym.id 
_struct_asym.pdbx_blank_PDB_chainid_flag 
_struct_asym.pdbx_modified 
_struct_asym.entity_id 
_struct_asym.details 
A N N 1 ? 
B N N 1 ? 
C N N 2 ? 
D N N 3 ? 
E N N 4 ? 
# 
_struct_ref.id                         1 
_struct_ref.entity_id                  1 
_struct_ref.db_name                    PDB 
_struct_ref.db_code                    1MXK 
_struct_ref.pdbx_db_accession          1MXK 
_struct_ref.pdbx_db_isoform            ? 
_struct_ref.pdbx_seq_one_letter_code   ? 
_struct_ref.pdbx_align_begin           ? 
# 
loop_
_struct_ref_seq.align_id 
_struct_ref_seq.ref_id 
_struct_ref_seq.pdbx_PDB_id_code 
_struct_ref_seq.pdbx_strand_id 
_struct_ref_seq.seq_align_beg 
_struct_ref_seq.pdbx_seq_align_beg_ins_code 
_struct_ref_seq.seq_align_end 
_struct_ref_seq.pdbx_seq_align_end_ins_code 
_struct_ref_seq.pdbx_db_accession 
_struct_ref_seq.db_align_beg 
_struct_ref_seq.pdbx_db_align_beg_ins_code 
_struct_ref_seq.db_align_end 
_struct_ref_seq.pdbx_db_align_end_ins_code 
_struct_ref_seq.pdbx_auth_seq_align_beg 
_struct_ref_seq.pdbx_auth_seq_align_end 
1 1 1MXK A 1 ? 10 ? 1MXK 1  ? 10 ? 1  10 
2 1 1MXK B 1 ? 10 ? 1MXK 11 ? 20 ? 11 20 
# 
_pdbx_struct_assembly.id                   1 
_pdbx_struct_assembly.details              author_defined_assembly 
_pdbx_struct_assembly.method_details       ? 
_pdbx_struct_assembly.oligomeric_details   dimeric 
_pdbx_struct_assembly.oligomeric_count     2 
# 
_pdbx_struct_assembly_gen.assembly_id       1 
_pdbx_struct_assembly_gen.oper_expression   1 
_pdbx_struct_assembly_gen.asym_id_list      A,B,C,D,E 
# 
_pdbx_struct_oper_list.id                   1 
_pdbx_struct_oper_list.type                 'identity operation' 
_pdbx_struct_oper_list.name                 1_555 
_pdbx_struct_oper_list.symmetry_operation   x,y,z 
_pdbx_struct_oper_list.matrix[1][1]         1.0000000000 
_pdbx_struct_oper_list.matrix[1][2]         0.0000000000 
_pdbx_struct_oper_list.matrix[1][3]         0.0000000000 
_pdbx_struct_oper_list.vector[1]            0.0000000000 
_pdbx_struct_oper_list.matrix[2][1]         0.0000000000 
_pdbx_struct_oper_list.matrix[2][2]         1.0000000000 
_pdbx_struct_oper_list.matrix[2][3]         0.0000000000 
_pdbx_struct_oper_list.vector[2]            0.0000000000 
_pdbx_struct_oper_list.matrix[3][1]         0.0000000000 
_pdbx_struct_oper_list.matrix[3][2]         0.0000000000 
_pdbx_struct_oper_list.matrix[3][3]         1.0000000000 
_pdbx_struct_oper_list.vector[3]            0.0000000000 
# 
_struct_biol.id   1 
# 
loop_
_struct_conn.id 
_struct_conn.conn_type_id 
_struct_conn.pdbx_leaving_atom_flag 
_struct_conn.pdbx_PDB_id 
_struct_conn.ptnr1_label_asym_id 
_struct_conn.ptnr1_label_comp_id 
_struct_conn.ptnr1_label_seq_id 
_struct_conn.ptnr1_label_atom_id 
_struct_conn.pdbx_ptnr1_label_alt_id 
_struct_conn.pdbx_ptnr1_PDB_ins_code 
_struct_conn.pdbx_ptnr1_standard_comp_id 
_struct_conn.ptnr1_symmetry 
_struct_conn.ptnr2_label_asym_id 
_struct_conn.ptnr2_label_comp_id 
_struct_conn.ptnr2_label_seq_id 
_struct_conn.ptnr2_label_atom_id 
_struct_conn.pdbx_ptnr2_label_alt_id 
_struct_conn.pdbx_ptnr2_PDB_ins_code 
_struct_conn.ptnr1_auth_asym_id 
_struct_conn.ptnr1_auth_comp_id 
_struct_conn.ptnr1_auth_seq_id 
_struct_conn.ptnr2_auth_asym_id 
_struct_conn.ptnr2_auth_comp_id 
_struct_conn.ptnr2_auth_seq_id 
_struct_conn.ptnr2_symmetry 
_struct_conn.pdbx_ptnr3_label_atom_id 
_struct_conn.pdbx_ptnr3_label_seq_id 
_struct_conn.pdbx_ptnr3_label_comp_id 
_struct_conn.pdbx_ptnr3_label_asym_id 
_struct_conn.pdbx_ptnr3_label_alt_id 
_struct_conn.pdbx_ptnr3_PDB_ins_code 
_struct_conn.details 
_struct_conn.pdbx_dist_value 
_struct_conn.pdbx_value_order 
_struct_conn.pdbx_role 
metalc1  metalc ? ? C 3CO .  CO ? ? ? 1_555 D PEO .  O1 ? ? A 3CO 22 A PEO 23 1_555 ? ? ? ? ? ? ?            1.839 ? ? 
metalc2  metalc ? ? C 3CO .  CO ? ? ? 1_555 D PEO .  O2 ? ? A 3CO 22 A PEO 23 1_555 ? ? ? ? ? ? ?            2.749 ? ? 
metalc3  metalc ? ? C 3CO .  CO ? ? ? 1_555 E BLM .  NG ? ? A 3CO 22 B BLM 21 1_555 ? ? ? ? ? ? ?            1.837 ? ? 
metalc4  metalc ? ? C 3CO .  CO ? ? ? 1_555 E BLM .  NC ? ? A 3CO 22 B BLM 21 1_555 ? ? ? ? ? ? ?            2.062 ? ? 
metalc5  metalc ? ? C 3CO .  CO ? ? ? 1_555 E BLM .  NB ? ? A 3CO 22 B BLM 21 1_555 ? ? ? ? ? ? ?            2.154 ? ? 
metalc6  metalc ? ? C 3CO .  CO ? ? ? 1_555 E BLM .  NH ? ? A 3CO 22 B BLM 21 1_555 ? ? ? ? ? ? ?            1.928 ? ? 
metalc7  metalc ? ? C 3CO .  CO ? ? ? 1_555 E BLM .  NJ ? ? A 3CO 22 B BLM 21 1_555 ? ? ? ? ? ? ?            2.004 ? ? 
hydrog1  hydrog ? ? A DG  1  N1 ? ? ? 1_555 B DC  10 N3 ? ? A DG  1  B DC  20 1_555 ? ? ? ? ? ? WATSON-CRICK ?     ? ? 
hydrog2  hydrog ? ? A DG  1  N2 ? ? ? 1_555 B DC  10 O2 ? ? A DG  1  B DC  20 1_555 ? ? ? ? ? ? WATSON-CRICK ?     ? ? 
hydrog3  hydrog ? ? A DG  1  O6 ? ? ? 1_555 B DC  10 N4 ? ? A DG  1  B DC  20 1_555 ? ? ? ? ? ? WATSON-CRICK ?     ? ? 
hydrog4  hydrog ? ? A DG  2  N1 ? ? ? 1_555 B DC  9  N3 ? ? A DG  2  B DC  19 1_555 ? ? ? ? ? ? WATSON-CRICK ?     ? ? 
hydrog5  hydrog ? ? A DG  2  N2 ? ? ? 1_555 B DC  9  O2 ? ? A DG  2  B DC  19 1_555 ? ? ? ? ? ? WATSON-CRICK ?     ? ? 
hydrog6  hydrog ? ? A DG  2  O6 ? ? ? 1_555 B DC  9  N4 ? ? A DG  2  B DC  19 1_555 ? ? ? ? ? ? WATSON-CRICK ?     ? ? 
hydrog7  hydrog ? ? A DA  3  N1 ? ? ? 1_555 B DT  8  N3 ? ? A DA  3  B DT  18 1_555 ? ? ? ? ? ? WATSON-CRICK ?     ? ? 
hydrog8  hydrog ? ? A DA  3  N6 ? ? ? 1_555 B DT  8  O4 ? ? A DA  3  B DT  18 1_555 ? ? ? ? ? ? WATSON-CRICK ?     ? ? 
hydrog9  hydrog ? ? A DA  4  N1 ? ? ? 1_555 B DT  7  N3 ? ? A DA  4  B DT  17 1_555 ? ? ? ? ? ? WATSON-CRICK ?     ? ? 
hydrog10 hydrog ? ? A DA  4  N6 ? ? ? 1_555 B DT  7  O4 ? ? A DA  4  B DT  17 1_555 ? ? ? ? ? ? WATSON-CRICK ?     ? ? 
hydrog11 hydrog ? ? A DG  5  N1 ? ? ? 1_555 B DC  6  N3 ? ? A DG  5  B DC  16 1_555 ? ? ? ? ? ? WATSON-CRICK ?     ? ? 
hydrog12 hydrog ? ? A DG  5  N2 ? ? ? 1_555 B DC  6  O2 ? ? A DG  5  B DC  16 1_555 ? ? ? ? ? ? WATSON-CRICK ?     ? ? 
hydrog13 hydrog ? ? A DG  5  O6 ? ? ? 1_555 B DC  6  N4 ? ? A DG  5  B DC  16 1_555 ? ? ? ? ? ? WATSON-CRICK ?     ? ? 
hydrog14 hydrog ? ? A DC  6  N3 ? ? ? 1_555 B DG  5  N1 ? ? A DC  6  B DG  15 1_555 ? ? ? ? ? ? WATSON-CRICK ?     ? ? 
hydrog15 hydrog ? ? A DC  6  N4 ? ? ? 1_555 B DG  5  O6 ? ? A DC  6  B DG  15 1_555 ? ? ? ? ? ? WATSON-CRICK ?     ? ? 
hydrog16 hydrog ? ? A DC  6  O2 ? ? ? 1_555 B DG  5  N2 ? ? A DC  6  B DG  15 1_555 ? ? ? ? ? ? WATSON-CRICK ?     ? ? 
hydrog17 hydrog ? ? A DT  7  N3 ? ? ? 1_555 B DA  4  N1 ? ? A DT  7  B DA  14 1_555 ? ? ? ? ? ? 'DT-DA PAIR' ?     ? ? 
hydrog18 hydrog ? ? A DT  8  N3 ? ? ? 1_555 B DA  3  N1 ? ? A DT  8  B DA  13 1_555 ? ? ? ? ? ? WATSON-CRICK ?     ? ? 
hydrog19 hydrog ? ? A DT  8  O4 ? ? ? 1_555 B DA  3  N6 ? ? A DT  8  B DA  13 1_555 ? ? ? ? ? ? WATSON-CRICK ?     ? ? 
hydrog20 hydrog ? ? A DC  9  N3 ? ? ? 1_555 B DG  2  N1 ? ? A DC  9  B DG  12 1_555 ? ? ? ? ? ? WATSON-CRICK ?     ? ? 
hydrog21 hydrog ? ? A DC  9  N4 ? ? ? 1_555 B DG  2  O6 ? ? A DC  9  B DG  12 1_555 ? ? ? ? ? ? WATSON-CRICK ?     ? ? 
hydrog22 hydrog ? ? A DC  9  O2 ? ? ? 1_555 B DG  2  N2 ? ? A DC  9  B DG  12 1_555 ? ? ? ? ? ? WATSON-CRICK ?     ? ? 
hydrog23 hydrog ? ? A DC  10 N3 ? ? ? 1_555 B DG  1  N1 ? ? A DC  10 B DG  11 1_555 ? ? ? ? ? ? WATSON-CRICK ?     ? ? 
hydrog24 hydrog ? ? A DC  10 N4 ? ? ? 1_555 B DG  1  O6 ? ? A DC  10 B DG  11 1_555 ? ? ? ? ? ? WATSON-CRICK ?     ? ? 
hydrog25 hydrog ? ? A DC  10 O2 ? ? ? 1_555 B DG  1  N2 ? ? A DC  10 B DG  11 1_555 ? ? ? ? ? ? WATSON-CRICK ?     ? ? 
# 
loop_
_struct_conn_type.id 
_struct_conn_type.criteria 
_struct_conn_type.reference 
metalc ? ? 
hydrog ? ? 
# 
loop_
_pdbx_struct_conn_angle.id 
_pdbx_struct_conn_angle.ptnr1_label_atom_id 
_pdbx_struct_conn_angle.ptnr1_label_alt_id 
_pdbx_struct_conn_angle.ptnr1_label_asym_id 
_pdbx_struct_conn_angle.ptnr1_label_comp_id 
_pdbx_struct_conn_angle.ptnr1_label_seq_id 
_pdbx_struct_conn_angle.ptnr1_auth_atom_id 
_pdbx_struct_conn_angle.ptnr1_auth_asym_id 
_pdbx_struct_conn_angle.ptnr1_auth_comp_id 
_pdbx_struct_conn_angle.ptnr1_auth_seq_id 
_pdbx_struct_conn_angle.ptnr1_PDB_ins_code 
_pdbx_struct_conn_angle.ptnr1_symmetry 
_pdbx_struct_conn_angle.ptnr2_label_atom_id 
_pdbx_struct_conn_angle.ptnr2_label_alt_id 
_pdbx_struct_conn_angle.ptnr2_label_asym_id 
_pdbx_struct_conn_angle.ptnr2_label_comp_id 
_pdbx_struct_conn_angle.ptnr2_label_seq_id 
_pdbx_struct_conn_angle.ptnr2_auth_atom_id 
_pdbx_struct_conn_angle.ptnr2_auth_asym_id 
_pdbx_struct_conn_angle.ptnr2_auth_comp_id 
_pdbx_struct_conn_angle.ptnr2_auth_seq_id 
_pdbx_struct_conn_angle.ptnr2_PDB_ins_code 
_pdbx_struct_conn_angle.ptnr2_symmetry 
_pdbx_struct_conn_angle.ptnr3_label_atom_id 
_pdbx_struct_conn_angle.ptnr3_label_alt_id 
_pdbx_struct_conn_angle.ptnr3_label_asym_id 
_pdbx_struct_conn_angle.ptnr3_label_comp_id 
_pdbx_struct_conn_angle.ptnr3_label_seq_id 
_pdbx_struct_conn_angle.ptnr3_auth_atom_id 
_pdbx_struct_conn_angle.ptnr3_auth_asym_id 
_pdbx_struct_conn_angle.ptnr3_auth_comp_id 
_pdbx_struct_conn_angle.ptnr3_auth_seq_id 
_pdbx_struct_conn_angle.ptnr3_PDB_ins_code 
_pdbx_struct_conn_angle.ptnr3_symmetry 
_pdbx_struct_conn_angle.value 
_pdbx_struct_conn_angle.value_esd 
1  O1 ? D PEO . ? A PEO 23 ? 1_555 CO ? C 3CO . ? A 3CO 22 ? 1_555 O2 ? D PEO . ? A PEO 23 ? 1_555 27.3  ? 
2  O1 ? D PEO . ? A PEO 23 ? 1_555 CO ? C 3CO . ? A 3CO 22 ? 1_555 NG ? E BLM . ? B BLM 21 ? 1_555 89.7  ? 
3  O2 ? D PEO . ? A PEO 23 ? 1_555 CO ? C 3CO . ? A 3CO 22 ? 1_555 NG ? E BLM . ? B BLM 21 ? 1_555 72.8  ? 
4  O1 ? D PEO . ? A PEO 23 ? 1_555 CO ? C 3CO . ? A 3CO 22 ? 1_555 NC ? E BLM . ? B BLM 21 ? 1_555 90.7  ? 
5  O2 ? D PEO . ? A PEO 23 ? 1_555 CO ? C 3CO . ? A 3CO 22 ? 1_555 NC ? E BLM . ? B BLM 21 ? 1_555 68.1  ? 
6  NG ? E BLM . ? B BLM 21 ? 1_555 CO ? C 3CO . ? A 3CO 22 ? 1_555 NC ? E BLM . ? B BLM 21 ? 1_555 83.8  ? 
7  O1 ? D PEO . ? A PEO 23 ? 1_555 CO ? C 3CO . ? A 3CO 22 ? 1_555 NB ? E BLM . ? B BLM 21 ? 1_555 177.3 ? 
8  O2 ? D PEO . ? A PEO 23 ? 1_555 CO ? C 3CO . ? A 3CO 22 ? 1_555 NB ? E BLM . ? B BLM 21 ? 1_555 150.7 ? 
9  NG ? E BLM . ? B BLM 21 ? 1_555 CO ? C 3CO . ? A 3CO 22 ? 1_555 NB ? E BLM . ? B BLM 21 ? 1_555 90.5  ? 
10 NC ? E BLM . ? B BLM 21 ? 1_555 CO ? C 3CO . ? A 3CO 22 ? 1_555 NB ? E BLM . ? B BLM 21 ? 1_555 86.6  ? 
11 O1 ? D PEO . ? A PEO 23 ? 1_555 CO ? C 3CO . ? A 3CO 22 ? 1_555 NH ? E BLM . ? B BLM 21 ? 1_555 92.2  ? 
12 O2 ? D PEO . ? A PEO 23 ? 1_555 CO ? C 3CO . ? A 3CO 22 ? 1_555 NH ? E BLM . ? B BLM 21 ? 1_555 110.9 ? 
13 NG ? E BLM . ? B BLM 21 ? 1_555 CO ? C 3CO . ? A 3CO 22 ? 1_555 NH ? E BLM . ? B BLM 21 ? 1_555 84.3  ? 
14 NC ? E BLM . ? B BLM 21 ? 1_555 CO ? C 3CO . ? A 3CO 22 ? 1_555 NH ? E BLM . ? B BLM 21 ? 1_555 167.7 ? 
15 NB ? E BLM . ? B BLM 21 ? 1_555 CO ? C 3CO . ? A 3CO 22 ? 1_555 NH ? E BLM . ? B BLM 21 ? 1_555 90.5  ? 
16 O1 ? D PEO . ? A PEO 23 ? 1_555 CO ? C 3CO . ? A 3CO 22 ? 1_555 NJ ? E BLM . ? B BLM 21 ? 1_555 85.4  ? 
17 O2 ? D PEO . ? A PEO 23 ? 1_555 CO ? C 3CO . ? A 3CO 22 ? 1_555 NJ ? E BLM . ? B BLM 21 ? 1_555 104.2 ? 
18 NG ? E BLM . ? B BLM 21 ? 1_555 CO ? C 3CO . ? A 3CO 22 ? 1_555 NJ ? E BLM . ? B BLM 21 ? 1_555 173.4 ? 
19 NC ? E BLM . ? B BLM 21 ? 1_555 CO ? C 3CO . ? A 3CO 22 ? 1_555 NJ ? E BLM . ? B BLM 21 ? 1_555 100.7 ? 
20 NB ? E BLM . ? B BLM 21 ? 1_555 CO ? C 3CO . ? A 3CO 22 ? 1_555 NJ ? E BLM . ? B BLM 21 ? 1_555 94.6  ? 
21 NH ? E BLM . ? B BLM 21 ? 1_555 CO ? C 3CO . ? A 3CO 22 ? 1_555 NJ ? E BLM . ? B BLM 21 ? 1_555 91.5  ? 
# 
loop_
_struct_site.id 
_struct_site.pdbx_evidence_code 
_struct_site.pdbx_auth_asym_id 
_struct_site.pdbx_auth_comp_id 
_struct_site.pdbx_auth_seq_id 
_struct_site.pdbx_auth_ins_code 
_struct_site.pdbx_num_residues 
_struct_site.details 
AC1 Software A 3CO 22 ? 2  'BINDING SITE FOR RESIDUE 3CO A 22' 
AC2 Software B BLM 21 ? 12 'BINDING SITE FOR RESIDUE BLM B 21' 
AC3 Software A PEO 23 ? 2  'BINDING SITE FOR RESIDUE PEO A 23' 
1   ?        ? ?   ?  ? ?  ?                                   
# 
loop_
_struct_site_gen.id 
_struct_site_gen.site_id 
_struct_site_gen.pdbx_num_res 
_struct_site_gen.label_comp_id 
_struct_site_gen.label_asym_id 
_struct_site_gen.label_seq_id 
_struct_site_gen.pdbx_auth_ins_code 
_struct_site_gen.auth_comp_id 
_struct_site_gen.auth_asym_id 
_struct_site_gen.auth_seq_id 
_struct_site_gen.label_atom_id 
_struct_site_gen.label_alt_id 
_struct_site_gen.symmetry 
_struct_site_gen.details 
1  AC1 2  PEO D . ? PEO A 23 . ? 1_555 ? 
2  AC1 2  BLM E . ? BLM B 21 . ? 1_555 ? 
3  AC2 12 DG  A 5 ? DG  A 5  . ? 1_555 ? 
4  AC2 12 DC  A 6 ? DC  A 6  . ? 1_555 ? 
5  AC2 12 DT  A 7 ? DT  A 7  . ? 1_555 ? 
6  AC2 12 3CO C . ? 3CO A 22 . ? 1_555 ? 
7  AC2 12 PEO D . ? PEO A 23 . ? 1_555 ? 
8  AC2 12 DA  B 3 ? DA  B 13 . ? 1_555 ? 
9  AC2 12 DA  B 4 ? DA  B 14 . ? 1_555 ? 
10 AC2 12 DG  B 5 ? DG  B 15 . ? 1_555 ? 
11 AC2 12 DC  B 6 ? DC  B 16 . ? 1_555 ? 
12 AC2 12 DT  B 7 ? DT  B 17 . ? 1_555 ? 
13 AC2 12 DT  B 8 ? DT  B 18 . ? 1_555 ? 
14 AC2 12 DC  B 9 ? DC  B 19 . ? 1_555 ? 
15 AC3 2  3CO C . ? 3CO A 22 . ? 1_555 ? 
16 AC3 2  BLM E . ? BLM B 21 . ? 1_555 ? 
# 
loop_
_pdbx_validate_close_contact.id 
_pdbx_validate_close_contact.PDB_model_num 
_pdbx_validate_close_contact.auth_atom_id_1 
_pdbx_validate_close_contact.auth_asym_id_1 
_pdbx_validate_close_contact.auth_comp_id_1 
_pdbx_validate_close_contact.auth_seq_id_1 
_pdbx_validate_close_contact.PDB_ins_code_1 
_pdbx_validate_close_contact.label_alt_id_1 
_pdbx_validate_close_contact.auth_atom_id_2 
_pdbx_validate_close_contact.auth_asym_id_2 
_pdbx_validate_close_contact.auth_comp_id_2 
_pdbx_validate_close_contact.auth_seq_id_2 
_pdbx_validate_close_contact.PDB_ins_code_2 
_pdbx_validate_close_contact.label_alt_id_2 
_pdbx_validate_close_contact.dist 
1 1 O1  A PEO 23 ? ? HNK B BLM 21 ? ? 1.39 
2 1 O2  A DC  9  ? ? H21 B DG  12 ? ? 1.51 
3 1 H21 A DG  1  ? ? O2  B DC  20 ? ? 1.56 
4 1 O2  A DC  10 ? ? H21 B DG  11 ? ? 1.57 
5 1 H21 A DG  2  ? ? O2  B DC  19 ? ? 1.58 
6 1 H41 A DC  6  ? ? O6  B DG  15 ? ? 1.59 
7 1 O6  A DG  5  ? ? H41 B DC  16 ? ? 1.60 
# 
loop_
_pdbx_validate_rmsd_angle.id 
_pdbx_validate_rmsd_angle.PDB_model_num 
_pdbx_validate_rmsd_angle.auth_atom_id_1 
_pdbx_validate_rmsd_angle.auth_asym_id_1 
_pdbx_validate_rmsd_angle.auth_comp_id_1 
_pdbx_validate_rmsd_angle.auth_seq_id_1 
_pdbx_validate_rmsd_angle.PDB_ins_code_1 
_pdbx_validate_rmsd_angle.label_alt_id_1 
_pdbx_validate_rmsd_angle.auth_atom_id_2 
_pdbx_validate_rmsd_angle.auth_asym_id_2 
_pdbx_validate_rmsd_angle.auth_comp_id_2 
_pdbx_validate_rmsd_angle.auth_seq_id_2 
_pdbx_validate_rmsd_angle.PDB_ins_code_2 
_pdbx_validate_rmsd_angle.label_alt_id_2 
_pdbx_validate_rmsd_angle.auth_atom_id_3 
_pdbx_validate_rmsd_angle.auth_asym_id_3 
_pdbx_validate_rmsd_angle.auth_comp_id_3 
_pdbx_validate_rmsd_angle.auth_seq_id_3 
_pdbx_validate_rmsd_angle.PDB_ins_code_3 
_pdbx_validate_rmsd_angle.label_alt_id_3 
_pdbx_validate_rmsd_angle.angle_value 
_pdbx_validate_rmsd_angle.angle_target_value 
_pdbx_validate_rmsd_angle.angle_deviation 
_pdbx_validate_rmsd_angle.angle_standard_deviation 
_pdbx_validate_rmsd_angle.linker_flag 
1  1 "O4'" A DG 1  ? ? "C1'" A DG 1  ? ? N9 A DG 1  ? ? 111.19 108.30 2.89  0.30 N 
2  1 N7    A DG 1  ? ? C8    A DG 1  ? ? N9 A DG 1  ? ? 117.58 113.10 4.48  0.50 N 
3  1 C8    A DG 1  ? ? N9    A DG 1  ? ? C4 A DG 1  ? ? 103.77 106.40 -2.63 0.40 N 
4  1 "O4'" A DG 2  ? ? "C1'" A DG 2  ? ? N9 A DG 2  ? ? 111.36 108.30 3.06  0.30 N 
5  1 N7    A DG 2  ? ? C8    A DG 2  ? ? N9 A DG 2  ? ? 117.67 113.10 4.57  0.50 N 
6  1 C8    A DG 2  ? ? N9    A DG 2  ? ? C4 A DG 2  ? ? 103.93 106.40 -2.47 0.40 N 
7  1 "O4'" A DA 3  ? ? "C1'" A DA 3  ? ? N9 A DA 3  ? ? 111.23 108.30 2.93  0.30 N 
8  1 N7    A DA 3  ? ? C8    A DA 3  ? ? N9 A DA 3  ? ? 117.57 113.80 3.77  0.50 N 
9  1 "O4'" A DA 4  ? ? "C1'" A DA 4  ? ? N9 A DA 4  ? ? 111.13 108.30 2.83  0.30 N 
10 1 N7    A DA 4  ? ? C8    A DA 4  ? ? N9 A DA 4  ? ? 117.69 113.80 3.89  0.50 N 
11 1 "O4'" A DG 5  ? ? "C1'" A DG 5  ? ? N9 A DG 5  ? ? 112.48 108.30 4.18  0.30 N 
12 1 N7    A DG 5  ? ? C8    A DG 5  ? ? N9 A DG 5  ? ? 117.61 113.10 4.51  0.50 N 
13 1 C8    A DG 5  ? ? N9    A DG 5  ? ? C4 A DG 5  ? ? 103.88 106.40 -2.52 0.40 N 
14 1 "O4'" A DC 6  ? ? "C1'" A DC 6  ? ? N1 A DC 6  ? ? 111.02 108.30 2.72  0.30 N 
15 1 "O4'" A DT 7  ? ? "C1'" A DT 7  ? ? N1 A DT 7  ? ? 110.29 108.30 1.99  0.30 N 
16 1 C6    A DT 7  ? ? C5    A DT 7  ? ? C7 A DT 7  ? ? 119.11 122.90 -3.79 0.60 N 
17 1 "O4'" A DT 8  ? ? "C1'" A DT 8  ? ? N1 A DT 8  ? ? 111.73 108.30 3.43  0.30 N 
18 1 "O4'" A DC 9  ? ? "C1'" A DC 9  ? ? N1 A DC 9  ? ? 111.09 108.30 2.79  0.30 N 
19 1 "O4'" A DC 10 ? ? "C1'" A DC 10 ? ? N1 A DC 10 ? ? 110.54 108.30 2.24  0.30 N 
20 1 "O4'" B DG 11 ? ? "C1'" B DG 11 ? ? N9 B DG 11 ? ? 111.21 108.30 2.91  0.30 N 
21 1 N7    B DG 11 ? ? C8    B DG 11 ? ? N9 B DG 11 ? ? 117.56 113.10 4.46  0.50 N 
22 1 C8    B DG 11 ? ? N9    B DG 11 ? ? C4 B DG 11 ? ? 103.83 106.40 -2.57 0.40 N 
23 1 "O4'" B DG 12 ? ? "C1'" B DG 12 ? ? N9 B DG 12 ? ? 110.89 108.30 2.59  0.30 N 
24 1 N7    B DG 12 ? ? C8    B DG 12 ? ? N9 B DG 12 ? ? 117.72 113.10 4.62  0.50 N 
25 1 C8    B DG 12 ? ? N9    B DG 12 ? ? C4 B DG 12 ? ? 103.84 106.40 -2.56 0.40 N 
26 1 "O4'" B DA 13 ? ? "C1'" B DA 13 ? ? N9 B DA 13 ? ? 110.91 108.30 2.61  0.30 N 
27 1 N7    B DA 13 ? ? C8    B DA 13 ? ? N9 B DA 13 ? ? 117.70 113.80 3.90  0.50 N 
28 1 "O4'" B DA 14 ? ? "C1'" B DA 14 ? ? N9 B DA 14 ? ? 111.69 108.30 3.39  0.30 N 
29 1 N7    B DA 14 ? ? C8    B DA 14 ? ? N9 B DA 14 ? ? 117.54 113.80 3.74  0.50 N 
30 1 "O4'" B DG 15 ? ? "C1'" B DG 15 ? ? N9 B DG 15 ? ? 110.77 108.30 2.47  0.30 N 
31 1 N7    B DG 15 ? ? C8    B DG 15 ? ? N9 B DG 15 ? ? 117.70 113.10 4.60  0.50 N 
32 1 C8    B DG 15 ? ? N9    B DG 15 ? ? C4 B DG 15 ? ? 103.67 106.40 -2.73 0.40 N 
33 1 "O4'" B DC 16 ? ? "C1'" B DC 16 ? ? N1 B DC 16 ? ? 112.18 108.30 3.88  0.30 N 
34 1 "O4'" B DT 17 ? ? "C1'" B DT 17 ? ? N1 B DT 17 ? ? 111.65 108.30 3.35  0.30 N 
35 1 "O4'" B DT 18 ? ? "C1'" B DT 18 ? ? N1 B DT 18 ? ? 110.78 108.30 2.48  0.30 N 
36 1 "O4'" B DC 19 ? ? "C1'" B DC 19 ? ? N1 B DC 19 ? ? 112.27 108.30 3.97  0.30 N 
37 1 "O4'" B DC 20 ? ? "C1'" B DC 20 ? ? N1 B DC 20 ? ? 111.03 108.30 2.73  0.30 N 
# 
_struct_site_keywords.site_id   1 
_struct_site_keywords.text      INTERCALATION 
# 
_pdbx_nmr_ensemble.entry_id                             1MXK 
_pdbx_nmr_ensemble.conformers_calculated_total_number   ? 
_pdbx_nmr_ensemble.conformers_submitted_total_number    1 
_pdbx_nmr_ensemble.conformer_selection_criteria         ? 
# 
_pdbx_nmr_representative.entry_id             1MXK 
_pdbx_nmr_representative.conformer_id         ? 
_pdbx_nmr_representative.selection_criteria   'minimized average structure' 
# 
loop_
_pdbx_nmr_sample_details.solution_id 
_pdbx_nmr_sample_details.contents 
_pdbx_nmr_sample_details.solvent_system 
1 
;2mM Bleomycin/DNA complex; 
20 mM phosphate buffer; 0.1 M NaCl
;
'90% H2O/10% D2O' 
2 '2mM Bleomycin/DNA complex; 20 mM phosphate buffer; 0.1 M NaCl'  D2O               
# 
_pdbx_nmr_exptl_sample_conditions.conditions_id       1 
_pdbx_nmr_exptl_sample_conditions.temperature         298 
_pdbx_nmr_exptl_sample_conditions.pressure            ambient 
_pdbx_nmr_exptl_sample_conditions.pH                  7.4 
_pdbx_nmr_exptl_sample_conditions.ionic_strength      '0.1 M NaCl' 
_pdbx_nmr_exptl_sample_conditions.pressure_units      ? 
_pdbx_nmr_exptl_sample_conditions.temperature_units   K 
# 
loop_
_pdbx_nmr_exptl.experiment_id 
_pdbx_nmr_exptl.solution_id 
_pdbx_nmr_exptl.conditions_id 
_pdbx_nmr_exptl.type 
1 1 1 '2D NOESY'  
2 1 1 '2D TOCSY'  
3 2 1 DQF-COSY    
4 2 1 31P/1H-COSY 
# 
_pdbx_nmr_details.entry_id   1MXK 
_pdbx_nmr_details.text       'This structure was determined using standard 2D homonuclear techniques' 
# 
_pdbx_nmr_refine.entry_id           1MXK 
_pdbx_nmr_refine.method             'Simulated Annealing, Molecular Dynamics' 
_pdbx_nmr_refine.details            
'The structure is based on 424 distance restraints (333 intramolecular DNA, 66 intramolecular bleomycin and 25 intermolecular).' 
_pdbx_nmr_refine.software_ordinal   1 
# 
loop_
_pdbx_nmr_software.name 
_pdbx_nmr_software.version 
_pdbx_nmr_software.classification 
_pdbx_nmr_software.authors 
_pdbx_nmr_software.ordinal 
XwinNMR 1.3 collection      'Bruker Instr.' 1 
Felix   2.3 'data analysis' Biosym          2 
X-PLOR  3.1 refinement      'Axel Brunger'  3 
# 
loop_
_chem_comp_atom.comp_id 
_chem_comp_atom.atom_id 
_chem_comp_atom.type_symbol 
_chem_comp_atom.pdbx_aromatic_flag 
_chem_comp_atom.pdbx_stereo_config 
_chem_comp_atom.pdbx_ordinal 
3CO CO     CO N N 1   
BLM NA     N  N N 2   
BLM C2     C  N S 3   
BLM C1     C  N N 4   
BLM O1     O  N N 5   
BLM NC     N  N N 6   
BLM C3     C  N N 7   
BLM NB     N  N N 8   
BLM ND     N  N N 9   
BLM C5     C  N N 10  
BLM C4     C  N N 11  
BLM O4     O  N N 12  
BLM C8     C  Y N 13  
BLM C9     C  Y N 14  
BLM C10    C  Y N 15  
BLM NG     N  Y N 16  
BLM C7     C  Y N 17  
BLM NE     N  Y N 18  
BLM C6     C  N S 19  
BLM NF     N  N N 20  
BLM CA     C  N N 21  
BLM C12    C  N N 22  
BLM O12    O  N N 23  
BLM NH     N  N N 24  
BLM C13    C  N S 25  
BLM C30    C  N N 26  
BLM O30    O  N N 27  
BLM C14    C  N R 28  
BLM C27    C  Y N 29  
BLM OH1    O  N N 30  
BLM NJ     N  Y N 31  
BLM C28    C  Y N 32  
BLM C29    C  Y N 33  
BLM NI     N  Y N 34  
BLM NK     N  N N 35  
BLM C34    C  N S 36  
BLM C36    C  N N 37  
BLM O36    O  N N 38  
BLM OH2    O  N N 39  
BLM C31    C  N R 40  
BLM CB     C  N N 41  
BLM C33    C  N S 42  
BLM CC     C  N N 43  
BLM NL     N  N N 44  
BLM C37    C  N S 45  
BLM C40    C  N N 46  
BLM O40    O  N N 47  
BLM C38    C  N R 48  
BLM OH3    O  N N 49  
BLM CD     C  N N 50  
BLM NM     N  N N 51  
BLM C42    C  N N 52  
BLM C49    C  N N 53  
BLM O49    O  N N 54  
BLM C43    C  Y N 55  
BLM C41    C  N N 56  
BLM S43    S  Y N 57  
BLM C44    C  Y N 58  
BLM C45    C  Y N 59  
BLM NN     N  Y N 60  
BLM C47    C  Y N 61  
BLM C48    C  Y N 62  
BLM NO     N  Y N 63  
BLM C46    C  Y N 64  
BLM S46    S  Y N 65  
BLM NP     N  N N 66  
BLM C50    C  N N 67  
BLM C51    C  N N 68  
BLM C52    C  N N 69  
BLM S53    S  N N 70  
BLM C55    C  N N 71  
BLM C54    C  N N 72  
BLM O59    O  N N 73  
BLM O58    O  N N 74  
BLM C61    C  N N 75  
BLM O61    O  N N 76  
BLM O56    O  N N 77  
BLM C60    C  N S 78  
BLM O62    O  N N 79  
BLM C63    C  N R 80  
BLM C57    C  N S 81  
BLM C58    C  N S 82  
BLM C59    C  N S 83  
BLM C69    C  N S 84  
BLM C68    C  N S 85  
BLM C67    C  N R 86  
BLM C65    C  N R 87  
BLM O64    O  N N 88  
BLM C64    C  N R 89  
BLM O68    O  N N 90  
BLM O67    O  N N 91  
BLM O69    O  N N 92  
BLM NQ     N  N N 93  
BLM C70    C  N N 94  
BLM O70    O  N N 95  
BLM O66    O  N N 96  
BLM C66    C  N N 97  
BLM HA2    H  N N 98  
BLM HA1    H  N N 99  
BLM H2     H  N N 100 
BLM HNC    H  N N 101 
BLM H3E    H  N N 102 
BLM H3X    H  N N 103 
BLM HB1    H  N N 104 
BLM HB2    H  N N 105 
BLM HD2    H  N N 106 
BLM HD1    H  N N 107 
BLM H5E    H  N N 108 
BLM H5X    H  N N 109 
BLM H6     H  N N 110 
BLM HF2    H  N N 111 
BLM HF1    H  N N 112 
BLM HAA    H  N N 113 
BLM HAB    H  N N 114 
BLM HAC    H  N N 115 
BLM HNH    H  N N 116 
BLM H13    H  N N 117 
BLM H14    H  N N 118 
BLM H28    H  N N 119 
BLM H29    H  N N 120 
BLM HNI    H  N N 121 
BLM HNK    H  N N 122 
BLM H34    H  N N 123 
BLM HO2    H  N N 124 
BLM H31    H  N N 125 
BLM HBA    H  N N 126 
BLM HBB    H  N N 127 
BLM HBC    H  N N 128 
BLM H33    H  N N 129 
BLM HCB    H  N N 130 
BLM HCC    H  N N 131 
BLM HCA    H  N N 132 
BLM HNL    H  N N 133 
BLM H37    H  N N 134 
BLM H38    H  N N 135 
BLM HO3    H  N N 136 
BLM HDB    H  N N 137 
BLM HDC    H  N N 138 
BLM HDA    H  N N 139 
BLM HNM    H  N N 140 
BLM H2E    H  N N 141 
BLM H2X    H  N N 142 
BLM H1E    H  N N 143 
BLM H1X    H  N N 144 
BLM H44    H  N N 145 
BLM H47    H  N N 146 
BLM HNP    H  N N 147 
BLM H501   H  N N 148 
BLM H502   H  N N 149 
BLM H511   H  N N 150 
BLM H512   H  N N 151 
BLM H521   H  N N 152 
BLM H522   H  N N 153 
BLM H53    H  N N 154 
BLM H551   H  N N 155 
BLM H552   H  N N 156 
BLM H553   H  N N 157 
BLM H541   H  N N 158 
BLM H542   H  N N 159 
BLM H543   H  N N 160 
BLM HO59   H  N N 161 
BLM HO58   H  N N 162 
BLM H611   H  N N 163 
BLM H612   H  N N 164 
BLM HO61   H  N N 165 
BLM H60    H  N N 166 
BLM H63    H  N N 167 
BLM H57    H  N N 168 
BLM H58    H  N N 169 
BLM H59    H  N N 170 
BLM H69    H  N N 171 
BLM H68    H  N N 172 
BLM H67    H  N N 173 
BLM H65    H  N N 174 
BLM H64    H  N N 175 
BLM HO67   H  N N 176 
BLM HO69   H  N N 177 
BLM HNQ1   H  N N 178 
BLM HNQ2   H  N N 179 
BLM HO66   H  N N 180 
BLM H661   H  N N 181 
BLM H662   H  N N 182 
DA  OP3    O  N N 183 
DA  P      P  N N 184 
DA  OP1    O  N N 185 
DA  OP2    O  N N 186 
DA  "O5'"  O  N N 187 
DA  "C5'"  C  N N 188 
DA  "C4'"  C  N R 189 
DA  "O4'"  O  N N 190 
DA  "C3'"  C  N S 191 
DA  "O3'"  O  N N 192 
DA  "C2'"  C  N N 193 
DA  "C1'"  C  N R 194 
DA  N9     N  Y N 195 
DA  C8     C  Y N 196 
DA  N7     N  Y N 197 
DA  C5     C  Y N 198 
DA  C6     C  Y N 199 
DA  N6     N  N N 200 
DA  N1     N  Y N 201 
DA  C2     C  Y N 202 
DA  N3     N  Y N 203 
DA  C4     C  Y N 204 
DA  HOP3   H  N N 205 
DA  HOP2   H  N N 206 
DA  "H5'"  H  N N 207 
DA  "H5''" H  N N 208 
DA  "H4'"  H  N N 209 
DA  "H3'"  H  N N 210 
DA  "HO3'" H  N N 211 
DA  "H2'"  H  N N 212 
DA  "H2''" H  N N 213 
DA  "H1'"  H  N N 214 
DA  H8     H  N N 215 
DA  H61    H  N N 216 
DA  H62    H  N N 217 
DA  H2     H  N N 218 
DC  OP3    O  N N 219 
DC  P      P  N N 220 
DC  OP1    O  N N 221 
DC  OP2    O  N N 222 
DC  "O5'"  O  N N 223 
DC  "C5'"  C  N N 224 
DC  "C4'"  C  N R 225 
DC  "O4'"  O  N N 226 
DC  "C3'"  C  N S 227 
DC  "O3'"  O  N N 228 
DC  "C2'"  C  N N 229 
DC  "C1'"  C  N R 230 
DC  N1     N  N N 231 
DC  C2     C  N N 232 
DC  O2     O  N N 233 
DC  N3     N  N N 234 
DC  C4     C  N N 235 
DC  N4     N  N N 236 
DC  C5     C  N N 237 
DC  C6     C  N N 238 
DC  HOP3   H  N N 239 
DC  HOP2   H  N N 240 
DC  "H5'"  H  N N 241 
DC  "H5''" H  N N 242 
DC  "H4'"  H  N N 243 
DC  "H3'"  H  N N 244 
DC  "HO3'" H  N N 245 
DC  "H2'"  H  N N 246 
DC  "H2''" H  N N 247 
DC  "H1'"  H  N N 248 
DC  H41    H  N N 249 
DC  H42    H  N N 250 
DC  H5     H  N N 251 
DC  H6     H  N N 252 
DG  OP3    O  N N 253 
DG  P      P  N N 254 
DG  OP1    O  N N 255 
DG  OP2    O  N N 256 
DG  "O5'"  O  N N 257 
DG  "C5'"  C  N N 258 
DG  "C4'"  C  N R 259 
DG  "O4'"  O  N N 260 
DG  "C3'"  C  N S 261 
DG  "O3'"  O  N N 262 
DG  "C2'"  C  N N 263 
DG  "C1'"  C  N R 264 
DG  N9     N  Y N 265 
DG  C8     C  Y N 266 
DG  N7     N  Y N 267 
DG  C5     C  Y N 268 
DG  C6     C  N N 269 
DG  O6     O  N N 270 
DG  N1     N  N N 271 
DG  C2     C  N N 272 
DG  N2     N  N N 273 
DG  N3     N  N N 274 
DG  C4     C  Y N 275 
DG  HOP3   H  N N 276 
DG  HOP2   H  N N 277 
DG  "H5'"  H  N N 278 
DG  "H5''" H  N N 279 
DG  "H4'"  H  N N 280 
DG  "H3'"  H  N N 281 
DG  "HO3'" H  N N 282 
DG  "H2'"  H  N N 283 
DG  "H2''" H  N N 284 
DG  "H1'"  H  N N 285 
DG  H8     H  N N 286 
DG  H1     H  N N 287 
DG  H21    H  N N 288 
DG  H22    H  N N 289 
DT  OP3    O  N N 290 
DT  P      P  N N 291 
DT  OP1    O  N N 292 
DT  OP2    O  N N 293 
DT  "O5'"  O  N N 294 
DT  "C5'"  C  N N 295 
DT  "C4'"  C  N R 296 
DT  "O4'"  O  N N 297 
DT  "C3'"  C  N S 298 
DT  "O3'"  O  N N 299 
DT  "C2'"  C  N N 300 
DT  "C1'"  C  N R 301 
DT  N1     N  N N 302 
DT  C2     C  N N 303 
DT  O2     O  N N 304 
DT  N3     N  N N 305 
DT  C4     C  N N 306 
DT  O4     O  N N 307 
DT  C5     C  N N 308 
DT  C7     C  N N 309 
DT  C6     C  N N 310 
DT  HOP3   H  N N 311 
DT  HOP2   H  N N 312 
DT  "H5'"  H  N N 313 
DT  "H5''" H  N N 314 
DT  "H4'"  H  N N 315 
DT  "H3'"  H  N N 316 
DT  "HO3'" H  N N 317 
DT  "H2'"  H  N N 318 
DT  "H2''" H  N N 319 
DT  "H1'"  H  N N 320 
DT  H3     H  N N 321 
DT  H71    H  N N 322 
DT  H72    H  N N 323 
DT  H73    H  N N 324 
DT  H6     H  N N 325 
PEO O1     O  N N 326 
PEO O2     O  N N 327 
PEO HO1    H  N N 328 
PEO HO2    H  N N 329 
# 
loop_
_chem_comp_bond.comp_id 
_chem_comp_bond.atom_id_1 
_chem_comp_bond.atom_id_2 
_chem_comp_bond.value_order 
_chem_comp_bond.pdbx_aromatic_flag 
_chem_comp_bond.pdbx_stereo_config 
_chem_comp_bond.pdbx_ordinal 
BLM NA    C1     sing N N 1   
BLM NA    HA2    sing N N 2   
BLM NA    HA1    sing N N 3   
BLM C2    C1     sing N N 4   
BLM C2    C3     sing N N 5   
BLM C2    NB     sing N N 6   
BLM C2    H2     sing N N 7   
BLM C1    O1     doub N N 8   
BLM NC    C3     sing N N 9   
BLM NC    C6     sing N N 10  
BLM NC    HNC    sing N N 11  
BLM C3    H3E    sing N N 12  
BLM C3    H3X    sing N N 13  
BLM NB    HB1    sing N N 14  
BLM NB    HB2    sing N N 15  
BLM ND    C4     sing N N 16  
BLM ND    HD2    sing N N 17  
BLM ND    HD1    sing N N 18  
BLM C5    C4     sing N N 19  
BLM C5    C6     sing N N 20  
BLM C5    H5E    sing N N 21  
BLM C5    H5X    sing N N 22  
BLM C4    O4     doub N N 23  
BLM C8    C9     doub Y N 24  
BLM C8    NE     sing Y N 25  
BLM C8    NF     sing N N 26  
BLM C9    C10    sing Y N 27  
BLM C9    CA     sing N N 28  
BLM C10   NG     doub Y N 29  
BLM C10   C12    sing N N 30  
BLM NG    C7     sing Y N 31  
BLM C7    NE     doub Y N 32  
BLM C7    C6     sing N N 33  
BLM C6    H6     sing N N 34  
BLM NF    HF2    sing N N 35  
BLM NF    HF1    sing N N 36  
BLM CA    HAA    sing N N 37  
BLM CA    HAB    sing N N 38  
BLM CA    HAC    sing N N 39  
BLM C12   O12    doub N N 40  
BLM C12   NH     sing N N 41  
BLM NH    C13    sing N N 42  
BLM NH    HNH    sing N N 43  
BLM C13   C30    sing N N 44  
BLM C13   C14    sing N N 45  
BLM C13   H13    sing N N 46  
BLM C30   O30    doub N N 47  
BLM C30   NK     sing N N 48  
BLM C14   C27    sing N N 49  
BLM C14   OH1    sing N N 50  
BLM C14   H14    sing N N 51  
BLM C27   NJ     sing Y N 52  
BLM C27   C28    doub Y N 53  
BLM OH1   C63    sing N N 54  
BLM NJ    C29    doub Y N 55  
BLM C28   NI     sing Y N 56  
BLM C28   H28    sing N N 57  
BLM C29   NI     sing Y N 58  
BLM C29   H29    sing N N 59  
BLM NI    HNI    sing N N 60  
BLM NK    C31    sing N N 61  
BLM NK    HNK    sing N N 62  
BLM C34   C36    sing N N 63  
BLM C34   C33    sing N N 64  
BLM C34   CC     sing N N 65  
BLM C34   H34    sing N N 66  
BLM C36   O36    doub N N 67  
BLM C36   NL     sing N N 68  
BLM OH2   C33    sing N N 69  
BLM OH2   HO2    sing N N 70  
BLM C31   CB     sing N N 71  
BLM C31   C33    sing N N 72  
BLM C31   H31    sing N N 73  
BLM CB    HBA    sing N N 74  
BLM CB    HBB    sing N N 75  
BLM CB    HBC    sing N N 76  
BLM C33   H33    sing N N 77  
BLM CC    HCB    sing N N 78  
BLM CC    HCC    sing N N 79  
BLM CC    HCA    sing N N 80  
BLM NL    C37    sing N N 81  
BLM NL    HNL    sing N N 82  
BLM C37   C40    sing N N 83  
BLM C37   C38    sing N N 84  
BLM C37   H37    sing N N 85  
BLM C40   O40    doub N N 86  
BLM C40   NM     sing N N 87  
BLM C38   OH3    sing N N 88  
BLM C38   CD     sing N N 89  
BLM C38   H38    sing N N 90  
BLM OH3   HO3    sing N N 91  
BLM CD    HDB    sing N N 92  
BLM CD    HDC    sing N N 93  
BLM CD    HDA    sing N N 94  
BLM NM    C41    sing N N 95  
BLM NM    HNM    sing N N 96  
BLM C42   C43    sing N N 97  
BLM C42   C41    sing N N 98  
BLM C42   H2E    sing N N 99  
BLM C42   H2X    sing N N 100 
BLM C49   O49    doub N N 101 
BLM C49   C48    sing N N 102 
BLM C49   NP     sing N N 103 
BLM C43   S43    sing Y N 104 
BLM C43   NN     doub Y N 105 
BLM C41   H1E    sing N N 106 
BLM C41   H1X    sing N N 107 
BLM S43   C44    sing Y N 108 
BLM C44   C45    doub Y N 109 
BLM C44   H44    sing N N 110 
BLM C45   NN     sing Y N 111 
BLM C45   C46    sing Y N 112 
BLM C47   C48    doub Y N 113 
BLM C47   S46    sing Y N 114 
BLM C47   H47    sing N N 115 
BLM C48   NO     sing Y N 116 
BLM NO    C46    doub Y N 117 
BLM C46   S46    sing Y N 118 
BLM NP    C50    sing N N 119 
BLM NP    HNP    sing N N 120 
BLM C50   C51    sing N N 121 
BLM C50   H501   sing N N 122 
BLM C50   H502   sing N N 123 
BLM C51   C52    sing N N 124 
BLM C51   H511   sing N N 125 
BLM C51   H512   sing N N 126 
BLM C52   S53    sing N N 127 
BLM C52   H521   sing N N 128 
BLM C52   H522   sing N N 129 
BLM S53   C55    sing N N 130 
BLM S53   C54    sing N N 131 
BLM S53   H53    sing N N 132 
BLM C55   H551   sing N N 133 
BLM C55   H552   sing N N 134 
BLM C55   H553   sing N N 135 
BLM C54   H541   sing N N 136 
BLM C54   H542   sing N N 137 
BLM C54   H543   sing N N 138 
BLM O59   C59    sing N N 139 
BLM O59   HO59   sing N N 140 
BLM O58   C58    sing N N 141 
BLM O58   HO58   sing N N 142 
BLM C61   O61    sing N N 143 
BLM C61   C60    sing N N 144 
BLM C61   H611   sing N N 145 
BLM C61   H612   sing N N 146 
BLM O61   HO61   sing N N 147 
BLM O56   C57    sing N N 148 
BLM O56   C64    sing N N 149 
BLM C60   O62    sing N N 150 
BLM C60   C59    sing N N 151 
BLM C60   H60    sing N N 152 
BLM O62   C63    sing N N 153 
BLM C63   C57    sing N N 154 
BLM C63   H63    sing N N 155 
BLM C57   C58    sing N N 156 
BLM C57   H57    sing N N 157 
BLM C58   C59    sing N N 158 
BLM C58   H58    sing N N 159 
BLM C59   H59    sing N N 160 
BLM C69   C68    sing N N 161 
BLM C69   C64    sing N N 162 
BLM C69   O69    sing N N 163 
BLM C69   H69    sing N N 164 
BLM C68   C67    sing N N 165 
BLM C68   O68    sing N N 166 
BLM C68   H68    sing N N 167 
BLM C67   C65    sing N N 168 
BLM C67   O67    sing N N 169 
BLM C67   H67    sing N N 170 
BLM C65   O64    sing N N 171 
BLM C65   C66    sing N N 172 
BLM C65   H65    sing N N 173 
BLM O64   C64    sing N N 174 
BLM C64   H64    sing N N 175 
BLM O68   C70    sing N N 176 
BLM O67   HO67   sing N N 177 
BLM O69   HO69   sing N N 178 
BLM NQ    C70    sing N N 179 
BLM NQ    HNQ1   sing N N 180 
BLM NQ    HNQ2   sing N N 181 
BLM C70   O70    doub N N 182 
BLM O66   C66    sing N N 183 
BLM O66   HO66   sing N N 184 
BLM C66   H661   sing N N 185 
BLM C66   H662   sing N N 186 
DA  OP3   P      sing N N 187 
DA  OP3   HOP3   sing N N 188 
DA  P     OP1    doub N N 189 
DA  P     OP2    sing N N 190 
DA  P     "O5'"  sing N N 191 
DA  OP2   HOP2   sing N N 192 
DA  "O5'" "C5'"  sing N N 193 
DA  "C5'" "C4'"  sing N N 194 
DA  "C5'" "H5'"  sing N N 195 
DA  "C5'" "H5''" sing N N 196 
DA  "C4'" "O4'"  sing N N 197 
DA  "C4'" "C3'"  sing N N 198 
DA  "C4'" "H4'"  sing N N 199 
DA  "O4'" "C1'"  sing N N 200 
DA  "C3'" "O3'"  sing N N 201 
DA  "C3'" "C2'"  sing N N 202 
DA  "C3'" "H3'"  sing N N 203 
DA  "O3'" "HO3'" sing N N 204 
DA  "C2'" "C1'"  sing N N 205 
DA  "C2'" "H2'"  sing N N 206 
DA  "C2'" "H2''" sing N N 207 
DA  "C1'" N9     sing N N 208 
DA  "C1'" "H1'"  sing N N 209 
DA  N9    C8     sing Y N 210 
DA  N9    C4     sing Y N 211 
DA  C8    N7     doub Y N 212 
DA  C8    H8     sing N N 213 
DA  N7    C5     sing Y N 214 
DA  C5    C6     sing Y N 215 
DA  C5    C4     doub Y N 216 
DA  C6    N6     sing N N 217 
DA  C6    N1     doub Y N 218 
DA  N6    H61    sing N N 219 
DA  N6    H62    sing N N 220 
DA  N1    C2     sing Y N 221 
DA  C2    N3     doub Y N 222 
DA  C2    H2     sing N N 223 
DA  N3    C4     sing Y N 224 
DC  OP3   P      sing N N 225 
DC  OP3   HOP3   sing N N 226 
DC  P     OP1    doub N N 227 
DC  P     OP2    sing N N 228 
DC  P     "O5'"  sing N N 229 
DC  OP2   HOP2   sing N N 230 
DC  "O5'" "C5'"  sing N N 231 
DC  "C5'" "C4'"  sing N N 232 
DC  "C5'" "H5'"  sing N N 233 
DC  "C5'" "H5''" sing N N 234 
DC  "C4'" "O4'"  sing N N 235 
DC  "C4'" "C3'"  sing N N 236 
DC  "C4'" "H4'"  sing N N 237 
DC  "O4'" "C1'"  sing N N 238 
DC  "C3'" "O3'"  sing N N 239 
DC  "C3'" "C2'"  sing N N 240 
DC  "C3'" "H3'"  sing N N 241 
DC  "O3'" "HO3'" sing N N 242 
DC  "C2'" "C1'"  sing N N 243 
DC  "C2'" "H2'"  sing N N 244 
DC  "C2'" "H2''" sing N N 245 
DC  "C1'" N1     sing N N 246 
DC  "C1'" "H1'"  sing N N 247 
DC  N1    C2     sing N N 248 
DC  N1    C6     sing N N 249 
DC  C2    O2     doub N N 250 
DC  C2    N3     sing N N 251 
DC  N3    C4     doub N N 252 
DC  C4    N4     sing N N 253 
DC  C4    C5     sing N N 254 
DC  N4    H41    sing N N 255 
DC  N4    H42    sing N N 256 
DC  C5    C6     doub N N 257 
DC  C5    H5     sing N N 258 
DC  C6    H6     sing N N 259 
DG  OP3   P      sing N N 260 
DG  OP3   HOP3   sing N N 261 
DG  P     OP1    doub N N 262 
DG  P     OP2    sing N N 263 
DG  P     "O5'"  sing N N 264 
DG  OP2   HOP2   sing N N 265 
DG  "O5'" "C5'"  sing N N 266 
DG  "C5'" "C4'"  sing N N 267 
DG  "C5'" "H5'"  sing N N 268 
DG  "C5'" "H5''" sing N N 269 
DG  "C4'" "O4'"  sing N N 270 
DG  "C4'" "C3'"  sing N N 271 
DG  "C4'" "H4'"  sing N N 272 
DG  "O4'" "C1'"  sing N N 273 
DG  "C3'" "O3'"  sing N N 274 
DG  "C3'" "C2'"  sing N N 275 
DG  "C3'" "H3'"  sing N N 276 
DG  "O3'" "HO3'" sing N N 277 
DG  "C2'" "C1'"  sing N N 278 
DG  "C2'" "H2'"  sing N N 279 
DG  "C2'" "H2''" sing N N 280 
DG  "C1'" N9     sing N N 281 
DG  "C1'" "H1'"  sing N N 282 
DG  N9    C8     sing Y N 283 
DG  N9    C4     sing Y N 284 
DG  C8    N7     doub Y N 285 
DG  C8    H8     sing N N 286 
DG  N7    C5     sing Y N 287 
DG  C5    C6     sing N N 288 
DG  C5    C4     doub Y N 289 
DG  C6    O6     doub N N 290 
DG  C6    N1     sing N N 291 
DG  N1    C2     sing N N 292 
DG  N1    H1     sing N N 293 
DG  C2    N2     sing N N 294 
DG  C2    N3     doub N N 295 
DG  N2    H21    sing N N 296 
DG  N2    H22    sing N N 297 
DG  N3    C4     sing N N 298 
DT  OP3   P      sing N N 299 
DT  OP3   HOP3   sing N N 300 
DT  P     OP1    doub N N 301 
DT  P     OP2    sing N N 302 
DT  P     "O5'"  sing N N 303 
DT  OP2   HOP2   sing N N 304 
DT  "O5'" "C5'"  sing N N 305 
DT  "C5'" "C4'"  sing N N 306 
DT  "C5'" "H5'"  sing N N 307 
DT  "C5'" "H5''" sing N N 308 
DT  "C4'" "O4'"  sing N N 309 
DT  "C4'" "C3'"  sing N N 310 
DT  "C4'" "H4'"  sing N N 311 
DT  "O4'" "C1'"  sing N N 312 
DT  "C3'" "O3'"  sing N N 313 
DT  "C3'" "C2'"  sing N N 314 
DT  "C3'" "H3'"  sing N N 315 
DT  "O3'" "HO3'" sing N N 316 
DT  "C2'" "C1'"  sing N N 317 
DT  "C2'" "H2'"  sing N N 318 
DT  "C2'" "H2''" sing N N 319 
DT  "C1'" N1     sing N N 320 
DT  "C1'" "H1'"  sing N N 321 
DT  N1    C2     sing N N 322 
DT  N1    C6     sing N N 323 
DT  C2    O2     doub N N 324 
DT  C2    N3     sing N N 325 
DT  N3    C4     sing N N 326 
DT  N3    H3     sing N N 327 
DT  C4    O4     doub N N 328 
DT  C4    C5     sing N N 329 
DT  C5    C7     sing N N 330 
DT  C5    C6     doub N N 331 
DT  C7    H71    sing N N 332 
DT  C7    H72    sing N N 333 
DT  C7    H73    sing N N 334 
DT  C6    H6     sing N N 335 
PEO O1    O2     sing N N 336 
PEO O1    HO1    sing N N 337 
PEO O2    HO2    sing N N 338 
# 
loop_
_ndb_struct_conf_na.entry_id 
_ndb_struct_conf_na.feature 
1MXK 'double helix'        
1MXK 'b-form double helix' 
# 
loop_
_ndb_struct_na_base_pair.model_number 
_ndb_struct_na_base_pair.i_label_asym_id 
_ndb_struct_na_base_pair.i_label_comp_id 
_ndb_struct_na_base_pair.i_label_seq_id 
_ndb_struct_na_base_pair.i_symmetry 
_ndb_struct_na_base_pair.j_label_asym_id 
_ndb_struct_na_base_pair.j_label_comp_id 
_ndb_struct_na_base_pair.j_label_seq_id 
_ndb_struct_na_base_pair.j_symmetry 
_ndb_struct_na_base_pair.shear 
_ndb_struct_na_base_pair.stretch 
_ndb_struct_na_base_pair.stagger 
_ndb_struct_na_base_pair.buckle 
_ndb_struct_na_base_pair.propeller 
_ndb_struct_na_base_pair.opening 
_ndb_struct_na_base_pair.pair_number 
_ndb_struct_na_base_pair.pair_name 
_ndb_struct_na_base_pair.i_auth_asym_id 
_ndb_struct_na_base_pair.i_auth_seq_id 
_ndb_struct_na_base_pair.i_PDB_ins_code 
_ndb_struct_na_base_pair.j_auth_asym_id 
_ndb_struct_na_base_pair.j_auth_seq_id 
_ndb_struct_na_base_pair.j_PDB_ins_code 
_ndb_struct_na_base_pair.hbond_type_28 
_ndb_struct_na_base_pair.hbond_type_12 
1 A DG 1  1_555 B DC 10 1_555 -0.604 -0.377 0.039  -0.202  -1.191  1.464   1  A_DG1:DC20_B  A 1  ? B 20 ? 19 1 
1 A DG 2  1_555 B DC 9  1_555 -0.630 -0.350 -0.063 1.945   -2.138  2.018   2  A_DG2:DC19_B  A 2  ? B 19 ? 19 1 
1 A DA 3  1_555 B DT 8  1_555 0.005  -0.199 -0.019 3.656   -5.133  0.301   3  A_DA3:DT18_B  A 3  ? B 18 ? 20 1 
1 A DA 4  1_555 B DT 7  1_555 -0.158 0.159  -0.067 2.247   -5.839  2.320   4  A_DA4:DT17_B  A 4  ? B 17 ? 20 1 
1 A DG 5  1_555 B DC 6  1_555 0.186  -0.088 -0.281 -4.357  1.056   -11.625 5  A_DG5:DC16_B  A 5  ? B 16 ? 19 1 
1 A DC 6  1_555 B DG 5  1_555 -0.629 -0.152 -0.143 15.841  -10.448 -10.751 6  A_DC6:DG15_B  A 6  ? B 15 ? 19 1 
1 A DT 7  1_555 B DA 4  1_555 -0.322 0.395  -0.169 -13.072 6.348   13.680  7  A_DT7:DA14_B  A 7  ? B 14 ? ?  ? 
1 A DT 8  1_555 B DA 3  1_555 -0.041 -0.213 -0.109 -4.407  -1.040  -4.803  8  A_DT8:DA13_B  A 8  ? B 13 ? 20 1 
1 A DC 9  1_555 B DG 2  1_555 0.723  -0.189 -0.052 2.843   -4.402  6.420   9  A_DC9:DG12_B  A 9  ? B 12 ? 19 1 
1 A DC 10 1_555 B DG 1  1_555 0.516  -0.362 0.146  -2.836  0.335   0.980   10 A_DC10:DG11_B A 10 ? B 11 ? 19 1 
# 
loop_
_ndb_struct_na_base_pair_step.model_number 
_ndb_struct_na_base_pair_step.i_label_asym_id_1 
_ndb_struct_na_base_pair_step.i_label_comp_id_1 
_ndb_struct_na_base_pair_step.i_label_seq_id_1 
_ndb_struct_na_base_pair_step.i_symmetry_1 
_ndb_struct_na_base_pair_step.j_label_asym_id_1 
_ndb_struct_na_base_pair_step.j_label_comp_id_1 
_ndb_struct_na_base_pair_step.j_label_seq_id_1 
_ndb_struct_na_base_pair_step.j_symmetry_1 
_ndb_struct_na_base_pair_step.i_label_asym_id_2 
_ndb_struct_na_base_pair_step.i_label_comp_id_2 
_ndb_struct_na_base_pair_step.i_label_seq_id_2 
_ndb_struct_na_base_pair_step.i_symmetry_2 
_ndb_struct_na_base_pair_step.j_label_asym_id_2 
_ndb_struct_na_base_pair_step.j_label_comp_id_2 
_ndb_struct_na_base_pair_step.j_label_seq_id_2 
_ndb_struct_na_base_pair_step.j_symmetry_2 
_ndb_struct_na_base_pair_step.shift 
_ndb_struct_na_base_pair_step.slide 
_ndb_struct_na_base_pair_step.rise 
_ndb_struct_na_base_pair_step.tilt 
_ndb_struct_na_base_pair_step.roll 
_ndb_struct_na_base_pair_step.twist 
_ndb_struct_na_base_pair_step.x_displacement 
_ndb_struct_na_base_pair_step.y_displacement 
_ndb_struct_na_base_pair_step.helical_rise 
_ndb_struct_na_base_pair_step.inclination 
_ndb_struct_na_base_pair_step.tip 
_ndb_struct_na_base_pair_step.helical_twist 
_ndb_struct_na_base_pair_step.step_number 
_ndb_struct_na_base_pair_step.step_name 
_ndb_struct_na_base_pair_step.i_auth_asym_id_1 
_ndb_struct_na_base_pair_step.i_auth_seq_id_1 
_ndb_struct_na_base_pair_step.i_PDB_ins_code_1 
_ndb_struct_na_base_pair_step.j_auth_asym_id_1 
_ndb_struct_na_base_pair_step.j_auth_seq_id_1 
_ndb_struct_na_base_pair_step.j_PDB_ins_code_1 
_ndb_struct_na_base_pair_step.i_auth_asym_id_2 
_ndb_struct_na_base_pair_step.i_auth_seq_id_2 
_ndb_struct_na_base_pair_step.i_PDB_ins_code_2 
_ndb_struct_na_base_pair_step.j_auth_asym_id_2 
_ndb_struct_na_base_pair_step.j_auth_seq_id_2 
_ndb_struct_na_base_pair_step.j_PDB_ins_code_2 
1 A DG 1 1_555 B DC 10 1_555 A DG 2  1_555 B DC 9 1_555 0.140  -0.670 3.421 1.020  -6.952  36.492 -0.063 -0.075 3.488 -10.977 
-1.611 37.140 1 AA_DG1DG2:DC19DC20_BB  A 1 ? B 20 ? A 2  ? B 19 ? 
1 A DG 2 1_555 B DC 9  1_555 A DA 3  1_555 B DT 8 1_555 -0.365 -0.888 3.159 0.266  -2.452  34.805 -1.119 0.648  3.210 -4.092  
-0.444 34.889 2 AA_DG2DA3:DT18DC19_BB  A 2 ? B 19 ? A 3  ? B 18 ? 
1 A DA 3 1_555 B DT 8  1_555 A DA 4  1_555 B DT 7 1_555 -0.030 -1.199 3.274 -0.636 -2.780  33.599 -1.609 -0.054 3.359 -4.799  
1.098  33.716 3 AA_DA3DA4:DT17DT18_BB  A 3 ? B 18 ? A 4  ? B 17 ? 
1 A DA 4 1_555 B DT 7  1_555 A DG 5  1_555 B DC 6 1_555 -1.461 -1.008 3.352 -2.208 6.064   32.140 -2.844 2.205  3.204 10.817  
3.938  32.765 4 AA_DA4DG5:DC16DT17_BB  A 4 ? B 17 ? A 5  ? B 16 ? 
1 A DG 5 1_555 B DC 6  1_555 A DC 6  1_555 B DG 5 1_555 -1.186 0.061  2.396 -1.519 -0.333  29.050 0.175  2.115  2.452 -0.662  
3.025  29.091 5 AA_DG5DC6:DG15DC16_BB  A 5 ? B 16 ? A 6  ? B 15 ? 
1 A DC 6 1_555 B DG 5  1_555 A DT 7  1_555 B DA 4 1_555 1.938  1.000  6.306 -2.157 13.047  36.052 -1.696 -3.484 6.168 20.261  
3.350  38.326 6 AA_DC6DT7:DA14DG15_BB  A 6 ? B 15 ? A 7  ? B 14 ? 
1 A DT 7 1_555 B DA 4  1_555 A DT 8  1_555 B DA 3 1_555 -1.168 -0.138 3.151 0.011  12.710  27.273 -2.765 2.256  2.809 25.286  
-0.021 30.038 7 AA_DT7DT8:DA13DA14_BB  A 7 ? B 14 ? A 8  ? B 13 ? 
1 A DT 8 1_555 B DA 3  1_555 A DC 9  1_555 B DG 2 1_555 0.745  -0.131 3.192 1.606  0.961   37.281 -0.328 -0.957 3.216 1.503   
-2.510 37.327 8 AA_DT8DC9:DG12DA13_BB  A 8 ? B 13 ? A 9  ? B 12 ? 
1 A DC 9 1_555 B DG 2  1_555 A DC 10 1_555 B DG 1 1_555 -0.589 -0.479 3.660 -6.800 -10.462 39.684 0.609  -0.004 3.713 -14.969 
9.730  41.524 9 AA_DC9DC10:DG11DG12_BB A 9 ? B 12 ? A 10 ? B 11 ? 
# 
_pdbx_nmr_spectrometer.spectrometer_id   1 
_pdbx_nmr_spectrometer.type              ? 
_pdbx_nmr_spectrometer.manufacturer      Bruker 
_pdbx_nmr_spectrometer.model             DRX 
_pdbx_nmr_spectrometer.field_strength    500 
# 
_atom_sites.entry_id                    1MXK 
_atom_sites.fract_transf_matrix[1][1]   1.000000 
_atom_sites.fract_transf_matrix[1][2]   0.000000 
_atom_sites.fract_transf_matrix[1][3]   0.000000 
_atom_sites.fract_transf_matrix[2][1]   0.000000 
_atom_sites.fract_transf_matrix[2][2]   1.000000 
_atom_sites.fract_transf_matrix[2][3]   0.000000 
_atom_sites.fract_transf_matrix[3][1]   0.000000 
_atom_sites.fract_transf_matrix[3][2]   0.000000 
_atom_sites.fract_transf_matrix[3][3]   1.000000 
_atom_sites.fract_transf_vector[1]      0.00000 
_atom_sites.fract_transf_vector[2]      0.00000 
_atom_sites.fract_transf_vector[3]      0.00000 
# 
loop_
_atom_type.symbol 
C  
CO 
H  
N  
O  
P  
S  
# 
loop_
_atom_site.group_PDB 
_atom_site.id 
_atom_site.type_symbol 
_atom_site.label_atom_id 
_atom_site.label_alt_id 
_atom_site.label_comp_id 
_atom_site.label_asym_id 
_atom_site.label_entity_id 
_atom_site.label_seq_id 
_atom_site.pdbx_PDB_ins_code 
_atom_site.Cartn_x 
_atom_site.Cartn_y 
_atom_site.Cartn_z 
_atom_site.occupancy 
_atom_site.B_iso_or_equiv 
_atom_site.pdbx_formal_charge 
_atom_site.auth_seq_id 
_atom_site.auth_comp_id 
_atom_site.auth_asym_id 
_atom_site.auth_atom_id 
_atom_site.pdbx_PDB_model_num 
ATOM   1   O  "O5'"  . DG  A 1 1  ? -5.109 19.205 12.304  1.00 0.66 ? 1  DG  A "O5'"  1 
ATOM   2   C  "C5'"  . DG  A 1 1  ? -4.484 19.757 13.467  1.00 0.69 ? 1  DG  A "C5'"  1 
ATOM   3   C  "C4'"  . DG  A 1 1  ? -3.327 18.886 13.947  1.00 0.64 ? 1  DG  A "C4'"  1 
ATOM   4   O  "O4'"  . DG  A 1 1  ? -3.791 17.559 14.285  1.00 0.62 ? 1  DG  A "O4'"  1 
ATOM   5   C  "C3'"  . DG  A 1 1  ? -2.262 18.755 12.864  1.00 0.60 ? 1  DG  A "C3'"  1 
ATOM   6   O  "O3'"  . DG  A 1 1  ? -1.013 19.305 13.305  1.00 0.64 ? 1  DG  A "O3'"  1 
ATOM   7   C  "C2'"  . DG  A 1 1  ? -2.137 17.277 12.591  1.00 0.55 ? 1  DG  A "C2'"  1 
ATOM   8   C  "C1'"  . DG  A 1 1  ? -2.970 16.566 13.638  1.00 0.57 ? 1  DG  A "C1'"  1 
ATOM   9   N  N9     . DG  A 1 1  ? -3.794 15.511 13.022  1.00 0.55 ? 1  DG  A N9     1 
ATOM   10  C  C8     . DG  A 1 1  ? -4.970 15.609 12.353  1.00 0.57 ? 1  DG  A C8     1 
ATOM   11  N  N7     . DG  A 1 1  ? -5.495 14.517 11.906  1.00 0.57 ? 1  DG  A N7     1 
ATOM   12  C  C5     . DG  A 1 1  ? -4.561 13.561 12.321  1.00 0.53 ? 1  DG  A C5     1 
ATOM   13  C  C6     . DG  A 1 1  ? -4.553 12.152 12.139  1.00 0.52 ? 1  DG  A C6     1 
ATOM   14  O  O6     . DG  A 1 1  ? -5.380 11.447 11.566  1.00 0.54 ? 1  DG  A O6     1 
ATOM   15  N  N1     . DG  A 1 1  ? -3.433 11.574 12.712  1.00 0.50 ? 1  DG  A N1     1 
ATOM   16  C  C2     . DG  A 1 1  ? -2.438 12.256 13.378  1.00 0.49 ? 1  DG  A C2     1 
ATOM   17  N  N2     . DG  A 1 1  ? -1.439 11.525 13.856  1.00 0.49 ? 1  DG  A N2     1 
ATOM   18  N  N3     . DG  A 1 1  ? -2.434 13.576 13.554  1.00 0.50 ? 1  DG  A N3     1 
ATOM   19  C  C4     . DG  A 1 1  ? -3.518 14.166 13.004  1.00 0.52 ? 1  DG  A C4     1 
ATOM   20  H  "H5'"  . DG  A 1 1  ? -5.224 19.836 14.264  1.00 0.72 ? 1  DG  A "H5'"  1 
ATOM   21  H  "H5''" . DG  A 1 1  ? -4.108 20.752 13.231  1.00 0.72 ? 1  DG  A "H5''" 1 
ATOM   22  H  "H4'"  . DG  A 1 1  ? -2.880 19.341 14.832  1.00 0.68 ? 1  DG  A "H4'"  1 
ATOM   23  H  "H3'"  . DG  A 1 1  ? -2.597 19.265 11.958  1.00 0.61 ? 1  DG  A "H3'"  1 
ATOM   24  H  "H2'"  . DG  A 1 1  ? -2.523 17.052 11.596  1.00 0.55 ? 1  DG  A "H2'"  1 
ATOM   25  H  "H2''" . DG  A 1 1  ? -1.096 16.965 12.668  1.00 0.53 ? 1  DG  A "H2''" 1 
ATOM   26  H  "H1'"  . DG  A 1 1  ? -2.306 16.115 14.377  1.00 0.56 ? 1  DG  A "H1'"  1 
ATOM   27  H  H8     . DG  A 1 1  ? -5.450 16.573 12.195  1.00 0.61 ? 1  DG  A H8     1 
ATOM   28  H  H1     . DG  A 1 1  ? -3.364 10.570 12.625  1.00 0.50 ? 1  DG  A H1     1 
ATOM   29  H  H21    . DG  A 1 1  ? -1.439 10.521 13.725  1.00 0.49 ? 1  DG  A H21    1 
ATOM   30  H  H22    . DG  A 1 1  ? -0.682 11.971 14.350  1.00 0.50 ? 1  DG  A H22    1 
ATOM   31  H  "HO5'" . DG  A 1 1  ? -5.175 18.257 12.442  1.00 0.85 ? 1  DG  A "HO5'" 1 
ATOM   32  P  P      . DG  A 1 2  ? 0.298  19.236 12.367  1.00 0.64 ? 2  DG  A P      1 
ATOM   33  O  OP1    . DG  A 1 2  ? 1.332  20.117 12.954  1.00 0.72 ? 2  DG  A OP1    1 
ATOM   34  O  OP2    . DG  A 1 2  ? -0.125 19.429 10.962  1.00 0.62 ? 2  DG  A OP2    1 
ATOM   35  O  "O5'"  . DG  A 1 2  ? 0.777  17.706 12.542  1.00 0.62 ? 2  DG  A "O5'"  1 
ATOM   36  C  "C5'"  . DG  A 1 2  ? 1.424  17.273 13.746  1.00 0.64 ? 2  DG  A "C5'"  1 
ATOM   37  C  "C4'"  . DG  A 1 2  ? 1.998  15.863 13.607  1.00 0.59 ? 2  DG  A "C4'"  1 
ATOM   38  O  "O4'"  . DG  A 1 2  ? 0.946  14.894 13.381  1.00 0.55 ? 2  DG  A "O4'"  1 
ATOM   39  C  "C3'"  . DG  A 1 2  ? 2.972  15.785 12.434  1.00 0.56 ? 2  DG  A "C3'"  1 
ATOM   40  O  "O3'"  . DG  A 1 2  ? 4.278  15.391 12.881  1.00 0.55 ? 2  DG  A "O3'"  1 
ATOM   41  C  "C2'"  . DG  A 1 2  ? 2.385  14.763 11.493  1.00 0.51 ? 2  DG  A "C2'"  1 
ATOM   42  C  "C1'"  . DG  A 1 2  ? 1.287  14.058 12.258  1.00 0.50 ? 2  DG  A "C1'"  1 
ATOM   43  N  N9     . DG  A 1 2  ? 0.121  13.825 11.391  1.00 0.46 ? 2  DG  A N9     1 
ATOM   44  C  C8     . DG  A 1 2  ? -0.715 14.719 10.822  1.00 0.47 ? 2  DG  A C8     1 
ATOM   45  N  N7     . DG  A 1 2  ? -1.668 14.262 10.079  1.00 0.44 ? 2  DG  A N7     1 
ATOM   46  C  C5     . DG  A 1 2  ? -1.446 12.882 10.154  1.00 0.40 ? 2  DG  A C5     1 
ATOM   47  C  C6     . DG  A 1 2  ? -2.151 11.808 9.549   1.00 0.36 ? 2  DG  A C6     1 
ATOM   48  O  O6     . DG  A 1 2  ? -3.134 11.854 8.814   1.00 0.34 ? 2  DG  A O6     1 
ATOM   49  N  N1     . DG  A 1 2  ? -1.593 10.583 9.881   1.00 0.34 ? 2  DG  A N1     1 
ATOM   50  C  C2     . DG  A 1 2  ? -0.495 10.403 10.693  1.00 0.36 ? 2  DG  A C2     1 
ATOM   51  N  N2     . DG  A 1 2  ? -0.103 9.152  10.890  1.00 0.35 ? 2  DG  A N2     1 
ATOM   52  N  N3     . DG  A 1 2  ? 0.174  11.402 11.266  1.00 0.40 ? 2  DG  A N3     1 
ATOM   53  C  C4     . DG  A 1 2  ? -0.349 12.609 10.957  1.00 0.42 ? 2  DG  A C4     1 
ATOM   54  H  "H5'"  . DG  A 1 2  ? 0.700  17.281 14.561  1.00 0.66 ? 2  DG  A "H5'"  1 
ATOM   55  H  "H5''" . DG  A 1 2  ? 2.234  17.963 13.983  1.00 0.68 ? 2  DG  A "H5''" 1 
ATOM   56  H  "H4'"  . DG  A 1 2  ? 2.527  15.603 14.523  1.00 0.60 ? 2  DG  A "H4'"  1 
ATOM   57  H  "H3'"  . DG  A 1 2  ? 3.022  16.756 11.934  1.00 0.58 ? 2  DG  A "H3'"  1 
ATOM   58  H  "H2'"  . DG  A 1 2  ? 1.966  15.265 10.621  1.00 0.50 ? 2  DG  A "H2'"  1 
ATOM   59  H  "H2''" . DG  A 1 2  ? 3.141  14.049 11.185  1.00 0.48 ? 2  DG  A "H2''" 1 
ATOM   60  H  "H1'"  . DG  A 1 2  ? 1.661  13.101 12.622  1.00 0.48 ? 2  DG  A "H1'"  1 
ATOM   61  H  H8     . DG  A 1 2  ? -0.574 15.788 10.968  1.00 0.50 ? 2  DG  A H8     1 
ATOM   62  H  H1     . DG  A 1 2  ? -2.046 9.772  9.483   1.00 0.32 ? 2  DG  A H1     1 
ATOM   63  H  H21    . DG  A 1 2  ? -0.603 8.389  10.449  1.00 0.32 ? 2  DG  A H21    1 
ATOM   64  H  H22    . DG  A 1 2  ? 0.699  8.961  11.472  1.00 0.37 ? 2  DG  A H22    1 
ATOM   65  P  P      . DA  A 1 3  ? 5.446  15.023 11.829  1.00 0.53 ? 3  DA  A P      1 
ATOM   66  O  OP1    . DA  A 1 3  ? 6.739  15.051 12.548  1.00 0.56 ? 3  DA  A OP1    1 
ATOM   67  O  OP2    . DA  A 1 3  ? 5.261  15.849 10.615  1.00 0.54 ? 3  DA  A OP2    1 
ATOM   68  O  "O5'"  . DA  A 1 3  ? 5.111  13.490 11.451  1.00 0.46 ? 3  DA  A "O5'"  1 
ATOM   69  C  "C5'"  . DA  A 1 3  ? 5.303  12.440 12.410  1.00 0.44 ? 3  DA  A "C5'"  1 
ATOM   70  C  "C4'"  . DA  A 1 3  ? 5.116  11.052 11.792  1.00 0.39 ? 3  DA  A "C4'"  1 
ATOM   71  O  "O4'"  . DA  A 1 3  ? 3.758  10.864 11.328  1.00 0.37 ? 3  DA  A "O4'"  1 
ATOM   72  C  "C3'"  . DA  A 1 3  ? 6.051  10.848 10.604  1.00 0.38 ? 3  DA  A "C3'"  1 
ATOM   73  O  "O3'"  . DA  A 1 3  ? 6.922  9.728  10.834  1.00 0.36 ? 3  DA  A "O3'"  1 
ATOM   74  C  "C2'"  . DA  A 1 3  ? 5.146  10.605 9.421   1.00 0.35 ? 3  DA  A "C2'"  1 
ATOM   75  C  "C1'"  . DA  A 1 3  ? 3.771  10.335 9.988   1.00 0.33 ? 3  DA  A "C1'"  1 
ATOM   76  N  N9     . DA  A 1 3  ? 2.729  10.961 9.158   1.00 0.33 ? 3  DA  A N9     1 
ATOM   77  C  C8     . DA  A 1 3  ? 2.475  12.270 8.943   1.00 0.36 ? 3  DA  A C8     1 
ATOM   78  N  N7     . DA  A 1 3  ? 1.482  12.568 8.174   1.00 0.36 ? 3  DA  A N7     1 
ATOM   79  C  C5     . DA  A 1 3  ? 1.007  11.299 7.826   1.00 0.32 ? 3  DA  A C5     1 
ATOM   80  C  C6     . DA  A 1 3  ? -0.049 10.871 7.015   1.00 0.29 ? 3  DA  A C6     1 
ATOM   81  N  N6     . DA  A 1 3  ? -0.867 11.712 6.384   1.00 0.31 ? 3  DA  A N6     1 
ATOM   82  N  N1     . DA  A 1 3  ? -0.234 9.546  6.886   1.00 0.26 ? 3  DA  A N1     1 
ATOM   83  C  C2     . DA  A 1 3  ? 0.572  8.688  7.517   1.00 0.24 ? 3  DA  A C2     1 
ATOM   84  N  N3     . DA  A 1 3  ? 1.600  8.983  8.307   1.00 0.27 ? 3  DA  A N3     1 
ATOM   85  C  C4     . DA  A 1 3  ? 1.763  10.316 8.419   1.00 0.30 ? 3  DA  A C4     1 
ATOM   86  H  "H5'"  . DA  A 1 3  ? 4.585  12.565 13.221  1.00 0.46 ? 3  DA  A "H5'"  1 
ATOM   87  H  "H5''" . DA  A 1 3  ? 6.312  12.513 12.816  1.00 0.46 ? 3  DA  A "H5''" 1 
ATOM   88  H  "H4'"  . DA  A 1 3  ? 5.337  10.298 12.547  1.00 0.39 ? 3  DA  A "H4'"  1 
ATOM   89  H  "H3'"  . DA  A 1 3  ? 6.639  11.753 10.438  1.00 0.41 ? 3  DA  A "H3'"  1 
ATOM   90  H  "H2'"  . DA  A 1 3  ? 5.121  11.493 8.789   1.00 0.37 ? 3  DA  A "H2'"  1 
ATOM   91  H  "H2''" . DA  A 1 3  ? 5.487  9.752  8.846   1.00 0.32 ? 3  DA  A "H2''" 1 
ATOM   92  H  "H1'"  . DA  A 1 3  ? 3.603  9.258  10.025  1.00 0.31 ? 3  DA  A "H1'"  1 
ATOM   93  H  H8     . DA  A 1 3  ? 3.102  13.041 9.387   1.00 0.40 ? 3  DA  A H8     1 
ATOM   94  H  H61    . DA  A 1 3  ? -1.618 11.352 5.808   1.00 0.30 ? 3  DA  A H61    1 
ATOM   95  H  H62    . DA  A 1 3  ? -0.739 12.708 6.482   1.00 0.34 ? 3  DA  A H62    1 
ATOM   96  H  H2     . DA  A 1 3  ? 0.363  7.627  7.367   1.00 0.22 ? 3  DA  A H2     1 
ATOM   97  P  P      . DA  A 1 4  ? 7.854  9.133  9.657   1.00 0.35 ? 4  DA  A P      1 
ATOM   98  O  OP1    . DA  A 1 4  ? 8.883  8.269  10.276  1.00 0.35 ? 4  DA  A OP1    1 
ATOM   99  O  OP2    . DA  A 1 4  ? 8.263  10.250 8.775   1.00 0.37 ? 4  DA  A OP2    1 
ATOM   100 O  "O5'"  . DA  A 1 4  ? 6.827  8.194  8.838   1.00 0.31 ? 4  DA  A "O5'"  1 
ATOM   101 C  "C5'"  . DA  A 1 4  ? 6.379  6.946  9.386   1.00 0.30 ? 4  DA  A "C5'"  1 
ATOM   102 C  "C4'"  . DA  A 1 4  ? 5.667  6.080  8.344   1.00 0.26 ? 4  DA  A "C4'"  1 
ATOM   103 O  "O4'"  . DA  A 1 4  ? 4.417  6.679  7.927   1.00 0.25 ? 4  DA  A "O4'"  1 
ATOM   104 C  "C3'"  . DA  A 1 4  ? 6.535  5.893  7.105   1.00 0.27 ? 4  DA  A "C3'"  1 
ATOM   105 O  "O3'"  . DA  A 1 4  ? 6.869  4.510  6.919   1.00 0.28 ? 4  DA  A "O3'"  1 
ATOM   106 C  "C2'"  . DA  A 1 4  ? 5.713  6.413  5.952   1.00 0.24 ? 4  DA  A "C2'"  1 
ATOM   107 C  "C1'"  . DA  A 1 4  ? 4.317  6.653  6.488   1.00 0.23 ? 4  DA  A "C1'"  1 
ATOM   108 N  N9     . DA  A 1 4  ? 3.771  7.919  5.971   1.00 0.23 ? 4  DA  A N9     1 
ATOM   109 C  C8     . DA  A 1 4  ? 4.180  9.185  6.207   1.00 0.25 ? 4  DA  A C8     1 
ATOM   110 N  N7     . DA  A 1 4  ? 3.526  10.142 5.641   1.00 0.26 ? 4  DA  A N7     1 
ATOM   111 C  C5     . DA  A 1 4  ? 2.551  9.433  4.929   1.00 0.24 ? 4  DA  A C5     1 
ATOM   112 C  C6     . DA  A 1 4  ? 1.507  9.839  4.090   1.00 0.25 ? 4  DA  A C6     1 
ATOM   113 N  N6     . DA  A 1 4  ? 1.247  11.117 3.820   1.00 0.27 ? 4  DA  A N6     1 
ATOM   114 N  N1     . DA  A 1 4  ? 0.737  8.880  3.547   1.00 0.24 ? 4  DA  A N1     1 
ATOM   115 C  C2     . DA  A 1 4  ? 0.977  7.592  3.814   1.00 0.22 ? 4  DA  A C2     1 
ATOM   116 N  N3     . DA  A 1 4  ? 1.937  7.098  4.593   1.00 0.21 ? 4  DA  A N3     1 
ATOM   117 C  C4     . DA  A 1 4  ? 2.694  8.078  5.123   1.00 0.22 ? 4  DA  A C4     1 
ATOM   118 H  "H5'"  . DA  A 1 4  ? 5.693  7.145  10.210  1.00 0.31 ? 4  DA  A "H5'"  1 
ATOM   119 H  "H5''" . DA  A 1 4  ? 7.241  6.398  9.768   1.00 0.31 ? 4  DA  A "H5''" 1 
ATOM   120 H  "H4'"  . DA  A 1 4  ? 5.462  5.102  8.779   1.00 0.27 ? 4  DA  A "H4'"  1 
ATOM   121 H  "H3'"  . DA  A 1 4  ? 7.446  6.490  7.201   1.00 0.30 ? 4  DA  A "H3'"  1 
ATOM   122 H  "H2'"  . DA  A 1 4  ? 6.138  7.348  5.587   1.00 0.25 ? 4  DA  A "H2'"  1 
ATOM   123 H  "H2''" . DA  A 1 4  ? 5.682  5.683  5.154   1.00 0.24 ? 4  DA  A "H2''" 1 
ATOM   124 H  "H1'"  . DA  A 1 4  ? 3.669  5.830  6.186   1.00 0.22 ? 4  DA  A "H1'"  1 
ATOM   125 H  H8     . DA  A 1 4  ? 5.045  9.383  6.837   1.00 0.27 ? 4  DA  A H8     1 
ATOM   126 H  H61    . DA  A 1 4  ? 0.481  11.359 3.207   1.00 0.28 ? 4  DA  A H61    1 
ATOM   127 H  H62    . DA  A 1 4  ? 1.815  11.845 4.230   1.00 0.29 ? 4  DA  A H62    1 
ATOM   128 H  H2     . DA  A 1 4  ? 0.316  6.868  3.340   1.00 0.22 ? 4  DA  A H2     1 
ATOM   129 P  P      . DG  A 1 5  ? 7.699  4.019  5.624   1.00 0.31 ? 5  DG  A P      1 
ATOM   130 O  OP1    . DG  A 1 5  ? 8.349  2.731  5.956   1.00 0.37 ? 5  DG  A OP1    1 
ATOM   131 O  OP2    . DG  A 1 5  ? 8.519  5.152  5.137   1.00 0.35 ? 5  DG  A OP2    1 
ATOM   132 O  "O5'"  . DG  A 1 5  ? 6.538  3.737  4.541   1.00 0.25 ? 5  DG  A "O5'"  1 
ATOM   133 C  "C5'"  . DG  A 1 5  ? 5.793  2.509  4.561   1.00 0.23 ? 5  DG  A "C5'"  1 
ATOM   134 C  "C4'"  . DG  A 1 5  ? 4.949  2.337  3.297   1.00 0.20 ? 5  DG  A "C4'"  1 
ATOM   135 O  "O4'"  . DG  A 1 5  ? 3.965  3.398  3.183   1.00 0.15 ? 5  DG  A "O4'"  1 
ATOM   136 C  "C3'"  . DG  A 1 5  ? 5.827  2.393  2.049   1.00 0.22 ? 5  DG  A "C3'"  1 
ATOM   137 O  "O3'"  . DG  A 1 5  ? 5.555  1.306  1.158   1.00 0.24 ? 5  DG  A "O3'"  1 
ATOM   138 C  "C2'"  . DG  A 1 5  ? 5.466  3.678  1.382   1.00 0.21 ? 5  DG  A "C2'"  1 
ATOM   139 C  "C1'"  . DG  A 1 5  ? 4.081  4.008  1.881   1.00 0.16 ? 5  DG  A "C1'"  1 
ATOM   140 N  N9     . DG  A 1 5  ? 3.876  5.464  1.922   1.00 0.14 ? 5  DG  A N9     1 
ATOM   141 C  C8     . DG  A 1 5  ? 4.506  6.407  2.660   1.00 0.17 ? 5  DG  A C8     1 
ATOM   142 N  N7     . DG  A 1 5  ? 4.180  7.640  2.460   1.00 0.18 ? 5  DG  A N7     1 
ATOM   143 C  C5     . DG  A 1 5  ? 3.209  7.516  1.461   1.00 0.14 ? 5  DG  A C5     1 
ATOM   144 C  C6     . DG  A 1 5  ? 2.454  8.515  0.798   1.00 0.15 ? 5  DG  A C6     1 
ATOM   145 O  O6     . DG  A 1 5  ? 2.490  9.731  0.960   1.00 0.18 ? 5  DG  A O6     1 
ATOM   146 N  N1     . DG  A 1 5  ? 1.592  7.966  -0.140  1.00 0.14 ? 5  DG  A N1     1 
ATOM   147 C  C2     . DG  A 1 5  ? 1.462  6.620  -0.407  1.00 0.15 ? 5  DG  A C2     1 
ATOM   148 N  N2     . DG  A 1 5  ? 0.576  6.289  -1.341  1.00 0.20 ? 5  DG  A N2     1 
ATOM   149 N  N3     . DG  A 1 5  ? 2.165  5.671  0.212   1.00 0.15 ? 5  DG  A N3     1 
ATOM   150 C  C4     . DG  A 1 5  ? 3.017  6.185  1.130   1.00 0.13 ? 5  DG  A C4     1 
ATOM   151 H  "H5'"  . DG  A 1 5  ? 5.134  2.507  5.431   1.00 0.22 ? 5  DG  A "H5'"  1 
ATOM   152 H  "H5''" . DG  A 1 5  ? 6.488  1.673  4.641   1.00 0.28 ? 5  DG  A "H5''" 1 
ATOM   153 H  "H4'"  . DG  A 1 5  ? 4.437  1.376  3.334   1.00 0.21 ? 5  DG  A "H4'"  1 
ATOM   154 H  "H3'"  . DG  A 1 5  ? 6.882  2.400  2.331   1.00 0.24 ? 5  DG  A "H3'"  1 
ATOM   155 H  "H2'"  . DG  A 1 5  ? 6.168  4.460  1.673   1.00 0.22 ? 5  DG  A "H2'"  1 
ATOM   156 H  "H2''" . DG  A 1 5  ? 5.463  3.555  0.306   1.00 0.24 ? 5  DG  A "H2''" 1 
ATOM   157 H  "H1'"  . DG  A 1 5  ? 3.345  3.559  1.211   1.00 0.16 ? 5  DG  A "H1'"  1 
ATOM   158 H  H8     . DG  A 1 5  ? 5.270  6.137  3.384   1.00 0.19 ? 5  DG  A H8     1 
ATOM   159 H  H1     . DG  A 1 5  ? 1.038  8.624  -0.666  1.00 0.15 ? 5  DG  A H1     1 
ATOM   160 H  H21    . DG  A 1 5  ? 0.041  7.010  -1.806  1.00 0.21 ? 5  DG  A H21    1 
ATOM   161 H  H22    . DG  A 1 5  ? 0.433  5.317  -1.584  1.00 0.24 ? 5  DG  A H22    1 
ATOM   162 P  P      . DC  A 1 6  ? 6.711  0.731  0.194   1.00 0.27 ? 6  DC  A P      1 
ATOM   163 O  OP1    . DC  A 1 6  ? 7.098  -0.614 0.677   1.00 0.31 ? 6  DC  A OP1    1 
ATOM   164 O  OP2    . DC  A 1 6  ? 7.745  1.780  0.030   1.00 0.26 ? 6  DC  A OP2    1 
ATOM   165 O  "O5'"  . DC  A 1 6  ? 5.936  0.570  -1.211  1.00 0.27 ? 6  DC  A "O5'"  1 
ATOM   166 C  "C5'"  . DC  A 1 6  ? 4.833  -0.333 -1.354  1.00 0.28 ? 6  DC  A "C5'"  1 
ATOM   167 C  "C4'"  . DC  A 1 6  ? 3.904  0.088  -2.494  1.00 0.29 ? 6  DC  A "C4'"  1 
ATOM   168 O  "O4'"  . DC  A 1 6  ? 3.207  1.316  -2.169  1.00 0.28 ? 6  DC  A "O4'"  1 
ATOM   169 C  "C3'"  . DC  A 1 6  ? 4.692  0.315  -3.777  1.00 0.30 ? 6  DC  A "C3'"  1 
ATOM   170 O  "O3'"  . DC  A 1 6  ? 4.248  -0.566 -4.815  1.00 0.32 ? 6  DC  A "O3'"  1 
ATOM   171 C  "C2'"  . DC  A 1 6  ? 4.451  1.756  -4.153  1.00 0.29 ? 6  DC  A "C2'"  1 
ATOM   172 C  "C1'"  . DC  A 1 6  ? 3.345  2.266  -3.248  1.00 0.27 ? 6  DC  A "C1'"  1 
ATOM   173 N  N1     . DC  A 1 6  ? 3.672  3.614  -2.729  1.00 0.26 ? 6  DC  A N1     1 
ATOM   174 C  C2     . DC  A 1 6  ? 2.862  4.678  -3.115  1.00 0.26 ? 6  DC  A C2     1 
ATOM   175 O  O2     . DC  A 1 6  ? 1.886  4.486  -3.835  1.00 0.27 ? 6  DC  A O2     1 
ATOM   176 N  N3     . DC  A 1 6  ? 3.175  5.924  -2.660  1.00 0.25 ? 6  DC  A N3     1 
ATOM   177 C  C4     . DC  A 1 6  ? 4.229  6.120  -1.858  1.00 0.25 ? 6  DC  A C4     1 
ATOM   178 N  N4     . DC  A 1 6  ? 4.501  7.347  -1.418  1.00 0.25 ? 6  DC  A N4     1 
ATOM   179 C  C5     . DC  A 1 6  ? 5.059  5.033  -1.459  1.00 0.25 ? 6  DC  A C5     1 
ATOM   180 C  C6     . DC  A 1 6  ? 4.747  3.805  -1.913  1.00 0.26 ? 6  DC  A C6     1 
ATOM   181 H  "H5'"  . DC  A 1 6  ? 4.265  -0.358 -0.424  1.00 0.29 ? 6  DC  A "H5'"  1 
ATOM   182 H  "H5''" . DC  A 1 6  ? 5.218  -1.331 -1.563  1.00 0.30 ? 6  DC  A "H5''" 1 
ATOM   183 H  "H4'"  . DC  A 1 6  ? 3.170  -0.700 -2.664  1.00 0.30 ? 6  DC  A "H4'"  1 
ATOM   184 H  "H3'"  . DC  A 1 6  ? 5.757  0.158  -3.587  1.00 0.30 ? 6  DC  A "H3'"  1 
ATOM   185 H  "H2'"  . DC  A 1 6  ? 5.351  2.334  -3.982  1.00 0.29 ? 6  DC  A "H2'"  1 
ATOM   186 H  "H2''" . DC  A 1 6  ? 4.156  1.831  -5.198  1.00 0.31 ? 6  DC  A "H2''" 1 
ATOM   187 H  "H1'"  . DC  A 1 6  ? 2.411  2.311  -3.809  1.00 0.27 ? 6  DC  A "H1'"  1 
ATOM   188 H  H41    . DC  A 1 6  ? 3.910  8.126  -1.686  1.00 0.25 ? 6  DC  A H41    1 
ATOM   189 H  H42    . DC  A 1 6  ? 5.293  7.499  -0.806  1.00 0.25 ? 6  DC  A H42    1 
ATOM   190 H  H5     . DC  A 1 6  ? 5.923  5.191  -0.814  1.00 0.25 ? 6  DC  A H5     1 
ATOM   191 H  H6     . DC  A 1 6  ? 5.361  2.953  -1.621  1.00 0.26 ? 6  DC  A H6     1 
ATOM   192 P  P      . DT  A 1 7  ? 5.226  -0.975 -6.028  1.00 0.36 ? 7  DT  A P      1 
ATOM   193 O  OP1    . DT  A 1 7  ? 4.582  -2.071 -6.786  1.00 0.41 ? 7  DT  A OP1    1 
ATOM   194 O  OP2    . DT  A 1 7  ? 6.593  -1.151 -5.491  1.00 0.36 ? 7  DT  A OP2    1 
ATOM   195 O  "O5'"  . DT  A 1 7  ? 5.213  0.345  -6.951  1.00 0.39 ? 7  DT  A "O5'"  1 
ATOM   196 C  "C5'"  . DT  A 1 7  ? 4.111  0.616  -7.825  1.00 0.44 ? 7  DT  A "C5'"  1 
ATOM   197 C  "C4'"  . DT  A 1 7  ? 4.452  1.699  -8.847  1.00 0.46 ? 7  DT  A "C4'"  1 
ATOM   198 O  "O4'"  . DT  A 1 7  ? 4.821  2.928  -8.184  1.00 0.43 ? 7  DT  A "O4'"  1 
ATOM   199 C  "C3'"  . DT  A 1 7  ? 5.614  1.267  -9.730  1.00 0.47 ? 7  DT  A "C3'"  1 
ATOM   200 O  "O3'"  . DT  A 1 7  ? 5.247  1.342  -11.115 1.00 0.52 ? 7  DT  A "O3'"  1 
ATOM   201 C  "C2'"  . DT  A 1 7  ? 6.743  2.222  -9.410  1.00 0.44 ? 7  DT  A "C2'"  1 
ATOM   202 C  "C1'"  . DT  A 1 7  ? 6.125  3.364  -8.617  1.00 0.42 ? 7  DT  A "C1'"  1 
ATOM   203 N  N1     . DT  A 1 7  ? 6.953  3.751  -7.449  1.00 0.37 ? 7  DT  A N1     1 
ATOM   204 C  C2     . DT  A 1 7  ? 7.187  5.102  -7.253  1.00 0.37 ? 7  DT  A C2     1 
ATOM   205 O  O2     . DT  A 1 7  ? 6.797  5.958  -8.041  1.00 0.40 ? 7  DT  A O2     1 
ATOM   206 N  N3     . DT  A 1 7  ? 7.897  5.438  -6.119  1.00 0.35 ? 7  DT  A N3     1 
ATOM   207 C  C4     . DT  A 1 7  ? 8.388  4.560  -5.174  1.00 0.34 ? 7  DT  A C4     1 
ATOM   208 O  O4     . DT  A 1 7  ? 9.006  4.977  -4.197  1.00 0.35 ? 7  DT  A O4     1 
ATOM   209 C  C5     . DT  A 1 7  ? 8.100  3.171  -5.458  1.00 0.33 ? 7  DT  A C5     1 
ATOM   210 C  C7     . DT  A 1 7  ? 8.539  2.090  -4.474  1.00 0.34 ? 7  DT  A C7     1 
ATOM   211 C  C6     . DT  A 1 7  ? 7.412  2.814  -6.560  1.00 0.35 ? 7  DT  A C6     1 
ATOM   212 H  "H5'"  . DT  A 1 7  ? 3.259  0.946  -7.230  1.00 0.46 ? 7  DT  A "H5'"  1 
ATOM   213 H  "H5''" . DT  A 1 7  ? 3.843  -0.298 -8.354  1.00 0.46 ? 7  DT  A "H5''" 1 
ATOM   214 H  "H4'"  . DT  A 1 7  ? 3.579  1.883  -9.473  1.00 0.51 ? 7  DT  A "H4'"  1 
ATOM   215 H  "H3'"  . DT  A 1 7  ? 5.909  0.243  -9.481  1.00 0.46 ? 7  DT  A "H3'"  1 
ATOM   216 H  "H2'"  . DT  A 1 7  ? 7.496  1.713  -8.811  1.00 0.41 ? 7  DT  A "H2'"  1 
ATOM   217 H  "H2''" . DT  A 1 7  ? 7.189  2.602  -10.328 1.00 0.48 ? 7  DT  A "H2''" 1 
ATOM   218 H  "H1'"  . DT  A 1 7  ? 6.011  4.227  -9.273  1.00 0.45 ? 7  DT  A "H1'"  1 
ATOM   219 H  H3     . DT  A 1 7  ? 8.071  6.418  -5.962  1.00 0.36 ? 7  DT  A H3     1 
ATOM   220 H  H71    . DT  A 1 7  ? 9.075  2.550  -3.645  1.00 0.35 ? 7  DT  A H71    1 
ATOM   221 H  H72    . DT  A 1 7  ? 7.659  1.570  -4.093  1.00 0.34 ? 7  DT  A H72    1 
ATOM   222 H  H73    . DT  A 1 7  ? 9.190  1.380  -4.982  1.00 0.34 ? 7  DT  A H73    1 
ATOM   223 H  H6     . DT  A 1 7  ? 7.238  1.758  -6.756  1.00 0.35 ? 7  DT  A H6     1 
ATOM   224 P  P      . DT  A 1 8  ? 6.313  1.001  -12.273 1.00 0.50 ? 8  DT  A P      1 
ATOM   225 O  OP1    . DT  A 1 8  ? 5.570  0.619  -13.495 1.00 0.58 ? 8  DT  A OP1    1 
ATOM   226 O  OP2    . DT  A 1 8  ? 7.334  0.085  -11.714 1.00 0.47 ? 8  DT  A OP2    1 
ATOM   227 O  "O5'"  . DT  A 1 8  ? 7.013  2.432  -12.532 1.00 0.44 ? 8  DT  A "O5'"  1 
ATOM   228 C  "C5'"  . DT  A 1 8  ? 6.317  3.464  -13.242 1.00 0.51 ? 8  DT  A "C5'"  1 
ATOM   229 C  "C4'"  . DT  A 1 8  ? 7.175  4.716  -13.432 1.00 0.55 ? 8  DT  A "C4'"  1 
ATOM   230 O  "O4'"  . DT  A 1 8  ? 7.464  5.355  -12.165 1.00 0.57 ? 8  DT  A "O4'"  1 
ATOM   231 C  "C3'"  . DT  A 1 8  ? 8.508  4.376  -14.096 1.00 0.51 ? 8  DT  A "C3'"  1 
ATOM   232 O  "O3'"  . DT  A 1 8  ? 8.628  5.048  -15.362 1.00 0.67 ? 8  DT  A "O3'"  1 
ATOM   233 C  "C2'"  . DT  A 1 8  ? 9.563  4.842  -13.120 1.00 0.46 ? 8  DT  A "C2'"  1 
ATOM   234 C  "C1'"  . DT  A 1 8  ? 8.845  5.756  -12.149 1.00 0.52 ? 8  DT  A "C1'"  1 
ATOM   235 N  N1     . DT  A 1 8  ? 9.422  5.677  -10.789 1.00 0.47 ? 8  DT  A N1     1 
ATOM   236 C  C2     . DT  A 1 8  ? 9.771  6.870  -10.181 1.00 0.51 ? 8  DT  A C2     1 
ATOM   237 O  O2     . DT  A 1 8  ? 9.628  7.957  -10.734 1.00 0.56 ? 8  DT  A O2     1 
ATOM   238 N  N3     . DT  A 1 8  ? 10.303 6.773  -8.914  1.00 0.52 ? 8  DT  A N3     1 
ATOM   239 C  C4     . DT  A 1 8  ? 10.516 5.609  -8.206  1.00 0.51 ? 8  DT  A C4     1 
ATOM   240 O  O4     . DT  A 1 8  ? 10.995 5.649  -7.075  1.00 0.57 ? 8  DT  A O4     1 
ATOM   241 C  C5     . DT  A 1 8  ? 10.125 4.409  -8.915  1.00 0.45 ? 8  DT  A C5     1 
ATOM   242 C  C7     . DT  A 1 8  ? 10.326 3.046  -8.256  1.00 0.46 ? 8  DT  A C7     1 
ATOM   243 C  C6     . DT  A 1 8  ? 9.600  4.475  -10.156 1.00 0.43 ? 8  DT  A C6     1 
ATOM   244 H  "H5'"  . DT  A 1 8  ? 5.418  3.733  -12.687 1.00 0.59 ? 8  DT  A "H5'"  1 
ATOM   245 H  "H5''" . DT  A 1 8  ? 6.026  3.084  -14.223 1.00 0.52 ? 8  DT  A "H5''" 1 
ATOM   246 H  "H4'"  . DT  A 1 8  ? 6.637  5.419  -14.066 1.00 0.66 ? 8  DT  A "H4'"  1 
ATOM   247 H  "H3'"  . DT  A 1 8  ? 8.588  3.294  -14.233 1.00 0.47 ? 8  DT  A "H3'"  1 
ATOM   248 H  "H2'"  . DT  A 1 8  ? 9.975  3.983  -12.590 1.00 0.39 ? 8  DT  A "H2'"  1 
ATOM   249 H  "H2''" . DT  A 1 8  ? 10.354 5.384  -13.635 1.00 0.53 ? 8  DT  A "H2''" 1 
ATOM   250 H  "H1'"  . DT  A 1 8  ? 8.919  6.782  -12.510 1.00 0.63 ? 8  DT  A "H1'"  1 
ATOM   251 H  H3     . DT  A 1 8  ? 10.562 7.638  -8.461  1.00 0.57 ? 8  DT  A H3     1 
ATOM   252 H  H71    . DT  A 1 8  ? 10.703 3.182  -7.241  1.00 0.92 ? 8  DT  A H71    1 
ATOM   253 H  H72    . DT  A 1 8  ? 9.377  2.514  -8.222  1.00 0.81 ? 8  DT  A H72    1 
ATOM   254 H  H73    . DT  A 1 8  ? 11.046 2.465  -8.834  1.00 0.91 ? 8  DT  A H73    1 
ATOM   255 H  H6     . DT  A 1 8  ? 9.310  3.555  -10.663 1.00 0.41 ? 8  DT  A H6     1 
ATOM   256 P  P      . DC  A 1 9  ? 10.039 5.140  -16.143 1.00 0.77 ? 9  DC  A P      1 
ATOM   257 O  OP1    . DC  A 1 9  ? 9.757  5.358  -17.580 1.00 0.93 ? 9  DC  A OP1    1 
ATOM   258 O  OP2    . DC  A 1 9  ? 10.882 3.998  -15.724 1.00 0.69 ? 9  DC  A OP2    1 
ATOM   259 O  "O5'"  . DC  A 1 9  ? 10.686 6.494  -15.546 1.00 0.83 ? 9  DC  A "O5'"  1 
ATOM   260 C  "C5'"  . DC  A 1 9  ? 10.066 7.766  -15.783 1.00 0.97 ? 9  DC  A "C5'"  1 
ATOM   261 C  "C4'"  . DC  A 1 9  ? 10.865 8.919  -15.174 1.00 1.01 ? 9  DC  A "C4'"  1 
ATOM   262 O  "O4'"  . DC  A 1 9  ? 11.012 8.744  -13.744 1.00 0.89 ? 9  DC  A "O4'"  1 
ATOM   263 C  "C3'"  . DC  A 1 9  ? 12.261 9.009  -15.784 1.00 1.07 ? 9  DC  A "C3'"  1 
ATOM   264 O  "O3'"  . DC  A 1 9  ? 12.494 10.326 -16.317 1.00 1.23 ? 9  DC  A "O3'"  1 
ATOM   265 C  "C2'"  . DC  A 1 9  ? 13.208 8.701  -14.653 1.00 0.96 ? 9  DC  A "C2'"  1 
ATOM   266 C  "C1'"  . DC  A 1 9  ? 12.401 8.851  -13.378 1.00 0.85 ? 9  DC  A "C1'"  1 
ATOM   267 N  N1     . DC  A 1 9  ? 12.768 7.823  -12.382 1.00 0.67 ? 9  DC  A N1     1 
ATOM   268 C  C2     . DC  A 1 9  ? 13.188 8.264  -11.136 1.00 0.56 ? 9  DC  A C2     1 
ATOM   269 O  O2     . DC  A 1 9  ? 13.273 9.465  -10.904 1.00 0.61 ? 9  DC  A O2     1 
ATOM   270 N  N3     . DC  A 1 9  ? 13.502 7.337  -10.194 1.00 0.44 ? 9  DC  A N3     1 
ATOM   271 C  C4     . DC  A 1 9  ? 13.410 6.030  -10.458 1.00 0.42 ? 9  DC  A C4     1 
ATOM   272 N  N4     . DC  A 1 9  ? 13.724 5.152  -9.507  1.00 0.38 ? 9  DC  A N4     1 
ATOM   273 C  C5     . DC  A 1 9  ? 12.980 5.567  -11.742 1.00 0.51 ? 9  DC  A C5     1 
ATOM   274 C  C6     . DC  A 1 9  ? 12.672 6.494  -12.671 1.00 0.64 ? 9  DC  A C6     1 
ATOM   275 H  "H5'"  . DC  A 1 9  ? 9.067  7.759  -15.347 1.00 0.96 ? 9  DC  A "H5'"  1 
ATOM   276 H  "H5''" . DC  A 1 9  ? 9.981  7.924  -16.859 1.00 1.08 ? 9  DC  A "H5''" 1 
ATOM   277 H  "H4'"  . DC  A 1 9  ? 10.337 9.853  -15.362 1.00 1.13 ? 9  DC  A "H4'"  1 
ATOM   278 H  "H3'"  . DC  A 1 9  ? 12.370 8.258  -16.571 1.00 1.09 ? 9  DC  A "H3'"  1 
ATOM   279 H  "H2'"  . DC  A 1 9  ? 13.573 7.679  -14.747 1.00 0.90 ? 9  DC  A "H2'"  1 
ATOM   280 H  "H2''" . DC  A 1 9  ? 14.042 9.395  -14.654 1.00 1.04 ? 9  DC  A "H2''" 1 
ATOM   281 H  "H1'"  . DC  A 1 9  ? 12.583 9.840  -12.957 1.00 0.92 ? 9  DC  A "H1'"  1 
ATOM   282 H  H41    . DC  A 1 9  ? 14.028 5.481  -8.597  1.00 0.38 ? 9  DC  A H41    1 
ATOM   283 H  H42    . DC  A 1 9  ? 13.658 4.160  -9.691  1.00 0.41 ? 9  DC  A H42    1 
ATOM   284 H  H5     . DC  A 1 9  ? 12.903 4.502  -11.962 1.00 0.51 ? 9  DC  A H5     1 
ATOM   285 H  H6     . DC  A 1 9  ? 12.361 6.182  -13.668 1.00 0.73 ? 9  DC  A H6     1 
ATOM   286 P  P      . DC  A 1 10 ? 13.978 10.844 -16.698 1.00 1.34 ? 10 DC  A P      1 
ATOM   287 O  OP1    . DC  A 1 10 ? 13.858 11.805 -17.814 1.00 1.52 ? 10 DC  A OP1    1 
ATOM   288 O  OP2    . DC  A 1 10 ? 14.867 9.666  -16.832 1.00 1.29 ? 10 DC  A OP2    1 
ATOM   289 O  "O5'"  . DC  A 1 10 ? 14.419 11.661 -15.376 1.00 1.30 ? 10 DC  A "O5'"  1 
ATOM   290 C  "C5'"  . DC  A 1 10 ? 13.897 12.973 -15.125 1.00 1.40 ? 10 DC  A "C5'"  1 
ATOM   291 C  "C4'"  . DC  A 1 10 ? 14.552 13.635 -13.911 1.00 1.32 ? 10 DC  A "C4'"  1 
ATOM   292 O  "O4'"  . DC  A 1 10 ? 14.340 12.855 -12.714 1.00 1.13 ? 10 DC  A "O4'"  1 
ATOM   293 C  "C3'"  . DC  A 1 10 ? 16.054 13.789 -14.104 1.00 1.36 ? 10 DC  A "C3'"  1 
ATOM   294 O  "O3'"  . DC  A 1 10 ? 16.394 15.121 -14.503 1.00 1.54 ? 10 DC  A "O3'"  1 
ATOM   295 C  "C2'"  . DC  A 1 10 ? 16.658 13.449 -12.768 1.00 1.18 ? 10 DC  A "C2'"  1 
ATOM   296 C  "C1'"  . DC  A 1 10 ? 15.589 12.678 -12.007 1.00 1.04 ? 10 DC  A "C1'"  1 
ATOM   297 N  N1     . DC  A 1 10 ? 15.928 11.242 -11.904 1.00 0.92 ? 10 DC  A N1     1 
ATOM   298 C  C2     . DC  A 1 10 ? 16.577 10.820 -10.754 1.00 0.81 ? 10 DC  A C2     1 
ATOM   299 O  O2     . DC  A 1 10 ? 16.874 11.627 -9.878  1.00 0.78 ? 10 DC  A O2     1 
ATOM   300 N  N3     . DC  A 1 10 ? 16.872 9.499  -10.627 1.00 0.76 ? 10 DC  A N3     1 
ATOM   301 C  C4     . DC  A 1 10 ? 16.552 8.626  -11.586 1.00 0.80 ? 10 DC  A C4     1 
ATOM   302 N  N4     . DC  A 1 10 ? 16.853 7.340  -11.419 1.00 0.79 ? 10 DC  A N4     1 
ATOM   303 C  C5     . DC  A 1 10 ? 15.887 9.052  -12.777 1.00 0.89 ? 10 DC  A C5     1 
ATOM   304 C  C6     . DC  A 1 10 ? 15.594 10.362 -12.895 1.00 0.97 ? 10 DC  A C6     1 
ATOM   305 H  "H5'"  . DC  A 1 10 ? 12.824 12.898 -14.950 1.00 1.39 ? 10 DC  A "H5'"  1 
ATOM   306 H  "H5''" . DC  A 1 10 ? 14.070 13.597 -16.003 1.00 1.56 ? 10 DC  A "H5''" 1 
ATOM   307 H  "H4'"  . DC  A 1 10 ? 14.113 14.621 -13.769 1.00 1.41 ? 10 DC  A "H4'"  1 
ATOM   308 H  "H3'"  . DC  A 1 10 ? 16.402 13.072 -14.851 1.00 1.40 ? 10 DC  A "H3'"  1 
ATOM   309 H  "HO3'" . DC  A 1 10 ? 17.352 15.174 -14.537 1.00 1.63 ? 10 DC  A "HO3'" 1 
ATOM   310 H  "H2'"  . DC  A 1 10 ? 17.556 12.843 -12.895 1.00 1.17 ? 10 DC  A "H2'"  1 
ATOM   311 H  "H2''" . DC  A 1 10 ? 16.902 14.367 -12.232 1.00 1.19 ? 10 DC  A "H2''" 1 
ATOM   312 H  "H1'"  . DC  A 1 10 ? 15.493 13.095 -11.004 1.00 0.98 ? 10 DC  A "H1'"  1 
ATOM   313 H  H41    . DC  A 1 10 ? 17.319 7.037  -10.572 1.00 0.78 ? 10 DC  A H41    1 
ATOM   314 H  H42    . DC  A 1 10 ? 16.614 6.667  -12.132 1.00 0.82 ? 10 DC  A H42    1 
ATOM   315 H  H5     . DC  A 1 10 ? 15.631 8.343  -13.563 1.00 0.93 ? 10 DC  A H5     1 
ATOM   316 H  H6     . DC  A 1 10 ? 15.071 10.719 -13.784 1.00 1.08 ? 10 DC  A H6     1 
ATOM   317 O  "O5'"  . DG  B 1 1  ? 20.705 5.565  -1.737  1.00 1.34 ? 11 DG  B "O5'"  1 
ATOM   318 C  "C5'"  . DG  B 1 1  ? 21.568 6.535  -1.136  1.00 1.39 ? 11 DG  B "C5'"  1 
ATOM   319 C  "C4'"  . DG  B 1 1  ? 21.199 7.954  -1.560  1.00 1.26 ? 11 DG  B "C4'"  1 
ATOM   320 O  "O4'"  . DG  B 1 1  ? 21.301 8.102  -2.996  1.00 1.18 ? 11 DG  B "O4'"  1 
ATOM   321 C  "C3'"  . DG  B 1 1  ? 19.769 8.287  -1.150  1.00 1.15 ? 11 DG  B "C3'"  1 
ATOM   322 O  "O3'"  . DG  B 1 1  ? 19.741 9.446  -0.304  1.00 1.16 ? 11 DG  B "O3'"  1 
ATOM   323 C  "C2'"  . DG  B 1 1  ? 19.027 8.537  -2.438  1.00 1.00 ? 11 DG  B "C2'"  1 
ATOM   324 C  "C1'"  . DG  B 1 1  ? 20.077 8.650  -3.524  1.00 1.01 ? 11 DG  B "C1'"  1 
ATOM   325 N  N9     . DG  B 1 1  ? 19.652 7.931  -4.739  1.00 0.96 ? 11 DG  B N9     1 
ATOM   326 C  C8     . DG  B 1 1  ? 19.725 6.611  -5.036  1.00 1.03 ? 11 DG  B C8     1 
ATOM   327 N  N7     . DG  B 1 1  ? 19.280 6.233  -6.189  1.00 0.97 ? 11 DG  B N7     1 
ATOM   328 C  C5     . DG  B 1 1  ? 18.852 7.445  -6.738  1.00 0.85 ? 11 DG  B C5     1 
ATOM   329 C  C6     . DG  B 1 1  ? 18.257 7.717  -8.000  1.00 0.78 ? 11 DG  B C6     1 
ATOM   330 O  O6     . DG  B 1 1  ? 17.985 6.931  -8.904  1.00 0.79 ? 11 DG  B O6     1 
ATOM   331 N  N1     . DG  B 1 1  ? 17.980 9.066  -8.152  1.00 0.73 ? 11 DG  B N1     1 
ATOM   332 C  C2     . DG  B 1 1  ? 18.238 10.040 -7.212  1.00 0.73 ? 11 DG  B C2     1 
ATOM   333 N  N2     . DG  B 1 1  ? 17.895 11.280 -7.537  1.00 0.71 ? 11 DG  B N2     1 
ATOM   334 N  N3     . DG  B 1 1  ? 18.796 9.797  -6.027  1.00 0.78 ? 11 DG  B N3     1 
ATOM   335 C  C4     . DG  B 1 1  ? 19.076 8.488  -5.854  1.00 0.85 ? 11 DG  B C4     1 
ATOM   336 H  "H5'"  . DG  B 1 1  ? 22.595 6.330  -1.437  1.00 1.48 ? 11 DG  B "H5'"  1 
ATOM   337 H  "H5''" . DG  B 1 1  ? 21.493 6.455  -0.051  1.00 1.46 ? 11 DG  B "H5''" 1 
ATOM   338 H  "H4'"  . DG  B 1 1  ? 21.879 8.657  -1.081  1.00 1.31 ? 11 DG  B "H4'"  1 
ATOM   339 H  "H3'"  . DG  B 1 1  ? 19.326 7.434  -0.631  1.00 1.21 ? 11 DG  B "H3'"  1 
ATOM   340 H  "H2'"  . DG  B 1 1  ? 18.363 7.699  -2.651  1.00 0.99 ? 11 DG  B "H2'"  1 
ATOM   341 H  "H2''" . DG  B 1 1  ? 18.454 9.462  -2.375  1.00 0.91 ? 11 DG  B "H2''" 1 
ATOM   342 H  "H1'"  . DG  B 1 1  ? 20.228 9.701  -3.766  1.00 0.98 ? 11 DG  B "H1'"  1 
ATOM   343 H  H8     . DG  B 1 1  ? 20.138 5.895  -4.327  1.00 1.14 ? 11 DG  B H8     1 
ATOM   344 H  H1     . DG  B 1 1  ? 17.559 9.332  -9.030  1.00 0.72 ? 11 DG  B H1     1 
ATOM   345 H  H21    . DG  B 1 1  ? 17.471 11.470 -8.437  1.00 0.72 ? 11 DG  B H21    1 
ATOM   346 H  H22    . DG  B 1 1  ? 18.058 12.033 -6.885  1.00 0.72 ? 11 DG  B H22    1 
ATOM   347 H  "HO5'" . DG  B 1 1  ? 20.541 5.852  -2.638  1.00 1.25 ? 11 DG  B "HO5'" 1 
ATOM   348 P  P      . DG  B 1 2  ? 18.344 10.095 0.173   1.00 1.10 ? 12 DG  B P      1 
ATOM   349 O  OP1    . DG  B 1 2  ? 18.633 11.110 1.211   1.00 1.20 ? 12 DG  B OP1    1 
ATOM   350 O  OP2    . DG  B 1 2  ? 17.394 8.995  0.464   1.00 1.17 ? 12 DG  B OP2    1 
ATOM   351 O  "O5'"  . DG  B 1 2  ? 17.837 10.860 -1.154  1.00 0.87 ? 12 DG  B "O5'"  1 
ATOM   352 C  "C5'"  . DG  B 1 2  ? 18.442 12.095 -1.561  1.00 0.80 ? 12 DG  B "C5'"  1 
ATOM   353 C  "C4'"  . DG  B 1 2  ? 17.581 12.838 -2.581  1.00 0.62 ? 12 DG  B "C4'"  1 
ATOM   354 O  "O4'"  . DG  B 1 2  ? 17.491 12.097 -3.820  1.00 0.55 ? 12 DG  B "O4'"  1 
ATOM   355 C  "C3'"  . DG  B 1 2  ? 16.171 13.048 -2.047  1.00 0.55 ? 12 DG  B "C3'"  1 
ATOM   356 O  "O3'"  . DG  B 1 2  ? 15.875 14.448 -1.930  1.00 0.46 ? 12 DG  B "O3'"  1 
ATOM   357 C  "C2'"  . DG  B 1 2  ? 15.255 12.374 -3.038  1.00 0.53 ? 12 DG  B "C2'"  1 
ATOM   358 C  "C1'"  . DG  B 1 2  ? 16.111 11.959 -4.217  1.00 0.48 ? 12 DG  B "C1'"  1 
ATOM   359 N  N9     . DG  B 1 2  ? 15.815 10.571 -4.615  1.00 0.49 ? 12 DG  B N9     1 
ATOM   360 C  C8     . DG  B 1 2  ? 15.965 9.426  -3.912  1.00 0.60 ? 12 DG  B C8     1 
ATOM   361 N  N7     . DG  B 1 2  ? 15.647 8.318  -4.493  1.00 0.61 ? 12 DG  B N7     1 
ATOM   362 C  C5     . DG  B 1 2  ? 15.227 8.768  -5.750  1.00 0.48 ? 12 DG  B C5     1 
ATOM   363 C  C6     . DG  B 1 2  ? 14.745 8.035  -6.869  1.00 0.45 ? 12 DG  B C6     1 
ATOM   364 O  O6     . DG  B 1 2  ? 14.585 6.823  -6.981  1.00 0.51 ? 12 DG  B O6     1 
ATOM   365 N  N1     . DG  B 1 2  ? 14.432 8.874  -7.929  1.00 0.39 ? 12 DG  B N1     1 
ATOM   366 C  C2     . DG  B 1 2  ? 14.562 10.245 -7.921  1.00 0.41 ? 12 DG  B C2     1 
ATOM   367 N  N2     . DG  B 1 2  ? 14.204 10.878 -9.031  1.00 0.50 ? 12 DG  B N2     1 
ATOM   368 N  N3     . DG  B 1 2  ? 15.013 10.942 -6.878  1.00 0.41 ? 12 DG  B N3     1 
ATOM   369 C  C4     . DG  B 1 2  ? 15.326 10.149 -5.831  1.00 0.43 ? 12 DG  B C4     1 
ATOM   370 H  "H5'"  . DG  B 1 2  ? 19.417 11.887 -2.003  1.00 0.89 ? 12 DG  B "H5'"  1 
ATOM   371 H  "H5''" . DG  B 1 2  ? 18.578 12.729 -0.684  1.00 0.85 ? 12 DG  B "H5''" 1 
ATOM   372 H  "H4'"  . DG  B 1 2  ? 18.031 13.809 -2.783  1.00 0.62 ? 12 DG  B "H4'"  1 
ATOM   373 H  "H3'"  . DG  B 1 2  ? 16.073 12.562 -1.073  1.00 0.66 ? 12 DG  B "H3'"  1 
ATOM   374 H  "H2'"  . DG  B 1 2  ? 14.800 11.495 -2.581  1.00 0.67 ? 12 DG  B "H2'"  1 
ATOM   375 H  "H2''" . DG  B 1 2  ? 14.483 13.062 -3.366  1.00 0.52 ? 12 DG  B "H2''" 1 
ATOM   376 H  "H1'"  . DG  B 1 2  ? 15.912 12.624 -5.058  1.00 0.44 ? 12 DG  B "H1'"  1 
ATOM   377 H  H8     . DG  B 1 2  ? 16.328 9.445  -2.885  1.00 0.70 ? 12 DG  B H8     1 
ATOM   378 H  H1     . DG  B 1 2  ? 14.085 8.419  -8.763  1.00 0.40 ? 12 DG  B H1     1 
ATOM   379 H  H21    . DG  B 1 2  ? 13.859 10.351 -9.826  1.00 0.52 ? 12 DG  B H21    1 
ATOM   380 H  H22    . DG  B 1 2  ? 14.274 11.884 -9.081  1.00 0.57 ? 12 DG  B H22    1 
ATOM   381 P  P      . DA  B 1 3  ? 14.402 14.959 -1.517  1.00 0.42 ? 13 DA  B P      1 
ATOM   382 O  OP1    . DA  B 1 3  ? 14.507 16.363 -1.064  1.00 0.52 ? 13 DA  B OP1    1 
ATOM   383 O  OP2    . DA  B 1 3  ? 13.781 13.943 -0.635  1.00 0.46 ? 13 DA  B OP2    1 
ATOM   384 O  "O5'"  . DA  B 1 3  ? 13.620 14.937 -2.927  1.00 0.44 ? 13 DA  B "O5'"  1 
ATOM   385 C  "C5'"  . DA  B 1 3  ? 13.896 15.922 -3.933  1.00 0.47 ? 13 DA  B "C5'"  1 
ATOM   386 C  "C4'"  . DA  B 1 3  ? 12.897 15.848 -5.086  1.00 0.46 ? 13 DA  B "C4'"  1 
ATOM   387 O  "O4'"  . DA  B 1 3  ? 13.056 14.618 -5.831  1.00 0.43 ? 13 DA  B "O4'"  1 
ATOM   388 C  "C3'"  . DA  B 1 3  ? 11.470 15.905 -4.563  1.00 0.46 ? 13 DA  B "C3'"  1 
ATOM   389 O  "O3'"  . DA  B 1 3  ? 10.793 17.074 -5.041  1.00 0.52 ? 13 DA  B "O3'"  1 
ATOM   390 C  "C2'"  . DA  B 1 3  ? 10.800 14.650 -5.059  1.00 0.44 ? 13 DA  B "C2'"  1 
ATOM   391 C  "C1'"  . DA  B 1 3  ? 11.781 13.966 -5.993  1.00 0.43 ? 13 DA  B "C1'"  1 
ATOM   392 N  N9     . DA  B 1 3  ? 11.881 12.531 -5.678  1.00 0.41 ? 13 DA  B N9     1 
ATOM   393 C  C8     . DA  B 1 3  ? 12.272 11.930 -4.531  1.00 0.41 ? 13 DA  B C8     1 
ATOM   394 N  N7     . DA  B 1 3  ? 12.259 10.641 -4.494  1.00 0.43 ? 13 DA  B N7     1 
ATOM   395 C  C5     . DA  B 1 3  ? 11.799 10.330 -5.778  1.00 0.44 ? 13 DA  B C5     1 
ATOM   396 C  C6     . DA  B 1 3  ? 11.542 9.116  -6.423  1.00 0.49 ? 13 DA  B C6     1 
ATOM   397 N  N6     . DA  B 1 3  ? 11.723 7.934  -5.841  1.00 0.52 ? 13 DA  B N6     1 
ATOM   398 N  N1     . DA  B 1 3  ? 11.095 9.168  -7.688  1.00 0.55 ? 13 DA  B N1     1 
ATOM   399 C  C2     . DA  B 1 3  ? 10.910 10.346 -8.290  1.00 0.55 ? 13 DA  B C2     1 
ATOM   400 N  N3     . DA  B 1 3  ? 11.121 11.555 -7.775  1.00 0.50 ? 13 DA  B N3     1 
ATOM   401 C  C4     . DA  B 1 3  ? 11.568 11.475 -6.506  1.00 0.44 ? 13 DA  B C4     1 
ATOM   402 H  "H5'"  . DA  B 1 3  ? 14.902 15.763 -4.322  1.00 0.48 ? 13 DA  B "H5'"  1 
ATOM   403 H  "H5''" . DA  B 1 3  ? 13.842 16.914 -3.482  1.00 0.52 ? 13 DA  B "H5''" 1 
ATOM   404 H  "H4'"  . DA  B 1 3  ? 13.063 16.692 -5.757  1.00 0.49 ? 13 DA  B "H4'"  1 
ATOM   405 H  "H3'"  . DA  B 1 3  ? 11.482 15.901 -3.471  1.00 0.46 ? 13 DA  B "H3'"  1 
ATOM   406 H  "H2'"  . DA  B 1 3  ? 10.575 13.998 -4.217  1.00 0.43 ? 13 DA  B "H2'"  1 
ATOM   407 H  "H2''" . DA  B 1 3  ? 9.886  14.895 -5.593  1.00 0.47 ? 13 DA  B "H2''" 1 
ATOM   408 H  "H1'"  . DA  B 1 3  ? 11.442 14.085 -7.023  1.00 0.47 ? 13 DA  B "H1'"  1 
ATOM   409 H  H8     . DA  B 1 3  ? 12.573 12.519 -3.666  1.00 0.43 ? 13 DA  B H8     1 
ATOM   410 H  H61    . DA  B 1 3  ? 11.522 7.081  -6.349  1.00 0.57 ? 13 DA  B H61    1 
ATOM   411 H  H62    . DA  B 1 3  ? 12.065 7.885  -4.891  1.00 0.51 ? 13 DA  B H62    1 
ATOM   412 H  H2     . DA  B 1 3  ? 10.546 10.314 -9.317  1.00 0.63 ? 13 DA  B H2     1 
ATOM   413 P  P      . DA  B 1 4  ? 9.459  17.608 -4.308  1.00 0.56 ? 14 DA  B P      1 
ATOM   414 O  OP1    . DA  B 1 4  ? 9.180  18.978 -4.792  1.00 0.63 ? 14 DA  B OP1    1 
ATOM   415 O  OP2    . DA  B 1 4  ? 9.594  17.351 -2.856  1.00 0.58 ? 14 DA  B OP2    1 
ATOM   416 O  "O5'"  . DA  B 1 4  ? 8.324  16.623 -4.888  1.00 0.53 ? 14 DA  B "O5'"  1 
ATOM   417 C  "C5'"  . DA  B 1 4  ? 7.781  16.826 -6.198  1.00 0.54 ? 14 DA  B "C5'"  1 
ATOM   418 C  "C4'"  . DA  B 1 4  ? 6.892  15.662 -6.627  1.00 0.52 ? 14 DA  B "C4'"  1 
ATOM   419 O  "O4'"  . DA  B 1 4  ? 7.654  14.435 -6.708  1.00 0.48 ? 14 DA  B "O4'"  1 
ATOM   420 C  "C3'"  . DA  B 1 4  ? 5.760  15.445 -5.627  1.00 0.53 ? 14 DA  B "C3'"  1 
ATOM   421 O  "O3'"  . DA  B 1 4  ? 4.484  15.764 -6.197  1.00 0.58 ? 14 DA  B "O3'"  1 
ATOM   422 C  "C2'"  . DA  B 1 4  ? 5.817  13.985 -5.262  1.00 0.49 ? 14 DA  B "C2'"  1 
ATOM   423 C  "C1'"  . DA  B 1 4  ? 6.891  13.359 -6.135  1.00 0.46 ? 14 DA  B "C1'"  1 
ATOM   424 N  N9     . DA  B 1 4  ? 7.740  12.450 -5.343  1.00 0.44 ? 14 DA  B N9     1 
ATOM   425 C  C8     . DA  B 1 4  ? 8.460  12.696 -4.224  1.00 0.44 ? 14 DA  B C8     1 
ATOM   426 N  N7     . DA  B 1 4  ? 9.061  11.696 -3.668  1.00 0.44 ? 14 DA  B N7     1 
ATOM   427 C  C5     . DA  B 1 4  ? 8.702  10.645 -4.521  1.00 0.42 ? 14 DA  B C5     1 
ATOM   428 C  C6     . DA  B 1 4  ? 8.991  9.275  -4.518  1.00 0.42 ? 14 DA  B C6     1 
ATOM   429 N  N6     . DA  B 1 4  ? 9.756  8.694  -3.598  1.00 0.44 ? 14 DA  B N6     1 
ATOM   430 N  N1     . DA  B 1 4  ? 8.466  8.528  -5.505  1.00 0.42 ? 14 DA  B N1     1 
ATOM   431 C  C2     . DA  B 1 4  ? 7.705  9.091  -6.444  1.00 0.42 ? 14 DA  B C2     1 
ATOM   432 N  N3     . DA  B 1 4  ? 7.371  10.373 -6.544  1.00 0.43 ? 14 DA  B N3     1 
ATOM   433 C  C4     . DA  B 1 4  ? 7.903  11.099 -5.543  1.00 0.42 ? 14 DA  B C4     1 
ATOM   434 H  "H5'"  . DA  B 1 4  ? 8.598  16.930 -6.912  1.00 0.54 ? 14 DA  B "H5'"  1 
ATOM   435 H  "H5''" . DA  B 1 4  ? 7.190  17.743 -6.200  1.00 0.58 ? 14 DA  B "H5''" 1 
ATOM   436 H  "H4'"  . DA  B 1 4  ? 6.465  15.879 -7.606  1.00 0.55 ? 14 DA  B "H4'"  1 
ATOM   437 H  "H3'"  . DA  B 1 4  ? 5.936  16.050 -4.735  1.00 0.55 ? 14 DA  B "H3'"  1 
ATOM   438 H  "H2'"  . DA  B 1 4  ? 6.081  13.879 -4.210  1.00 0.48 ? 14 DA  B "H2'"  1 
ATOM   439 H  "H2''" . DA  B 1 4  ? 4.854  13.515 -5.454  1.00 0.50 ? 14 DA  B "H2''" 1 
ATOM   440 H  "H1'"  . DA  B 1 4  ? 6.413  12.795 -6.937  1.00 0.46 ? 14 DA  B "H1'"  1 
ATOM   441 H  H8     . DA  B 1 4  ? 8.513  13.696 -3.795  1.00 0.46 ? 14 DA  B H8     1 
ATOM   442 H  H61    . DA  B 1 4  ? 9.931  7.700  -3.644  1.00 0.45 ? 14 DA  B H61    1 
ATOM   443 H  H62    . DA  B 1 4  ? 10.163 9.245  -2.857  1.00 0.46 ? 14 DA  B H62    1 
ATOM   444 H  H2     . DA  B 1 4  ? 7.315  8.428  -7.216  1.00 0.44 ? 14 DA  B H2     1 
ATOM   445 P  P      . DG  B 1 5  ? 3.349  16.499 -5.317  1.00 0.64 ? 15 DG  B P      1 
ATOM   446 O  OP1    . DG  B 1 5  ? 3.215  17.891 -5.801  1.00 0.69 ? 15 DG  B OP1    1 
ATOM   447 O  OP2    . DG  B 1 5  ? 3.628  16.240 -3.886  1.00 0.65 ? 15 DG  B OP2    1 
ATOM   448 O  "O5'"  . DG  B 1 5  ? 2.012  15.695 -5.717  1.00 0.66 ? 15 DG  B "O5'"  1 
ATOM   449 C  "C5'"  . DG  B 1 5  ? 1.581  15.601 -7.079  1.00 0.71 ? 15 DG  B "C5'"  1 
ATOM   450 C  "C4'"  . DG  B 1 5  ? 0.549  14.490 -7.260  1.00 0.69 ? 15 DG  B "C4'"  1 
ATOM   451 O  "O4'"  . DG  B 1 5  ? 1.125  13.204 -6.929  1.00 0.64 ? 15 DG  B "O4'"  1 
ATOM   452 C  "C3'"  . DG  B 1 5  ? -0.656 14.722 -6.358  1.00 0.70 ? 15 DG  B "C3'"  1 
ATOM   453 O  "O3'"  . DG  B 1 5  ? -1.861 14.831 -7.126  1.00 0.76 ? 15 DG  B "O3'"  1 
ATOM   454 C  "C2'"  . DG  B 1 5  ? -0.711 13.535 -5.430  1.00 0.62 ? 15 DG  B "C2'"  1 
ATOM   455 C  "C1'"  . DG  B 1 5  ? 0.351  12.553 -5.900  1.00 0.58 ? 15 DG  B "C1'"  1 
ATOM   456 N  N9     . DG  B 1 5  ? 1.215  12.134 -4.779  1.00 0.50 ? 15 DG  B N9     1 
ATOM   457 C  C8     . DG  B 1 5  ? 1.922  12.894 -3.906  1.00 0.49 ? 15 DG  B C8     1 
ATOM   458 N  N7     . DG  B 1 5  ? 2.606  12.285 -3.001  1.00 0.43 ? 15 DG  B N7     1 
ATOM   459 C  C5     . DG  B 1 5  ? 2.335  10.945 -3.291  1.00 0.38 ? 15 DG  B C5     1 
ATOM   460 C  C6     . DG  B 1 5  ? 2.795  9.766  -2.649  1.00 0.31 ? 15 DG  B C6     1 
ATOM   461 O  O6     . DG  B 1 5  ? 3.512  9.663  -1.663  1.00 0.27 ? 15 DG  B O6     1 
ATOM   462 N  N1     . DG  B 1 5  ? 2.298  8.630  -3.253  1.00 0.30 ? 15 DG  B N1     1 
ATOM   463 C  C2     . DG  B 1 5  ? 1.454  8.611  -4.337  1.00 0.37 ? 15 DG  B C2     1 
ATOM   464 N  N2     . DG  B 1 5  ? 1.101  7.410  -4.779  1.00 0.38 ? 15 DG  B N2     1 
ATOM   465 N  N3     . DG  B 1 5  ? 1.005  9.710  -4.949  1.00 0.43 ? 15 DG  B N3     1 
ATOM   466 C  C4     . DG  B 1 5  ? 1.485  10.841 -4.379  1.00 0.43 ? 15 DG  B C4     1 
ATOM   467 H  "H5'"  . DG  B 1 5  ? 2.443  15.394 -7.715  1.00 0.71 ? 15 DG  B "H5'"  1 
ATOM   468 H  "H5''" . DG  B 1 5  ? 1.137  16.551 -7.378  1.00 0.77 ? 15 DG  B "H5''" 1 
ATOM   469 H  "H4'"  . DG  B 1 5  ? 0.220  14.474 -8.298  1.00 0.73 ? 15 DG  B "H4'"  1 
ATOM   470 H  "H3'"  . DG  B 1 5  ? -0.506 15.634 -5.775  1.00 0.72 ? 15 DG  B "H3'"  1 
ATOM   471 H  "H2'"  . DG  B 1 5  ? -0.495 13.854 -4.410  1.00 0.60 ? 15 DG  B "H2'"  1 
ATOM   472 H  "H2''" . DG  B 1 5  ? -1.694 13.069 -5.473  1.00 0.62 ? 15 DG  B "H2''" 1 
ATOM   473 H  "H1'"  . DG  B 1 5  ? -0.138 11.675 -6.322  1.00 0.57 ? 15 DG  B "H1'"  1 
ATOM   474 H  H8     . DG  B 1 5  ? 1.915  13.981 -3.967  1.00 0.55 ? 15 DG  B H8     1 
ATOM   475 H  H1     . DG  B 1 5  ? 2.595  7.757  -2.851  1.00 0.27 ? 15 DG  B H1     1 
ATOM   476 H  H21    . DG  B 1 5  ? 1.445  6.581  -4.316  1.00 0.36 ? 15 DG  B H21    1 
ATOM   477 H  H22    . DG  B 1 5  ? 0.493  7.327  -5.579  1.00 0.44 ? 15 DG  B H22    1 
ATOM   478 P  P      . DC  B 1 6  ? -3.257 15.223 -6.419  1.00 0.76 ? 16 DC  B P      1 
ATOM   479 O  OP1    . DC  B 1 6  ? -4.226 15.593 -7.476  1.00 0.90 ? 16 DC  B OP1    1 
ATOM   480 O  OP2    . DC  B 1 6  ? -2.972 16.169 -5.315  1.00 0.81 ? 16 DC  B OP2    1 
ATOM   481 O  "O5'"  . DC  B 1 6  ? -3.722 13.821 -5.772  1.00 0.57 ? 16 DC  B "O5'"  1 
ATOM   482 C  "C5'"  . DC  B 1 6  ? -4.049 12.707 -6.613  1.00 0.55 ? 16 DC  B "C5'"  1 
ATOM   483 C  "C4'"  . DC  B 1 6  ? -4.005 11.377 -5.860  1.00 0.42 ? 16 DC  B "C4'"  1 
ATOM   484 O  "O4'"  . DC  B 1 6  ? -2.687 11.111 -5.325  1.00 0.39 ? 16 DC  B "O4'"  1 
ATOM   485 C  "C3'"  . DC  B 1 6  ? -4.985 11.362 -4.689  1.00 0.30 ? 16 DC  B "C3'"  1 
ATOM   486 O  "O3'"  . DC  B 1 6  ? -6.115 10.524 -4.977  1.00 0.33 ? 16 DC  B "O3'"  1 
ATOM   487 C  "C2'"  . DC  B 1 6  ? -4.192 10.830 -3.516  1.00 0.25 ? 16 DC  B "C2'"  1 
ATOM   488 C  "C1'"  . DC  B 1 6  ? -2.837 10.427 -4.067  1.00 0.29 ? 16 DC  B "C1'"  1 
ATOM   489 N  N1     . DC  B 1 6  ? -1.750 10.759 -3.118  1.00 0.24 ? 16 DC  B N1     1 
ATOM   490 C  C2     . DC  B 1 6  ? -1.005 9.703  -2.611  1.00 0.22 ? 16 DC  B C2     1 
ATOM   491 O  O2     . DC  B 1 6  ? -1.221 8.555  -2.989  1.00 0.26 ? 16 DC  B O2     1 
ATOM   492 N  N3     . DC  B 1 6  ? -0.025 9.975  -1.709  1.00 0.20 ? 16 DC  B N3     1 
ATOM   493 C  C4     . DC  B 1 6  ? 0.223  11.230 -1.323  1.00 0.23 ? 16 DC  B C4     1 
ATOM   494 N  N4     . DC  B 1 6  ? 1.209  11.455 -0.459  1.00 0.26 ? 16 DC  B N4     1 
ATOM   495 C  C5     . DC  B 1 6  ? -0.538 12.326 -1.842  1.00 0.27 ? 16 DC  B C5     1 
ATOM   496 C  C6     . DC  B 1 6  ? -1.510 12.046 -2.733  1.00 0.26 ? 16 DC  B C6     1 
ATOM   497 H  "H5'"  . DC  B 1 6  ? -3.338 12.667 -7.439  1.00 0.65 ? 16 DC  B "H5'"  1 
ATOM   498 H  "H5''" . DC  B 1 6  ? -5.052 12.852 -7.017  1.00 0.59 ? 16 DC  B "H5''" 1 
ATOM   499 H  "H4'"  . DC  B 1 6  ? -4.271 10.575 -6.548  1.00 0.50 ? 16 DC  B "H4'"  1 
ATOM   500 H  "H3'"  . DC  B 1 6  ? -5.314 12.382 -4.473  1.00 0.32 ? 16 DC  B "H3'"  1 
ATOM   501 H  "H2'"  . DC  B 1 6  ? -4.073 11.612 -2.767  1.00 0.27 ? 16 DC  B "H2'"  1 
ATOM   502 H  "H2''" . DC  B 1 6  ? -4.690 9.967  -3.079  1.00 0.30 ? 16 DC  B "H2''" 1 
ATOM   503 H  "H1'"  . DC  B 1 6  ? -2.836 9.351  -4.248  1.00 0.35 ? 16 DC  B "H1'"  1 
ATOM   504 H  H41    . DC  B 1 6  ? 1.755  10.676 -0.101  1.00 0.24 ? 16 DC  B H41    1 
ATOM   505 H  H42    . DC  B 1 6  ? 1.420  12.400 -0.167  1.00 0.32 ? 16 DC  B H42    1 
ATOM   506 H  H5     . DC  B 1 6  ? -0.339 13.350 -1.527  1.00 0.33 ? 16 DC  B H5     1 
ATOM   507 H  H6     . DC  B 1 6  ? -2.110 12.857 -3.148  1.00 0.29 ? 16 DC  B H6     1 
ATOM   508 P  P      . DT  B 1 7  ? -7.206 10.168 -3.840  1.00 0.34 ? 17 DT  B P      1 
ATOM   509 O  OP1    . DT  B 1 7  ? -8.329 9.452  -4.487  1.00 0.47 ? 17 DT  B OP1    1 
ATOM   510 O  OP2    . DT  B 1 7  ? -7.470 11.391 -3.048  1.00 0.34 ? 17 DT  B OP2    1 
ATOM   511 O  "O5'"  . DT  B 1 7  ? -6.408 9.120  -2.905  1.00 0.30 ? 17 DT  B "O5'"  1 
ATOM   512 C  "C5'"  . DT  B 1 7  ? -5.966 7.861  -3.429  1.00 0.31 ? 17 DT  B "C5'"  1 
ATOM   513 C  "C4'"  . DT  B 1 7  ? -5.187 7.048  -2.395  1.00 0.27 ? 17 DT  B "C4'"  1 
ATOM   514 O  "O4'"  . DT  B 1 7  ? -3.972 7.722  -1.990  1.00 0.24 ? 17 DT  B "O4'"  1 
ATOM   515 C  "C3'"  . DT  B 1 7  ? -6.020 6.808  -1.139  1.00 0.26 ? 17 DT  B "C3'"  1 
ATOM   516 O  "O3'"  . DT  B 1 7  ? -6.380 5.422  -1.029  1.00 0.30 ? 17 DT  B "O3'"  1 
ATOM   517 C  "C2'"  . DT  B 1 7  ? -5.143 7.244  0.012   1.00 0.24 ? 17 DT  B "C2'"  1 
ATOM   518 C  "C1'"  . DT  B 1 7  ? -3.774 7.519  -0.577  1.00 0.25 ? 17 DT  B "C1'"  1 
ATOM   519 N  N1     . DT  B 1 7  ? -3.142 8.696  0.061   1.00 0.29 ? 17 DT  B N1     1 
ATOM   520 C  C2     . DT  B 1 7  ? -2.095 8.468  0.943   1.00 0.36 ? 17 DT  B C2     1 
ATOM   521 O  O2     . DT  B 1 7  ? -1.701 7.341  1.218   1.00 0.39 ? 17 DT  B O2     1 
ATOM   522 N  N3     . DT  B 1 7  ? -1.522 9.587  1.508   1.00 0.44 ? 17 DT  B N3     1 
ATOM   523 C  C4     . DT  B 1 7  ? -1.890 10.896 1.278   1.00 0.46 ? 17 DT  B C4     1 
ATOM   524 O  O4     . DT  B 1 7  ? -1.294 11.815 1.833   1.00 0.55 ? 17 DT  B O4     1 
ATOM   525 C  C5     . DT  B 1 7  ? -2.991 11.043 0.348   1.00 0.40 ? 17 DT  B C5     1 
ATOM   526 C  C7     . DT  B 1 7  ? -3.513 12.440 0.013   1.00 0.46 ? 17 DT  B C7     1 
ATOM   527 C  C6     . DT  B 1 7  ? -3.572 9.963  -0.219  1.00 0.31 ? 17 DT  B C6     1 
ATOM   528 H  "H5'"  . DT  B 1 7  ? -5.324 8.042  -4.293  1.00 0.33 ? 17 DT  B "H5'"  1 
ATOM   529 H  "H5''" . DT  B 1 7  ? -6.835 7.286  -3.749  1.00 0.37 ? 17 DT  B "H5''" 1 
ATOM   530 H  "H4'"  . DT  B 1 7  ? -4.924 6.084  -2.830  1.00 0.31 ? 17 DT  B "H4'"  1 
ATOM   531 H  "H3'"  . DT  B 1 7  ? -6.918 7.430  -1.170  1.00 0.28 ? 17 DT  B "H3'"  1 
ATOM   532 H  "H2'"  . DT  B 1 7  ? -5.547 8.154  0.457   1.00 0.25 ? 17 DT  B "H2'"  1 
ATOM   533 H  "H2''" . DT  B 1 7  ? -5.077 6.461  0.762   1.00 0.27 ? 17 DT  B "H2''" 1 
ATOM   534 H  "H1'"  . DT  B 1 7  ? -3.141 6.640  -0.431  1.00 0.30 ? 17 DT  B "H1'"  1 
ATOM   535 H  H3     . DT  B 1 7  ? -0.759 9.431  2.150   1.00 0.50 ? 17 DT  B H3     1 
ATOM   536 H  H71    . DT  B 1 7  ? -3.416 12.619 -1.057  1.00 0.42 ? 17 DT  B H71    1 
ATOM   537 H  H72    . DT  B 1 7  ? -4.562 12.515 0.299   1.00 0.48 ? 17 DT  B H72    1 
ATOM   538 H  H73    . DT  B 1 7  ? -2.933 13.186 0.558   1.00 0.55 ? 17 DT  B H73    1 
ATOM   539 H  H6     . DT  B 1 7  ? -4.405 10.101 -0.906  1.00 0.30 ? 17 DT  B H6     1 
ATOM   540 P  P      . DT  B 1 8  ? -7.087 4.844  0.300   1.00 0.36 ? 18 DT  B P      1 
ATOM   541 O  OP1    . DT  B 1 8  ? -7.552 3.467  0.013   1.00 0.45 ? 18 DT  B OP1    1 
ATOM   542 O  OP2    . DT  B 1 8  ? -8.044 5.858  0.798   1.00 0.40 ? 18 DT  B OP2    1 
ATOM   543 O  "O5'"  . DT  B 1 8  ? -5.855 4.760  1.338   1.00 0.31 ? 18 DT  B "O5'"  1 
ATOM   544 C  "C5'"  . DT  B 1 8  ? -4.788 3.835  1.107   1.00 0.29 ? 18 DT  B "C5'"  1 
ATOM   545 C  "C4'"  . DT  B 1 8  ? -3.885 3.669  2.331   1.00 0.24 ? 18 DT  B "C4'"  1 
ATOM   546 O  "O4'"  . DT  B 1 8  ? -3.083 4.848  2.557   1.00 0.25 ? 18 DT  B "O4'"  1 
ATOM   547 C  "C3'"  . DT  B 1 8  ? -4.699 3.406  3.593   1.00 0.21 ? 18 DT  B "C3'"  1 
ATOM   548 O  "O3'"  . DT  B 1 8  ? -4.469 2.070  4.073   1.00 0.20 ? 18 DT  B "O3'"  1 
ATOM   549 C  "C2'"  . DT  B 1 8  ? -4.237 4.443  4.594   1.00 0.20 ? 18 DT  B "C2'"  1 
ATOM   550 C  "C1'"  . DT  B 1 8  ? -3.048 5.146  3.964   1.00 0.21 ? 18 DT  B "C1'"  1 
ATOM   551 N  N1     . DT  B 1 8  ? -3.088 6.605  4.192   1.00 0.20 ? 18 DT  B N1     1 
ATOM   552 C  C2     . DT  B 1 8  ? -2.125 7.146  5.025   1.00 0.22 ? 18 DT  B C2     1 
ATOM   553 O  O2     . DT  B 1 8  ? -1.294 6.454  5.605   1.00 0.23 ? 18 DT  B O2     1 
ATOM   554 N  N3     . DT  B 1 8  ? -2.154 8.513  5.176   1.00 0.23 ? 18 DT  B N3     1 
ATOM   555 C  C4     . DT  B 1 8  ? -3.045 9.382  4.582   1.00 0.24 ? 18 DT  B C4     1 
ATOM   556 O  O4     . DT  B 1 8  ? -2.962 10.590 4.786   1.00 0.28 ? 18 DT  B O4     1 
ATOM   557 C  C5     . DT  B 1 8  ? -4.020 8.735  3.732   1.00 0.22 ? 18 DT  B C5     1 
ATOM   558 C  C7     . DT  B 1 8  ? -5.076 9.577  3.021   1.00 0.25 ? 18 DT  B C7     1 
ATOM   559 C  C6     . DT  B 1 8  ? -4.015 7.394  3.566   1.00 0.20 ? 18 DT  B C6     1 
ATOM   560 H  "H5'"  . DT  B 1 8  ? -4.186 4.190  0.270   1.00 0.33 ? 18 DT  B "H5'"  1 
ATOM   561 H  "H5''" . DT  B 1 8  ? -5.216 2.871  0.849   1.00 0.31 ? 18 DT  B "H5''" 1 
ATOM   562 H  "H4'"  . DT  B 1 8  ? -3.219 2.822  2.163   1.00 0.23 ? 18 DT  B "H4'"  1 
ATOM   563 H  "H3'"  . DT  B 1 8  ? -5.761 3.554  3.382   1.00 0.23 ? 18 DT  B "H3'"  1 
ATOM   564 H  "H2'"  . DT  B 1 8  ? -5.037 5.159  4.780   1.00 0.22 ? 18 DT  B "H2'"  1 
ATOM   565 H  "H2''" . DT  B 1 8  ? -3.938 3.965  5.524   1.00 0.20 ? 18 DT  B "H2''" 1 
ATOM   566 H  "H1'"  . DT  B 1 8  ? -2.130 4.740  4.391   1.00 0.24 ? 18 DT  B "H1'"  1 
ATOM   567 H  H3     . DT  B 1 8  ? -1.456 8.919  5.783   1.00 0.26 ? 18 DT  B H3     1 
ATOM   568 H  H71    . DT  B 1 8  ? -6.069 9.255  3.333   1.00 0.60 ? 18 DT  B H71    1 
ATOM   569 H  H72    . DT  B 1 8  ? -4.937 10.627 3.278   1.00 0.62 ? 18 DT  B H72    1 
ATOM   570 H  H73    . DT  B 1 8  ? -4.975 9.451  1.943   1.00 0.57 ? 18 DT  B H73    1 
ATOM   571 H  H6     . DT  B 1 8  ? -4.764 6.931  2.925   1.00 0.21 ? 18 DT  B H6     1 
ATOM   572 P  P      . DC  B 1 9  ? -5.142 1.540  5.440   1.00 0.19 ? 19 DC  B P      1 
ATOM   573 O  OP1    . DC  B 1 9  ? -4.865 0.089  5.546   1.00 0.21 ? 19 DC  B OP1    1 
ATOM   574 O  OP2    . DC  B 1 9  ? -6.539 2.026  5.488   1.00 0.21 ? 19 DC  B OP2    1 
ATOM   575 O  "O5'"  . DC  B 1 9  ? -4.288 2.302  6.576   1.00 0.22 ? 19 DC  B "O5'"  1 
ATOM   576 C  "C5'"  . DC  B 1 9  ? -2.958 1.870  6.885   1.00 0.24 ? 19 DC  B "C5'"  1 
ATOM   577 C  "C4'"  . DC  B 1 9  ? -2.281 2.755  7.930   1.00 0.24 ? 19 DC  B "C4'"  1 
ATOM   578 O  "O4'"  . DC  B 1 9  ? -2.144 4.117  7.470   1.00 0.22 ? 19 DC  B "O4'"  1 
ATOM   579 C  "C3'"  . DC  B 1 9  ? -3.074 2.801  9.232   1.00 0.28 ? 19 DC  B "C3'"  1 
ATOM   580 O  "O3'"  . DC  B 1 9  ? -2.505 1.938  10.226  1.00 0.30 ? 19 DC  B "O3'"  1 
ATOM   581 C  "C2'"  . DC  B 1 9  ? -3.017 4.239  9.671   1.00 0.27 ? 19 DC  B "C2'"  1 
ATOM   582 C  "C1'"  . DC  B 1 9  ? -2.246 4.993  8.608   1.00 0.23 ? 19 DC  B "C1'"  1 
ATOM   583 N  N1     . DC  B 1 9  ? -2.922 6.264  8.277   1.00 0.24 ? 19 DC  B N1     1 
ATOM   584 C  C2     . DC  B 1 9  ? -2.389 7.428  8.808   1.00 0.25 ? 19 DC  B C2     1 
ATOM   585 O  O2     . DC  B 1 9  ? -1.401 7.381  9.533   1.00 0.24 ? 19 DC  B O2     1 
ATOM   586 N  N3     . DC  B 1 9  ? -2.996 8.608  8.519   1.00 0.27 ? 19 DC  B N3     1 
ATOM   587 C  C4     . DC  B 1 9  ? -4.081 8.651  7.741   1.00 0.29 ? 19 DC  B C4     1 
ATOM   588 N  N4     . DC  B 1 9  ? -4.644 9.831  7.481   1.00 0.33 ? 19 DC  B N4     1 
ATOM   589 C  C5     . DC  B 1 9  ? -4.639 7.454  7.190   1.00 0.29 ? 19 DC  B C5     1 
ATOM   590 C  C6     . DC  B 1 9  ? -4.028 6.287  7.484   1.00 0.27 ? 19 DC  B C6     1 
ATOM   591 H  "H5'"  . DC  B 1 9  ? -2.362 1.884  5.972   1.00 0.24 ? 19 DC  B "H5'"  1 
ATOM   592 H  "H5''" . DC  B 1 9  ? -3.000 0.847  7.263   1.00 0.25 ? 19 DC  B "H5''" 1 
ATOM   593 H  "H4'"  . DC  B 1 9  ? -1.289 2.356  8.139   1.00 0.24 ? 19 DC  B "H4'"  1 
ATOM   594 H  "H3'"  . DC  B 1 9  ? -4.112 2.525  9.045   1.00 0.31 ? 19 DC  B "H3'"  1 
ATOM   595 H  "H2'"  . DC  B 1 9  ? -4.025 4.642  9.760   1.00 0.29 ? 19 DC  B "H2'"  1 
ATOM   596 H  "H2''" . DC  B 1 9  ? -2.500 4.317  10.615  1.00 0.28 ? 19 DC  B "H2''" 1 
ATOM   597 H  "H1'"  . DC  B 1 9  ? -1.245 5.208  8.982   1.00 0.22 ? 19 DC  B "H1'"  1 
ATOM   598 H  H41    . DC  B 1 9  ? -4.245 10.678 7.874   1.00 0.33 ? 19 DC  B H41    1 
ATOM   599 H  H42    . DC  B 1 9  ? -5.465 9.882  6.893   1.00 0.35 ? 19 DC  B H42    1 
ATOM   600 H  H5     . DC  B 1 9  ? -5.524 7.483  6.555   1.00 0.32 ? 19 DC  B H5     1 
ATOM   601 H  H6     . DC  B 1 9  ? -4.429 5.354  7.100   1.00 0.28 ? 19 DC  B H6     1 
ATOM   602 P  P      . DC  B 1 10 ? -3.153 1.844  11.701  1.00 0.34 ? 20 DC  B P      1 
ATOM   603 O  OP1    . DC  B 1 10 ? -2.774 0.543  12.292  1.00 0.38 ? 20 DC  B OP1    1 
ATOM   604 O  OP2    . DC  B 1 10 ? -4.583 2.222  11.610  1.00 0.38 ? 20 DC  B OP2    1 
ATOM   605 O  "O5'"  . DC  B 1 10 ? -2.380 3.007  12.502  1.00 0.34 ? 20 DC  B "O5'"  1 
ATOM   606 C  "C5'"  . DC  B 1 10 ? -1.007 2.840  12.874  1.00 0.35 ? 20 DC  B "C5'"  1 
ATOM   607 C  "C4'"  . DC  B 1 10 ? -0.433 4.105  13.506  1.00 0.38 ? 20 DC  B "C4'"  1 
ATOM   608 O  "O4'"  . DC  B 1 10 ? -0.596 5.240  12.628  1.00 0.38 ? 20 DC  B "O4'"  1 
ATOM   609 C  "C3'"  . DC  B 1 10 ? -1.125 4.435  14.819  1.00 0.42 ? 20 DC  B "C3'"  1 
ATOM   610 O  "O3'"  . DC  B 1 10 ? -0.356 3.989  15.941  1.00 0.46 ? 20 DC  B "O3'"  1 
ATOM   611 C  "C2'"  . DC  B 1 10 ? -1.272 5.933  14.820  1.00 0.44 ? 20 DC  B "C2'"  1 
ATOM   612 C  "C1'"  . DC  B 1 10 ? -1.060 6.381  13.379  1.00 0.41 ? 20 DC  B "C1'"  1 
ATOM   613 N  N1     . DC  B 1 10 ? -2.303 6.935  12.791  1.00 0.41 ? 20 DC  B N1     1 
ATOM   614 C  C2     . DC  B 1 10 ? -2.472 8.307  12.866  1.00 0.44 ? 20 DC  B C2     1 
ATOM   615 O  O2     . DC  B 1 10 ? -1.628 9.005  13.420  1.00 0.46 ? 20 DC  B O2     1 
ATOM   616 N  N3     . DC  B 1 10 ? -3.587 8.854  12.315  1.00 0.45 ? 20 DC  B N3     1 
ATOM   617 C  C4     . DC  B 1 10 ? -4.504 8.092  11.715  1.00 0.44 ? 20 DC  B C4     1 
ATOM   618 N  N4     . DC  B 1 10 ? -5.580 8.672  11.188  1.00 0.47 ? 20 DC  B N4     1 
ATOM   619 C  C5     . DC  B 1 10 ? -4.344 6.674  11.632  1.00 0.42 ? 20 DC  B C5     1 
ATOM   620 C  C6     . DC  B 1 10 ? -3.235 6.135  12.179  1.00 0.40 ? 20 DC  B C6     1 
ATOM   621 H  "H5'"  . DC  B 1 10 ? -0.426 2.596  11.984  1.00 0.34 ? 20 DC  B "H5'"  1 
ATOM   622 H  "H5''" . DC  B 1 10 ? -0.927 2.019  13.587  1.00 0.37 ? 20 DC  B "H5''" 1 
ATOM   623 H  "H4'"  . DC  B 1 10 ? 0.630  3.957  13.693  1.00 0.41 ? 20 DC  B "H4'"  1 
ATOM   624 H  "H3'"  . DC  B 1 10 ? -2.116 3.975  14.837  1.00 0.41 ? 20 DC  B "H3'"  1 
ATOM   625 H  "HO3'" . DC  B 1 10 ? 0.487  4.450  15.909  1.00 1.04 ? 20 DC  B "HO3'" 1 
ATOM   626 H  "H2'"  . DC  B 1 10 ? -2.263 6.221  15.175  1.00 0.46 ? 20 DC  B "H2'"  1 
ATOM   627 H  "H2''" . DC  B 1 10 ? -0.508 6.376  15.460  1.00 0.47 ? 20 DC  B "H2''" 1 
ATOM   628 H  "H1'"  . DC  B 1 10 ? -0.288 7.150  13.361  1.00 0.42 ? 20 DC  B "H1'"  1 
ATOM   629 H  H41    . DC  B 1 10 ? -5.691 9.677  11.248  1.00 0.49 ? 20 DC  B H41    1 
ATOM   630 H  H42    . DC  B 1 10 ? -6.285 8.111  10.731  1.00 0.47 ? 20 DC  B H42    1 
ATOM   631 H  H5     . DC  B 1 10 ? -5.092 6.050  11.144  1.00 0.42 ? 20 DC  B H5     1 
ATOM   632 H  H6     . DC  B 1 10 ? -3.082 5.054  12.125  1.00 0.39 ? 20 DC  B H6     1 
HETATM 633 CO CO     . 3CO C 2 .  ? -2.539 0.040  -4.485  1.00 0.40 ? 22 3CO A CO     1 
HETATM 634 O  O1     . PEO D 3 .  ? -0.970 -0.095 -5.435  1.00 0.46 ? 23 PEO A O1     1 
HETATM 635 O  O2     . PEO D 3 .  ? -0.275 1.102  -5.625  1.00 0.47 ? 23 PEO A O2     1 
HETATM 636 H  HO2    . PEO D 3 .  ? 0.675  0.963  -5.496  1.00 0.49 ? 23 PEO A HO2    1 
HETATM 637 N  NA     . BLM E 4 .  ? -6.631 1.535  -2.132  1.00 0.88 ? 21 BLM B NA     1 
HETATM 638 C  C2     . BLM E 4 .  ? -4.629 1.751  -3.530  1.00 0.35 ? 21 BLM B C2     1 
HETATM 639 C  C1     . BLM E 4 .  ? -6.084 2.088  -3.175  1.00 0.32 ? 21 BLM B C1     1 
HETATM 640 O  O1     . BLM E 4 .  ? -6.725 2.865  -3.850  1.00 0.79 ? 21 BLM B O1     1 
HETATM 641 N  NC     . BLM E 4 .  ? -2.880 1.918  -5.266  1.00 0.44 ? 21 BLM B NC     1 
HETATM 642 C  C3     . BLM E 4 .  ? -4.315 2.188  -4.974  1.00 0.42 ? 21 BLM B C3     1 
HETATM 643 N  NB     . BLM E 4 .  ? -4.399 0.282  -3.426  1.00 0.33 ? 21 BLM B NB     1 
HETATM 644 N  ND     . BLM E 4 .  ? -1.275 6.121  -4.716  1.00 0.66 ? 21 BLM B ND     1 
HETATM 645 C  C5     . BLM E 4 .  ? -2.712 4.213  -4.230  1.00 0.42 ? 21 BLM B C5     1 
HETATM 646 C  C4     . BLM E 4 .  ? -1.707 5.287  -3.823  1.00 0.50 ? 21 BLM B C4     1 
HETATM 647 O  O4     . BLM E 4 .  ? -1.313 5.368  -2.684  1.00 0.63 ? 21 BLM B O4     1 
HETATM 648 C  C8     . BLM E 4 .  ? -0.263 2.196  -1.221  1.00 0.29 ? 21 BLM B C8     1 
HETATM 649 C  C9     . BLM E 4 .  ? -0.529 0.824  -1.140  1.00 0.29 ? 21 BLM B C9     1 
HETATM 650 C  C10    . BLM E 4 .  ? -1.244 0.222  -2.144  1.00 0.31 ? 21 BLM B C10    1 
HETATM 651 N  NG     . BLM E 4 .  ? -1.652 0.966  -3.170  1.00 0.34 ? 21 BLM B NG     1 
HETATM 652 C  C7     . BLM E 4 .  ? -1.427 2.281  -3.307  1.00 0.35 ? 21 BLM B C7     1 
HETATM 653 N  NE     . BLM E 4 .  ? -0.716 2.934  -2.315  1.00 0.33 ? 21 BLM B NE     1 
HETATM 654 C  C6     . BLM E 4 .  ? -1.966 2.912  -4.575  1.00 0.41 ? 21 BLM B C6     1 
HETATM 655 N  NF     . BLM E 4 .  ? 0.398  2.784  -0.258  1.00 0.30 ? 21 BLM B NF     1 
HETATM 656 C  CA     . BLM E 4 .  ? 0.000  0.000  0.000   1.00 0.28 ? 21 BLM B CA     1 
HETATM 657 C  C12    . BLM E 4 .  ? -1.655 -1.109 -2.266  1.00 0.33 ? 21 BLM B C12    1 
HETATM 658 O  O12    . BLM E 4 .  ? -1.611 -1.865 -1.325  1.00 0.34 ? 21 BLM B O12    1 
HETATM 659 N  NH     . BLM E 4 .  ? -2.112 -1.506 -3.416  1.00 0.38 ? 21 BLM B NH     1 
HETATM 660 C  C13    . BLM E 4 .  ? -2.206 -2.955 -3.772  1.00 0.44 ? 21 BLM B C13    1 
HETATM 661 C  C30    . BLM E 4 .  ? -1.011 -3.332 -4.640  1.00 0.51 ? 21 BLM B C30    1 
HETATM 662 O  O30    . BLM E 4 .  ? -0.649 -4.485 -4.749  1.00 0.59 ? 21 BLM B O30    1 
HETATM 663 C  C14    . BLM E 4 .  ? -3.520 -3.242 -4.516  1.00 0.49 ? 21 BLM B C14    1 
HETATM 664 C  C27    . BLM E 4 .  ? -3.604 -2.468 -5.805  1.00 0.52 ? 21 BLM B C27    1 
HETATM 665 O  OH1    . BLM E 4 .  ? -4.612 -2.859 -3.696  1.00 0.49 ? 21 BLM B OH1    1 
HETATM 666 N  NJ     . BLM E 4 .  ? -3.324 -1.109 -5.927  1.00 0.49 ? 21 BLM B NJ     1 
HETATM 667 C  C28    . BLM E 4 .  ? -3.997 -2.894 -7.050  1.00 0.59 ? 21 BLM B C28    1 
HETATM 668 C  C29    . BLM E 4 .  ? -3.570 -0.783 -7.206  1.00 0.56 ? 21 BLM B C29    1 
HETATM 669 N  NI     . BLM E 4 .  ? -3.980 -1.828 -7.933  1.00 0.62 ? 21 BLM B NI     1 
HETATM 670 N  NK     . BLM E 4 .  ? -0.386 -2.358 -5.240  1.00 0.51 ? 21 BLM B NK     1 
HETATM 671 C  C34    . BLM E 4 .  ? -0.364 -1.637 -8.054  1.00 0.61 ? 21 BLM B C34    1 
HETATM 672 C  C36    . BLM E 4 .  ? -0.623 -0.291 -8.746  1.00 0.62 ? 21 BLM B C36    1 
HETATM 673 O  O36    . BLM E 4 .  ? -0.553 -0.179 -9.955  1.00 0.65 ? 21 BLM B O36    1 
HETATM 674 O  OH2    . BLM E 4 .  ? 2.046  -1.799 -7.980  1.00 0.69 ? 21 BLM B OH2    1 
HETATM 675 C  C31    . BLM E 4 .  ? 0.799  -2.631 -6.080  1.00 0.58 ? 21 BLM B C31    1 
HETATM 676 C  CB     . BLM E 4 .  ? 2.032  -2.573 -5.173  1.00 0.61 ? 21 BLM B CB     1 
HETATM 677 C  C33    . BLM E 4 .  ? 0.895  -1.564 -7.180  1.00 0.61 ? 21 BLM B C33    1 
HETATM 678 C  CC     . BLM E 4 .  ? -0.184 -2.732 -9.114  1.00 0.65 ? 21 BLM B CC     1 
HETATM 679 N  NL     . BLM E 4 .  ? -0.930 0.731  -7.989  1.00 0.58 ? 21 BLM B NL     1 
HETATM 680 C  C37    . BLM E 4 .  ? -1.203 2.076  -8.608  1.00 0.60 ? 21 BLM B C37    1 
HETATM 681 C  C40    . BLM E 4 .  ? -0.580 3.186  -7.763  1.00 0.53 ? 21 BLM B C40    1 
HETATM 682 O  O40    . BLM E 4 .  ? -1.266 4.054  -7.252  1.00 0.80 ? 21 BLM B O40    1 
HETATM 683 C  C38    . BLM E 4 .  ? -2.707 2.327  -8.715  1.00 0.67 ? 21 BLM B C38    1 
HETATM 684 O  OH3    . BLM E 4 .  ? -3.284 2.243  -7.428  1.00 0.60 ? 21 BLM B OH3    1 
HETATM 685 C  CD     . BLM E 4 .  ? -3.353 1.292  -9.641  1.00 0.82 ? 21 BLM B CD     1 
HETATM 686 N  NM     . BLM E 4 .  ? 0.713  3.174  -7.618  1.00 0.48 ? 21 BLM B NM     1 
HETATM 687 C  C42    . BLM E 4 .  ? 2.481  4.885  -7.655  1.00 0.53 ? 21 BLM B C42    1 
HETATM 688 C  C49    . BLM E 4 .  ? 5.947  10.459 -2.593  1.00 0.26 ? 21 BLM B C49    1 
HETATM 689 O  O49    . BLM E 4 .  ? 6.951  10.026 -2.061  1.00 0.26 ? 21 BLM B O49    1 
HETATM 690 C  C43    . BLM E 4 .  ? 3.444  5.574  -6.737  1.00 0.47 ? 21 BLM B C43    1 
HETATM 691 C  C41    . BLM E 4 .  ? 1.386  4.231  -6.814  1.00 0.40 ? 21 BLM B C41    1 
HETATM 692 S  S43    . BLM E 4 .  ? 4.357  4.975  -5.914  1.00 0.44 ? 21 BLM B S43    1 
HETATM 693 C  C44    . BLM E 4 .  ? 4.992  5.964  -5.225  1.00 0.38 ? 21 BLM B C44    1 
HETATM 694 C  C45    . BLM E 4 .  ? 4.466  7.149  -5.634  1.00 0.37 ? 21 BLM B C45    1 
HETATM 695 N  NN     . BLM E 4 .  ? 3.518  6.912  -6.566  1.00 0.43 ? 21 BLM B NN     1 
HETATM 696 C  C47    . BLM E 4 .  ? 5.070  10.541 -4.883  1.00 0.32 ? 21 BLM B C47    1 
HETATM 697 C  C48    . BLM E 4 .  ? 5.505  9.906  -3.752  1.00 0.27 ? 21 BLM B C48    1 
HETATM 698 N  NO     . BLM E 4 .  ? 5.343  8.581  -3.924  1.00 0.27 ? 21 BLM B NO     1 
HETATM 699 C  C46    . BLM E 4 .  ? 4.804  8.383  -5.140  1.00 0.32 ? 21 BLM B C46    1 
HETATM 700 S  S46    . BLM E 4 .  ? 4.631  9.589  -5.751  1.00 0.35 ? 21 BLM B S46    1 
HETATM 701 N  NP     . BLM E 4 .  ? 5.262  11.429 -2.054  1.00 0.29 ? 21 BLM B NP     1 
HETATM 702 C  C50    . BLM E 4 .  ? 5.698  12.032 -0.771  1.00 0.32 ? 21 BLM B C50    1 
HETATM 703 C  C51    . BLM E 4 .  ? 6.769  13.093 -1.038  1.00 0.44 ? 21 BLM B C51    1 
HETATM 704 C  C52    . BLM E 4 .  ? 8.103  12.634 -0.437  1.00 0.83 ? 21 BLM B C52    1 
HETATM 705 S  S53    . BLM E 4 .  ? 9.484  13.362 -1.374  1.00 1.84 ? 21 BLM B S53    1 
HETATM 706 C  C55    . BLM E 4 .  ? 11.013 12.446 -1.011  1.00 2.60 ? 21 BLM B C55    1 
HETATM 707 C  C54    . BLM E 4 .  ? 9.693  15.102 -0.890  1.00 2.70 ? 21 BLM B C54    1 
HETATM 708 O  O59    . BLM E 4 .  ? -9.152 -3.513 -4.145  1.00 1.02 ? 21 BLM B O59    1 
HETATM 709 O  O58    . BLM E 4 .  ? -8.503 -3.326 -1.515  1.00 0.73 ? 21 BLM B O58    1 
HETATM 710 C  C61    . BLM E 4 .  ? -7.747 -5.191 -5.555  1.00 1.47 ? 21 BLM B C61    1 
HETATM 711 O  O61    . BLM E 4 .  ? -8.830 -4.522 -6.198  1.00 1.62 ? 21 BLM B O61    1 
HETATM 712 O  O56    . BLM E 4 .  ? -6.042 -2.106 -1.800  1.00 0.53 ? 21 BLM B O56    1 
HETATM 713 C  C60    . BLM E 4 .  ? -6.892 -4.173 -4.784  1.00 1.06 ? 21 BLM B C60    1 
HETATM 714 O  O62    . BLM E 4 .  ? -5.807 -4.929 -4.005  1.00 0.93 ? 21 BLM B O62    1 
HETATM 715 C  C63    . BLM E 4 .  ? -5.120 -3.990 -3.004  1.00 0.63 ? 21 BLM B C63    1 
HETATM 716 C  C57    . BLM E 4 .  ? -6.130 -3.524 -1.945  1.00 0.64 ? 21 BLM B C57    1 
HETATM 717 C  C58    . BLM E 4 .  ? -7.544 -3.902 -2.392  1.00 0.80 ? 21 BLM B C58    1 
HETATM 718 C  C59    . BLM E 4 .  ? -7.773 -3.377 -3.808  1.00 0.92 ? 21 BLM B C59    1 
HETATM 719 C  C69    . BLM E 4 .  ? -6.389 -2.025 0.574   1.00 0.41 ? 21 BLM B C69    1 
HETATM 720 C  C68    . BLM E 4 .  ? -6.941 -0.686 1.054   1.00 0.35 ? 21 BLM B C68    1 
HETATM 721 C  C67    . BLM E 4 .  ? -5.813 0.089  1.746   1.00 0.23 ? 21 BLM B C67    1 
HETATM 722 C  C65    . BLM E 4 .  ? -4.622 0.231  0.782   1.00 0.24 ? 21 BLM B C65    1 
HETATM 723 O  O64    . BLM E 4 .  ? -5.009 -0.286 -0.615  1.00 0.33 ? 21 BLM B O64    1 
HETATM 724 C  C64    . BLM E 4 .  ? -5.409 -1.770 -0.575  1.00 0.40 ? 21 BLM B C64    1 
HETATM 725 O  O68    . BLM E 4 .  ? -8.023 -0.904 1.957   1.00 0.37 ? 21 BLM B O68    1 
HETATM 726 O  O67    . BLM E 4 .  ? -6.286 1.374  2.123   1.00 0.29 ? 21 BLM B O67    1 
HETATM 727 O  O69    . BLM E 4 .  ? -5.711 -2.681 1.642   1.00 0.40 ? 21 BLM B O69    1 
HETATM 728 N  NQ     . BLM E 4 .  ? -7.214 -0.630 4.179   1.00 0.19 ? 21 BLM B NQ     1 
HETATM 729 C  C70    . BLM E 4 .  ? -7.540 -1.445 3.149   1.00 0.29 ? 21 BLM B C70    1 
HETATM 730 O  O70    . BLM E 4 .  ? -7.395 -2.684 3.219   1.00 0.38 ? 21 BLM B O70    1 
HETATM 731 O  O66    . BLM E 4 .  ? -2.706 0.257  2.251   1.00 0.52 ? 21 BLM B O66    1 
HETATM 732 C  C66    . BLM E 4 .  ? -3.428 -0.557 1.329   1.00 0.25 ? 21 BLM B C66    1 
HETATM 733 H  HA2    . BLM E 4 .  ? -6.119 0.900  -1.590  1.00 1.47 ? 21 BLM B HA2    1 
HETATM 734 H  HA1    . BLM E 4 .  ? -7.556 1.751  -1.894  1.00 0.86 ? 21 BLM B HA1    1 
HETATM 735 H  H2     . BLM E 4 .  ? -3.961 2.264  -2.840  1.00 0.35 ? 21 BLM B H2     1 
HETATM 736 H  HNC    . BLM E 4 .  ? -2.723 1.919  -6.259  1.00 0.49 ? 21 BLM B HNC    1 
HETATM 737 H  H3E    . BLM E 4 .  ? -4.522 3.236  -5.103  1.00 0.45 ? 21 BLM B H3E    1 
HETATM 738 H  H3X    . BLM E 4 .  ? -4.920 1.618  -5.665  1.00 0.46 ? 21 BLM B H3X    1 
HETATM 739 H  HB1    . BLM E 4 .  ? -5.118 -0.206 -3.874  1.00 0.34 ? 21 BLM B HB1    1 
HETATM 740 H  HB2    . BLM E 4 .  ? -4.346 0.010  -2.485  1.00 0.30 ? 21 BLM B HB2    1 
HETATM 741 H  HD2    . BLM E 4 .  ? -1.126 7.057  -4.472  1.00 0.48 ? 21 BLM B HD2    1 
HETATM 742 H  HD1    . BLM E 4 .  ? -1.100 5.810  -5.628  1.00 1.06 ? 21 BLM B HD1    1 
HETATM 743 H  H5E    . BLM E 4 .  ? -3.261 4.557  -5.094  1.00 0.52 ? 21 BLM B H5E    1 
HETATM 744 H  H5X    . BLM E 4 .  ? -3.396 4.039  -3.414  1.00 0.35 ? 21 BLM B H5X    1 
HETATM 745 H  H6     . BLM E 4 .  ? -1.136 3.142  -5.228  1.00 0.45 ? 21 BLM B H6     1 
HETATM 746 H  HF2    . BLM E 4 .  ? 0.886  3.623  -0.431  1.00 0.24 ? 21 BLM B HF2    1 
HETATM 747 H  HF1    . BLM E 4 .  ? 0.406  2.386  0.643   1.00 0.40 ? 21 BLM B HF1    1 
HETATM 748 H  HAA    . BLM E 4 .  ? 0.209  -1.000 -0.348  1.00 0.98 ? 21 BLM B HAA    1 
HETATM 749 H  HAB    . BLM E 4 .  ? -0.738 -0.037 0.785   1.00 0.98 ? 21 BLM B HAB    1 
HETATM 750 H  HAC    . BLM E 4 .  ? 0.907  0.448  0.374   1.00 0.98 ? 21 BLM B HAC    1 
HETATM 751 H  H13    . BLM E 4 .  ? -2.177 -3.544 -2.864  1.00 0.43 ? 21 BLM B H13    1 
HETATM 752 H  H14    . BLM E 4 .  ? -3.581 -4.299 -4.731  1.00 0.55 ? 21 BLM B H14    1 
HETATM 753 H  H28    . BLM E 4 .  ? -4.270 -3.909 -7.298  1.00 0.64 ? 21 BLM B H28    1 
HETATM 754 H  H29    . BLM E 4 .  ? -3.454 0.206  -7.609  1.00 0.58 ? 21 BLM B H29    1 
HETATM 755 H  HNI    . BLM E 4 .  ? -4.215 -1.837 -8.888  1.00 0.67 ? 21 BLM B HNI    1 
HETATM 756 H  HNK    . BLM E 4 .  ? -0.693 -1.417 -5.123  1.00 0.47 ? 21 BLM B HNK    1 
HETATM 757 H  H34    . BLM E 4 .  ? -1.213 -1.877 -7.428  1.00 0.58 ? 21 BLM B H34    1 
HETATM 758 H  HO2    . BLM E 4 .  ? 2.789  -1.971 -7.395  1.00 0.83 ? 21 BLM B HO2    1 
HETATM 759 H  H31    . BLM E 4 .  ? 0.711  -3.611 -6.529  1.00 0.61 ? 21 BLM B H31    1 
HETATM 760 H  HBA    . BLM E 4 .  ? 2.274  -1.542 -4.962  1.00 1.21 ? 21 BLM B HBA    1 
HETATM 761 H  HBB    . BLM E 4 .  ? 2.866  -3.050 -5.661  1.00 0.95 ? 21 BLM B HBB    1 
HETATM 762 H  HBC    . BLM E 4 .  ? 1.818  -3.086 -4.245  1.00 1.02 ? 21 BLM B HBC    1 
HETATM 763 H  H33    . BLM E 4 .  ? 0.965  -0.586 -6.727  1.00 0.59 ? 21 BLM B H33    1 
HETATM 764 H  HCB    . BLM E 4 .  ? 0.474  -2.373 -9.892  1.00 1.23 ? 21 BLM B HCB    1 
HETATM 765 H  HCC    . BLM E 4 .  ? -1.144 -2.982 -9.539  1.00 1.16 ? 21 BLM B HCC    1 
HETATM 766 H  HCA    . BLM E 4 .  ? 0.248  -3.609 -8.655  1.00 1.25 ? 21 BLM B HCA    1 
HETATM 767 H  HNL    . BLM E 4 .  ? -0.976 0.615  -7.005  1.00 0.56 ? 21 BLM B HNL    1 
HETATM 768 H  H37    . BLM E 4 .  ? -0.778 2.105  -9.588  1.00 0.66 ? 21 BLM B H37    1 
HETATM 769 H  H38    . BLM E 4 .  ? -2.873 3.319  -9.115  1.00 0.71 ? 21 BLM B H38    1 
HETATM 770 H  HO3    . BLM E 4 .  ? -3.723 3.085  -7.251  1.00 0.62 ? 21 BLM B HO3    1 
HETATM 771 H  HDB    . BLM E 4 .  ? -2.777 0.381  -9.629  1.00 1.18 ? 21 BLM B HDB    1 
HETATM 772 H  HDC    . BLM E 4 .  ? -3.386 1.682  -10.649 1.00 1.35 ? 21 BLM B HDC    1 
HETATM 773 H  HDA    . BLM E 4 .  ? -4.359 1.087  -9.304  1.00 1.12 ? 21 BLM B HDA    1 
HETATM 774 H  HNM    . BLM E 4 .  ? 1.242  2.472  -8.044  1.00 0.70 ? 21 BLM B HNM    1 
HETATM 775 H  H2E    . BLM E 4 .  ? 2.039  5.608  -8.324  1.00 0.90 ? 21 BLM B H2E    1 
HETATM 776 H  H2X    . BLM E 4 .  ? 2.997  4.132  -8.227  1.00 0.83 ? 21 BLM B H2X    1 
HETATM 777 H  H1E    . BLM E 4 .  ? 1.825  3.792  -5.930  1.00 0.61 ? 21 BLM B H1E    1 
HETATM 778 H  H1X    . BLM E 4 .  ? 0.665  4.979  -6.521  1.00 0.74 ? 21 BLM B H1X    1 
HETATM 779 H  H44    . BLM E 4 .  ? 5.763  5.843  -4.479  1.00 0.36 ? 21 BLM B H44    1 
HETATM 780 H  H47    . BLM E 4 .  ? 5.068  11.604 -5.059  1.00 0.35 ? 21 BLM B H47    1 
HETATM 781 H  HNP    . BLM E 4 .  ? 4.442  11.742 -2.485  1.00 0.31 ? 21 BLM B HNP    1 
HETATM 782 H  H501   . BLM E 4 .  ? 6.098  11.256 -0.135  1.00 0.33 ? 21 BLM B H501   1 
HETATM 783 H  H502   . BLM E 4 .  ? 4.845  12.488 -0.289  1.00 0.34 ? 21 BLM B H502   1 
HETATM 784 H  H511   . BLM E 4 .  ? 6.471  14.027 -0.584  1.00 0.82 ? 21 BLM B H511   1 
HETATM 785 H  H512   . BLM E 4 .  ? 6.880  13.231 -2.103  1.00 0.89 ? 21 BLM B H512   1 
HETATM 786 H  H521   . BLM E 4 .  ? 8.169  11.557 -0.484  1.00 1.47 ? 21 BLM B H521   1 
HETATM 787 H  H522   . BLM E 4 .  ? 8.163  12.952 0.593   1.00 1.24 ? 21 BLM B H522   1 
HETATM 788 H  H551   . BLM E 4 .  ? 10.820 11.385 -1.067  1.00 2.89 ? 21 BLM B H551   1 
HETATM 789 H  H552   . BLM E 4 .  ? 11.356 12.697 -0.018  1.00 3.09 ? 21 BLM B H552   1 
HETATM 790 H  H553   . BLM E 4 .  ? 11.771 12.712 -1.731  1.00 2.89 ? 21 BLM B H553   1 
HETATM 791 H  H541   . BLM E 4 .  ? 9.799  15.167 0.184   1.00 3.14 ? 21 BLM B H541   1 
HETATM 792 H  H542   . BLM E 4 .  ? 8.827  15.669 -1.200  1.00 2.84 ? 21 BLM B H542   1 
HETATM 793 H  H543   . BLM E 4 .  ? 10.576 15.504 -1.364  1.00 3.23 ? 21 BLM B H543   1 
HETATM 794 H  HO59   . BLM E 4 .  ? -9.202 -3.896 -5.050  1.00 1.28 ? 21 BLM B HO59   1 
HETATM 795 H  HO58   . BLM E 4 .  ? -9.301 -3.155 -2.029  1.00 0.77 ? 21 BLM B HO58   1 
HETATM 796 H  H611   . BLM E 4 .  ? -8.135 -5.927 -4.866  1.00 1.53 ? 21 BLM B H611   1 
HETATM 797 H  H612   . BLM E 4 .  ? -7.133 -5.684 -6.297  1.00 1.65 ? 21 BLM B H612   1 
HETATM 798 H  HO61   . BLM E 4 .  ? -8.840 -4.786 -7.124  1.00 1.84 ? 21 BLM B HO61   1 
HETATM 799 H  H60    . BLM E 4 .  ? -6.422 -3.489 -5.479  1.00 1.09 ? 21 BLM B H60    1 
HETATM 800 H  H63    . BLM E 4 .  ? -4.306 -4.515 -2.522  1.00 0.71 ? 21 BLM B H63    1 
HETATM 801 H  H57    . BLM E 4 .  ? -5.908 -4.005 -1.002  1.00 0.67 ? 21 BLM B H57    1 
HETATM 802 H  H58    . BLM E 4 .  ? -7.650 -4.977 -2.383  1.00 0.93 ? 21 BLM B H58    1 
HETATM 803 H  H59    . BLM E 4 .  ? -7.498 -2.333 -3.849  1.00 0.89 ? 21 BLM B H59    1 
HETATM 804 H  H69    . BLM E 4 .  ? -7.200 -2.647 0.225   1.00 0.53 ? 21 BLM B H69    1 
HETATM 805 H  H68    . BLM E 4 .  ? -7.297 -0.120 0.205   1.00 0.43 ? 21 BLM B H68    1 
HETATM 806 H  H67    . BLM E 4 .  ? -5.495 -0.448 2.627   1.00 0.21 ? 21 BLM B H67    1 
HETATM 807 H  H65    . BLM E 4 .  ? -4.342 1.270  0.704   1.00 0.27 ? 21 BLM B H65    1 
HETATM 808 H  H64    . BLM E 4 .  ? -4.524 -2.379 -0.444  1.00 0.40 ? 21 BLM B H64    1 
HETATM 809 H  HO67   . BLM E 4 .  ? -5.686 1.728  2.782   1.00 0.55 ? 21 BLM B HO67   1 
HETATM 810 H  HO69   . BLM E 4 .  ? -6.370 -2.896 2.332   1.00 0.42 ? 21 BLM B HO69   1 
HETATM 811 H  HNQ1   . BLM E 4 .  ? -6.605 -0.944 4.878   1.00 0.19 ? 21 BLM B HNQ1   1 
HETATM 812 H  HNQ2   . BLM E 4 .  ? -7.594 0.272  4.227   1.00 0.24 ? 21 BLM B HNQ2   1 
HETATM 813 H  HO66   . BLM E 4 .  ? -3.339 0.742  2.790   1.00 0.31 ? 21 BLM B HO66   1 
HETATM 814 H  H661   . BLM E 4 .  ? -2.779 -0.838 0.512   1.00 0.27 ? 21 BLM B H661   1 
HETATM 815 H  H662   . BLM E 4 .  ? -3.778 -1.448 1.829   1.00 0.36 ? 21 BLM B H662   1 
# 
